data_1R3H
#
_entry.id   1R3H
#
_cell.length_a   78.160
_cell.length_b   70.050
_cell.length_c   139.220
_cell.angle_alpha   90.00
_cell.angle_beta   106.79
_cell.angle_gamma   90.00
#
_symmetry.space_group_name_H-M   'P 1 21 1'
#
loop_
_entity.id
_entity.type
_entity.pdbx_description
1 polymer 'MHC H2-TL-T10-129'
2 polymer Beta-2-microglobulin
#
loop_
_entity_poly.entity_id
_entity_poly.type
_entity_poly.pdbx_seq_one_letter_code
_entity_poly.pdbx_strand_id
1 'polypeptide(L)'
;GSHSLRYFYTAVSRPGLGEPWFIIVGYVDDMQVLRFSSKEETPRMAPWLEQEEADDWEQQTHIVTIQGQLSERNLMTLVH
FYNKSMDDSHTLQWLQDCDVEPDRHLCLWYNQLAYDSEDLPTLSENPSSCTVGNSTVPQISQHLEGHCSDVLQKYLEKGK
ERLLRSDPPKAHVTRHPRPEGDVTLRCWALGFYPADITLTWQKDGEELTQDVEFVETRPAGDGTFQKWAAVVVPLGKVQS
YTCHVDHEGLPEPLTLRWEP
;
A,C,E,G
2 'polypeptide(L)'
;IQRTPKIQVYSRHPAENGKSNFLNCYVSGFHPSDIEVDLLKNGERIEKVEHSDLSFSKDWSFYLLYYTEFTPTEKDEYAC
RVNHVTLSQPKIVKWDRDM
;
B,D,F,H
#
# COMPACT_ATOMS: atom_id res chain seq x y z
N GLY A 1 -19.36 62.01 -41.46
CA GLY A 1 -18.22 61.09 -41.55
C GLY A 1 -17.20 61.32 -40.45
N SER A 2 -17.41 60.69 -39.30
CA SER A 2 -16.49 60.82 -38.18
C SER A 2 -15.40 59.75 -38.24
N HIS A 3 -14.37 59.92 -37.42
CA HIS A 3 -13.26 58.98 -37.36
C HIS A 3 -12.97 58.58 -35.92
N SER A 4 -12.31 57.46 -35.73
CA SER A 4 -12.00 56.89 -34.42
C SER A 4 -10.50 56.79 -34.14
N LEU A 5 -10.15 56.65 -32.86
CA LEU A 5 -8.77 56.49 -32.44
C LEU A 5 -8.70 55.75 -31.10
N ARG A 6 -8.73 54.43 -31.15
CA ARG A 6 -8.76 53.60 -29.96
C ARG A 6 -7.43 52.93 -29.66
N TYR A 7 -7.10 52.86 -28.37
CA TYR A 7 -5.87 52.17 -27.95
C TYR A 7 -6.24 50.85 -27.27
N PHE A 8 -5.50 49.81 -27.61
CA PHE A 8 -5.75 48.48 -27.05
C PHE A 8 -4.71 48.15 -25.98
N TYR A 9 -5.07 47.28 -25.05
CA TYR A 9 -4.14 47.02 -23.96
C TYR A 9 -4.26 45.60 -23.45
N THR A 10 -3.17 44.84 -23.62
CA THR A 10 -3.15 43.47 -23.12
C THR A 10 -2.01 43.27 -22.13
N ALA A 11 -2.38 42.91 -20.91
CA ALA A 11 -1.41 42.60 -19.86
C ALA A 11 -1.59 41.16 -19.39
N VAL A 12 -0.47 40.45 -19.30
CA VAL A 12 -0.49 39.05 -18.89
C VAL A 12 0.36 38.85 -17.64
N SER A 13 -0.17 38.09 -16.68
CA SER A 13 0.53 37.85 -15.42
C SER A 13 1.45 36.64 -15.49
N ARG A 14 2.67 36.84 -14.99
CA ARG A 14 3.66 35.78 -14.88
C ARG A 14 3.89 35.45 -13.40
N PRO A 15 3.15 34.47 -12.91
CA PRO A 15 3.19 34.07 -11.51
C PRO A 15 4.60 33.70 -11.01
N GLY A 16 5.14 34.59 -10.19
CA GLY A 16 6.37 34.47 -9.45
C GLY A 16 7.56 33.94 -10.23
N LEU A 17 7.61 34.23 -11.52
CA LEU A 17 8.71 33.81 -12.38
C LEU A 17 9.09 34.95 -13.33
N GLY A 18 9.47 36.06 -12.74
CA GLY A 18 9.74 37.30 -13.46
C GLY A 18 8.62 38.29 -13.18
N GLU A 19 8.04 38.86 -14.24
CA GLU A 19 6.96 39.82 -14.08
C GLU A 19 5.95 39.69 -15.22
N PRO A 20 4.75 40.25 -15.04
CA PRO A 20 3.79 40.27 -16.13
C PRO A 20 4.29 41.14 -17.28
N TRP A 21 3.60 41.06 -18.43
CA TRP A 21 4.00 41.90 -19.57
C TRP A 21 2.78 42.65 -20.12
N PHE A 22 2.97 43.27 -21.28
CA PHE A 22 1.87 43.95 -21.96
C PHE A 22 2.28 44.33 -23.39
N ILE A 23 1.35 44.94 -24.10
CA ILE A 23 1.50 45.34 -25.48
C ILE A 23 0.26 46.09 -25.96
N ILE A 24 0.40 47.38 -26.26
CA ILE A 24 -0.74 48.18 -26.70
C ILE A 24 -0.70 48.36 -28.22
N VAL A 25 -1.84 48.56 -28.85
CA VAL A 25 -1.96 48.84 -30.28
C VAL A 25 -2.83 50.09 -30.50
N GLY A 26 -2.52 50.84 -31.56
CA GLY A 26 -3.23 52.07 -31.88
C GLY A 26 -3.95 51.97 -33.21
N TYR A 27 -5.27 52.12 -33.18
CA TYR A 27 -6.07 52.02 -34.40
C TYR A 27 -6.84 53.32 -34.67
N VAL A 28 -6.58 53.92 -35.83
CA VAL A 28 -7.35 55.05 -36.30
C VAL A 28 -8.31 54.56 -37.39
N ASP A 29 -9.47 54.10 -36.96
CA ASP A 29 -10.48 53.45 -37.77
C ASP A 29 -10.12 51.98 -37.98
N ASP A 30 -9.99 51.57 -39.23
CA ASP A 30 -9.64 50.18 -39.54
C ASP A 30 -8.18 50.09 -39.98
N MET A 31 -7.33 50.93 -39.39
CA MET A 31 -5.92 51.04 -39.71
C MET A 31 -5.02 51.04 -38.47
N GLN A 32 -4.03 50.16 -38.43
CA GLN A 32 -3.08 50.17 -37.31
C GLN A 32 -2.04 51.28 -37.49
N VAL A 33 -2.01 52.21 -36.54
CA VAL A 33 -1.09 53.34 -36.59
C VAL A 33 0.05 53.19 -35.60
N LEU A 34 -0.19 52.51 -34.48
CA LEU A 34 0.87 52.38 -33.47
C LEU A 34 0.94 50.99 -32.86
N ARG A 35 2.11 50.67 -32.33
CA ARG A 35 2.43 49.45 -31.61
C ARG A 35 3.47 49.73 -30.53
N PHE A 36 3.40 49.01 -29.41
CA PHE A 36 4.32 49.23 -28.30
C PHE A 36 4.30 48.06 -27.34
N SER A 37 5.47 47.55 -26.97
CA SER A 37 5.52 46.37 -26.11
C SER A 37 6.16 46.67 -24.75
N SER A 38 6.20 45.63 -23.93
CA SER A 38 6.80 45.69 -22.61
C SER A 38 8.27 46.11 -22.70
N LYS A 39 8.60 47.18 -22.01
CA LYS A 39 9.94 47.75 -21.90
C LYS A 39 10.55 48.16 -23.23
N GLU A 40 9.77 48.15 -24.30
CA GLU A 40 10.30 48.64 -25.59
C GLU A 40 10.78 50.07 -25.37
N GLU A 41 11.65 50.59 -26.23
CA GLU A 41 12.16 51.94 -26.00
C GLU A 41 11.30 53.00 -26.70
N THR A 42 10.51 52.57 -27.68
CA THR A 42 9.68 53.50 -28.44
C THR A 42 8.60 52.77 -29.23
N PRO A 43 7.43 53.39 -29.32
CA PRO A 43 6.30 52.79 -30.04
C PRO A 43 6.57 52.70 -31.54
N ARG A 44 5.97 51.72 -32.18
CA ARG A 44 6.10 51.53 -33.62
C ARG A 44 5.05 52.30 -34.40
N MET A 45 5.50 53.34 -35.15
CA MET A 45 4.62 54.19 -35.94
C MET A 45 4.73 53.98 -37.46
N ALA A 46 3.55 53.61 -38.01
CA ALA A 46 3.30 53.34 -39.44
C ALA A 46 4.15 54.22 -40.30
N PRO A 47 4.86 53.63 -41.25
CA PRO A 47 5.80 54.38 -42.09
C PRO A 47 5.11 55.32 -43.07
N TRP A 48 4.04 54.79 -43.69
CA TRP A 48 3.32 55.54 -44.70
C TRP A 48 3.01 56.95 -44.29
N LEU A 49 2.72 57.14 -43.00
CA LEU A 49 2.42 58.46 -42.46
C LEU A 49 3.54 59.48 -42.79
N GLU A 50 3.46 60.70 -42.26
CA GLU A 50 4.48 61.73 -42.55
C GLU A 50 5.72 61.55 -41.69
N GLN A 51 5.72 60.47 -40.89
CA GLN A 51 6.79 60.07 -39.98
C GLN A 51 7.47 61.17 -39.18
N GLU A 52 7.20 61.16 -37.87
CA GLU A 52 7.72 62.13 -36.92
C GLU A 52 9.06 62.77 -37.28
N GLU A 53 8.97 64.06 -37.61
CA GLU A 53 10.11 64.92 -37.89
C GLU A 53 10.15 66.01 -36.83
N ALA A 54 9.08 65.97 -36.05
CA ALA A 54 8.67 66.83 -34.97
C ALA A 54 7.17 66.62 -34.73
N ASP A 55 6.68 65.51 -35.26
CA ASP A 55 5.30 65.10 -35.13
C ASP A 55 5.03 64.56 -33.72
N ASP A 56 4.20 65.29 -32.99
CA ASP A 56 3.95 65.13 -31.58
C ASP A 56 3.34 63.79 -31.20
N TRP A 57 4.02 62.71 -31.60
CA TRP A 57 3.71 61.38 -31.07
C TRP A 57 4.49 61.22 -29.76
N GLU A 58 5.22 62.28 -29.43
CA GLU A 58 5.90 62.42 -28.16
C GLU A 58 4.87 62.44 -27.03
N GLN A 59 3.71 63.00 -27.39
CA GLN A 59 2.51 63.06 -26.60
C GLN A 59 1.99 61.65 -26.33
N GLN A 60 1.76 60.94 -27.44
CA GLN A 60 1.35 59.54 -27.40
C GLN A 60 2.33 58.70 -26.59
N THR A 61 3.61 58.80 -26.94
CA THR A 61 4.65 57.97 -26.33
C THR A 61 4.66 58.11 -24.81
N HIS A 62 4.56 59.36 -24.33
CA HIS A 62 4.59 59.59 -22.88
C HIS A 62 3.43 58.86 -22.21
N ILE A 63 2.24 59.15 -22.72
CA ILE A 63 1.00 58.61 -22.23
C ILE A 63 0.99 57.08 -22.23
N VAL A 64 1.52 56.47 -23.30
CA VAL A 64 1.48 55.02 -23.40
C VAL A 64 2.43 54.35 -22.41
N THR A 65 3.63 54.90 -22.27
CA THR A 65 4.64 54.32 -21.38
C THR A 65 4.20 54.32 -19.93
N ILE A 66 3.65 55.46 -19.50
CA ILE A 66 3.20 55.63 -18.12
C ILE A 66 1.85 54.95 -17.90
N GLN A 67 1.05 54.87 -18.98
CA GLN A 67 -0.26 54.23 -18.91
C GLN A 67 -0.16 52.72 -19.09
N GLY A 68 0.88 52.28 -19.81
CA GLY A 68 1.12 50.87 -20.03
C GLY A 68 1.70 50.20 -18.80
N GLN A 69 2.40 50.97 -17.99
CA GLN A 69 3.02 50.48 -16.76
C GLN A 69 1.98 50.36 -15.62
N LEU A 70 0.72 50.42 -15.98
CA LEU A 70 -0.39 50.27 -15.05
C LEU A 70 -1.08 48.92 -15.23
N SER A 71 -0.25 47.91 -15.50
CA SER A 71 -0.66 46.53 -15.62
C SER A 71 -0.20 45.76 -14.38
N GLU A 72 1.05 46.00 -14.03
CA GLU A 72 1.67 45.39 -12.86
C GLU A 72 1.10 45.98 -11.58
N ARG A 73 0.29 47.03 -11.71
CA ARG A 73 -0.38 47.66 -10.59
C ARG A 73 -1.87 47.84 -10.88
N ASN A 74 -2.42 46.92 -11.66
CA ASN A 74 -3.84 46.90 -12.01
C ASN A 74 -4.28 45.45 -12.24
N LEU A 75 -3.32 44.65 -12.70
CA LEU A 75 -3.53 43.22 -12.84
C LEU A 75 -3.35 42.54 -11.49
N MET A 76 -2.11 42.66 -11.00
CA MET A 76 -1.69 42.09 -9.74
C MET A 76 -2.72 42.30 -8.65
N THR A 77 -3.15 43.55 -8.47
CA THR A 77 -4.12 43.82 -7.40
C THR A 77 -5.51 43.35 -7.81
N LEU A 78 -5.63 42.94 -9.07
CA LEU A 78 -6.89 42.39 -9.56
C LEU A 78 -6.89 40.87 -9.43
N VAL A 79 -5.69 40.29 -9.37
CA VAL A 79 -5.58 38.86 -9.11
C VAL A 79 -5.61 38.63 -7.59
N HIS A 80 -5.31 39.71 -6.88
CA HIS A 80 -5.35 39.75 -5.42
C HIS A 80 -6.77 39.93 -4.92
N PHE A 81 -7.52 40.86 -5.52
CA PHE A 81 -8.91 41.03 -5.12
C PHE A 81 -9.67 39.71 -5.22
N TYR A 82 -9.83 39.26 -6.46
CA TYR A 82 -10.56 38.07 -6.82
C TYR A 82 -10.06 36.82 -6.11
N ASN A 83 -8.82 36.87 -5.62
CA ASN A 83 -8.22 35.78 -4.87
C ASN A 83 -8.26 34.47 -5.65
N LYS A 84 -7.87 34.54 -6.92
CA LYS A 84 -7.75 33.37 -7.77
C LYS A 84 -6.36 32.74 -7.59
N SER A 85 -5.80 32.94 -6.40
CA SER A 85 -4.45 32.48 -6.10
C SER A 85 -3.51 32.96 -7.19
N MET A 86 -2.60 33.86 -6.85
CA MET A 86 -1.65 34.40 -7.81
C MET A 86 -0.57 33.40 -8.20
N ASP A 87 -1.00 32.22 -8.66
CA ASP A 87 -0.20 31.08 -9.02
C ASP A 87 -0.39 30.71 -10.48
N ASP A 88 -1.63 30.84 -10.95
CA ASP A 88 -1.93 30.63 -12.36
C ASP A 88 -1.76 31.95 -13.12
N SER A 89 -1.92 31.94 -14.43
CA SER A 89 -1.79 33.20 -15.17
C SER A 89 -3.17 33.78 -15.48
N HIS A 90 -3.28 35.10 -15.38
CA HIS A 90 -4.53 35.78 -15.68
C HIS A 90 -4.27 36.96 -16.61
N THR A 91 -5.29 37.45 -17.30
CA THR A 91 -5.05 38.61 -18.16
C THR A 91 -6.11 39.68 -17.93
N LEU A 92 -5.70 40.94 -18.07
CA LEU A 92 -6.58 42.09 -18.04
C LEU A 92 -6.37 42.90 -19.32
N GLN A 93 -7.43 43.44 -19.89
CA GLN A 93 -7.29 44.19 -21.13
C GLN A 93 -8.04 45.52 -21.07
N TRP A 94 -7.28 46.59 -21.23
CA TRP A 94 -7.76 47.96 -21.18
C TRP A 94 -7.95 48.51 -22.59
N LEU A 95 -9.01 49.28 -22.79
CA LEU A 95 -9.30 49.89 -24.08
C LEU A 95 -10.00 51.24 -23.91
N GLN A 96 -9.47 52.25 -24.57
CA GLN A 96 -10.01 53.60 -24.56
C GLN A 96 -10.17 54.14 -25.98
N ASP A 97 -10.20 55.46 -26.13
CA ASP A 97 -10.33 56.07 -27.45
C ASP A 97 -11.65 56.79 -27.65
N CYS A 98 -11.79 57.49 -28.78
CA CYS A 98 -12.98 58.27 -29.06
C CYS A 98 -13.45 58.15 -30.51
N ASP A 99 -14.54 58.85 -30.79
CA ASP A 99 -15.13 58.95 -32.12
C ASP A 99 -15.58 60.39 -32.38
N VAL A 100 -14.63 61.23 -32.77
CA VAL A 100 -14.90 62.65 -32.96
C VAL A 100 -15.30 63.01 -34.38
N GLU A 101 -15.53 64.30 -34.57
CA GLU A 101 -15.88 64.95 -35.82
C GLU A 101 -16.40 66.36 -35.55
N PRO A 102 -15.64 67.34 -36.04
CA PRO A 102 -15.92 68.75 -35.82
C PRO A 102 -17.17 69.24 -36.55
N ASP A 103 -17.13 69.28 -37.89
CA ASP A 103 -18.22 69.84 -38.67
C ASP A 103 -19.56 69.25 -38.27
N ARG A 104 -19.57 68.01 -37.78
CA ARG A 104 -20.82 67.44 -37.29
C ARG A 104 -20.97 67.79 -35.80
N HIS A 105 -19.86 68.17 -35.20
CA HIS A 105 -19.78 68.62 -33.82
C HIS A 105 -20.35 67.58 -32.85
N LEU A 106 -19.44 66.97 -32.09
CA LEU A 106 -19.78 65.97 -31.09
C LEU A 106 -18.56 65.08 -30.79
N CYS A 107 -18.41 64.69 -29.53
CA CYS A 107 -17.34 63.80 -29.11
C CYS A 107 -17.94 62.53 -28.50
N LEU A 108 -17.07 61.66 -27.99
CA LEU A 108 -17.43 60.42 -27.33
C LEU A 108 -16.16 59.71 -26.83
N TRP A 109 -16.02 59.60 -25.51
CA TRP A 109 -14.88 58.96 -24.88
C TRP A 109 -15.23 57.55 -24.41
N TYR A 110 -14.28 56.64 -24.57
CA TYR A 110 -14.46 55.22 -24.25
C TYR A 110 -13.41 54.74 -23.25
N ASN A 111 -13.81 53.83 -22.36
CA ASN A 111 -12.87 53.26 -21.40
C ASN A 111 -13.51 52.18 -20.55
N GLN A 112 -13.20 50.93 -20.87
CA GLN A 112 -13.66 49.77 -20.13
C GLN A 112 -12.52 48.75 -19.98
N LEU A 113 -12.53 48.01 -18.88
CA LEU A 113 -11.51 47.00 -18.64
C LEU A 113 -12.15 45.64 -18.41
N ALA A 114 -11.41 44.58 -18.74
CA ALA A 114 -11.88 43.21 -18.59
C ALA A 114 -10.83 42.34 -17.92
N TYR A 115 -11.25 41.57 -16.93
CA TYR A 115 -10.35 40.68 -16.20
C TYR A 115 -10.60 39.22 -16.57
N ASP A 116 -9.64 38.61 -17.25
CA ASP A 116 -9.74 37.24 -17.73
C ASP A 116 -10.92 37.08 -18.68
N SER A 117 -11.23 38.16 -19.39
CA SER A 117 -12.27 38.20 -20.40
C SER A 117 -13.66 38.40 -19.83
N GLU A 118 -13.78 39.30 -18.86
CA GLU A 118 -15.07 39.63 -18.25
C GLU A 118 -15.13 41.12 -17.90
N ASP A 119 -16.19 41.78 -18.35
CA ASP A 119 -16.37 43.21 -18.14
C ASP A 119 -16.42 43.59 -16.65
N LEU A 120 -15.50 44.47 -16.25
CA LEU A 120 -15.39 45.01 -14.91
C LEU A 120 -15.94 46.43 -14.87
N PRO A 121 -16.65 46.89 -13.82
CA PRO A 121 -17.22 48.27 -13.69
C PRO A 121 -16.18 49.41 -13.61
N THR A 122 -16.40 50.49 -14.38
CA THR A 122 -15.47 51.63 -14.41
C THR A 122 -16.09 52.95 -13.93
N LEU A 123 -17.42 52.94 -13.82
CA LEU A 123 -18.25 54.07 -13.39
C LEU A 123 -17.87 55.39 -14.06
N SER A 124 -18.45 55.64 -15.23
CA SER A 124 -18.17 56.83 -16.01
C SER A 124 -19.18 57.02 -17.16
N GLU A 125 -19.99 56.00 -17.40
CA GLU A 125 -21.01 55.94 -18.44
C GLU A 125 -20.41 55.42 -19.74
N ASN A 126 -20.99 55.77 -20.89
CA ASN A 126 -20.43 55.31 -22.17
C ASN A 126 -20.53 56.43 -23.22
N PRO A 127 -21.69 56.94 -23.51
CA PRO A 127 -21.82 58.06 -24.46
C PRO A 127 -21.22 59.37 -23.94
N SER A 128 -20.65 59.37 -22.74
CA SER A 128 -19.99 60.54 -22.18
C SER A 128 -18.99 61.12 -23.16
N SER A 129 -19.45 62.09 -23.95
CA SER A 129 -18.62 62.74 -24.96
C SER A 129 -17.34 63.33 -24.39
N CYS A 130 -16.73 64.26 -25.14
CA CYS A 130 -15.46 64.84 -24.72
C CYS A 130 -15.18 66.17 -25.41
N THR A 131 -13.92 66.58 -25.27
CA THR A 131 -13.37 67.81 -25.82
C THR A 131 -13.15 67.71 -27.32
N GLN A 142 -1.98 66.07 -18.69
CA GLN A 142 -1.83 64.77 -18.04
C GLN A 142 -3.14 63.98 -18.15
N HIS A 143 -3.77 64.09 -19.32
CA HIS A 143 -5.03 63.40 -19.58
C HIS A 143 -5.22 63.13 -21.07
N LEU A 144 -5.01 61.88 -21.47
CA LEU A 144 -5.11 61.49 -22.86
C LEU A 144 -6.54 61.62 -23.39
N GLU A 145 -7.48 61.75 -22.46
CA GLU A 145 -8.89 61.87 -22.79
C GLU A 145 -9.22 63.29 -23.29
N GLY A 146 -8.18 64.13 -23.31
CA GLY A 146 -8.33 65.53 -23.71
C GLY A 146 -7.63 65.83 -25.02
N HIS A 147 -6.76 64.93 -25.46
CA HIS A 147 -6.03 65.13 -26.72
C HIS A 147 -6.51 64.14 -27.78
N CYS A 148 -7.58 63.43 -27.45
CA CYS A 148 -8.18 62.43 -28.31
C CYS A 148 -8.53 63.01 -29.68
N SER A 149 -9.54 63.85 -29.72
CA SER A 149 -9.97 64.46 -30.97
C SER A 149 -8.81 65.19 -31.66
N ASP A 150 -7.92 65.76 -30.85
CA ASP A 150 -6.76 66.49 -31.35
C ASP A 150 -5.78 65.55 -32.03
N VAL A 151 -5.26 64.57 -31.29
CA VAL A 151 -4.30 63.63 -31.87
C VAL A 151 -4.92 62.96 -33.09
N LEU A 152 -6.23 62.77 -33.03
CA LEU A 152 -6.98 62.16 -34.12
C LEU A 152 -6.96 63.02 -35.37
N GLN A 153 -7.21 64.32 -35.20
CA GLN A 153 -7.18 65.28 -36.31
C GLN A 153 -5.75 65.55 -36.77
N LYS A 154 -4.78 64.95 -36.08
CA LYS A 154 -3.39 65.05 -36.50
C LYS A 154 -3.02 63.86 -37.38
N TYR A 155 -3.41 62.68 -36.92
CA TYR A 155 -3.14 61.43 -37.62
C TYR A 155 -3.67 61.45 -39.06
N LEU A 156 -4.89 61.93 -39.21
CA LEU A 156 -5.60 62.04 -40.46
C LEU A 156 -4.86 62.93 -41.46
N GLU A 157 -3.99 63.79 -40.91
CA GLU A 157 -3.18 64.75 -41.62
C GLU A 157 -1.80 64.21 -41.96
N LYS A 158 -1.38 63.15 -41.26
CA LYS A 158 -0.08 62.54 -41.46
C LYS A 158 -0.16 61.42 -42.49
N GLY A 159 -1.30 60.75 -42.52
CA GLY A 159 -1.57 59.66 -43.42
C GLY A 159 -2.91 59.79 -44.13
N LYS A 160 -3.15 60.91 -44.79
CA LYS A 160 -4.42 61.16 -45.45
C LYS A 160 -4.61 60.29 -46.68
N GLU A 161 -3.60 59.50 -47.03
CA GLU A 161 -3.72 58.66 -48.23
C GLU A 161 -4.32 57.31 -47.90
N ARG A 162 -4.03 56.77 -46.71
CA ARG A 162 -4.64 55.51 -46.28
C ARG A 162 -5.90 55.78 -45.46
N LEU A 163 -5.76 56.66 -44.48
CA LEU A 163 -6.86 57.03 -43.60
C LEU A 163 -8.04 57.56 -44.41
N LEU A 164 -7.88 58.77 -44.93
CA LEU A 164 -8.91 59.35 -45.78
C LEU A 164 -8.89 58.65 -47.14
N ARG A 165 -9.25 57.37 -47.14
CA ARG A 165 -9.21 56.58 -48.37
C ARG A 165 -10.23 55.45 -48.37
N SER A 166 -11.06 55.42 -49.41
CA SER A 166 -12.07 54.37 -49.56
C SER A 166 -11.71 53.46 -50.73
N ASP A 167 -11.19 52.28 -50.40
CA ASP A 167 -10.75 51.29 -51.37
C ASP A 167 -11.88 50.34 -51.75
N PRO A 168 -12.27 50.41 -53.02
CA PRO A 168 -13.37 49.58 -53.52
C PRO A 168 -12.98 48.11 -53.58
N PRO A 169 -13.97 47.22 -53.59
CA PRO A 169 -13.72 45.79 -53.70
C PRO A 169 -13.66 45.33 -55.16
N LYS A 170 -12.88 44.28 -55.37
CA LYS A 170 -12.79 43.57 -56.63
C LYS A 170 -13.42 42.18 -56.47
N ALA A 171 -14.59 41.98 -57.05
CA ALA A 171 -15.28 40.71 -56.88
C ALA A 171 -15.19 39.81 -58.11
N HIS A 172 -15.39 38.52 -57.87
CA HIS A 172 -15.33 37.45 -58.86
C HIS A 172 -15.88 36.16 -58.29
N VAL A 173 -16.79 35.51 -59.01
CA VAL A 173 -17.40 34.27 -58.52
C VAL A 173 -16.60 33.05 -58.96
N THR A 174 -16.95 31.88 -58.43
CA THR A 174 -16.29 30.63 -58.73
C THR A 174 -17.24 29.44 -58.61
N ARG A 175 -17.19 28.53 -59.58
CA ARG A 175 -18.07 27.38 -59.62
C ARG A 175 -17.38 26.09 -59.21
N HIS A 176 -18.11 25.24 -58.51
CA HIS A 176 -17.59 23.95 -58.05
C HIS A 176 -18.60 22.83 -58.16
N PRO A 177 -19.04 22.52 -59.39
CA PRO A 177 -20.02 21.46 -59.61
C PRO A 177 -19.56 20.14 -59.00
N ARG A 178 -20.35 19.67 -58.05
CA ARG A 178 -20.09 18.50 -57.23
C ARG A 178 -20.69 17.23 -57.80
N PRO A 179 -20.19 16.08 -57.34
CA PRO A 179 -20.67 14.78 -57.81
C PRO A 179 -22.19 14.67 -57.79
N GLU A 180 -22.76 14.74 -56.59
CA GLU A 180 -24.16 14.62 -56.30
C GLU A 180 -25.08 15.19 -57.38
N GLY A 181 -24.68 16.32 -57.97
CA GLY A 181 -25.47 16.96 -59.00
C GLY A 181 -25.71 18.43 -58.66
N ASP A 182 -25.20 18.84 -57.51
CA ASP A 182 -25.32 20.19 -57.00
C ASP A 182 -24.01 20.95 -57.06
N VAL A 183 -24.06 22.19 -57.53
CA VAL A 183 -22.88 23.04 -57.56
C VAL A 183 -22.91 24.04 -56.41
N THR A 184 -21.73 24.56 -56.05
CA THR A 184 -21.64 25.57 -55.01
C THR A 184 -21.05 26.87 -55.55
N LEU A 185 -21.87 27.92 -55.57
CA LEU A 185 -21.43 29.20 -56.09
C LEU A 185 -20.93 30.10 -54.96
N ARG A 186 -19.74 30.65 -55.15
CA ARG A 186 -19.11 31.49 -54.13
C ARG A 186 -18.66 32.83 -54.70
N CYS A 187 -19.14 33.89 -54.08
CA CYS A 187 -18.81 35.26 -54.46
C CYS A 187 -17.66 35.77 -53.60
N TRP A 188 -16.64 36.36 -54.24
CA TRP A 188 -15.49 36.86 -53.48
C TRP A 188 -15.42 38.37 -53.49
N ALA A 189 -14.83 38.94 -52.45
CA ALA A 189 -14.68 40.38 -52.30
C ALA A 189 -13.28 40.72 -51.78
N LEU A 190 -12.43 41.27 -52.65
CA LEU A 190 -11.06 41.55 -52.25
C LEU A 190 -10.69 43.02 -52.39
N GLY A 191 -9.62 43.39 -51.72
CA GLY A 191 -8.93 44.65 -51.79
C GLY A 191 -9.51 45.81 -51.03
N PHE A 192 -10.75 45.64 -50.60
CA PHE A 192 -11.45 46.76 -49.98
C PHE A 192 -11.01 47.25 -48.60
N TYR A 193 -11.24 48.54 -48.44
CA TYR A 193 -10.99 49.29 -47.23
C TYR A 193 -12.11 50.34 -47.21
N PRO A 194 -12.84 50.47 -46.11
CA PRO A 194 -12.78 49.75 -44.83
C PRO A 194 -13.51 48.42 -44.78
N ALA A 195 -13.40 47.76 -43.63
CA ALA A 195 -14.00 46.46 -43.39
C ALA A 195 -15.54 46.35 -43.43
N ASP A 196 -16.26 47.46 -43.71
CA ASP A 196 -17.71 47.36 -43.86
C ASP A 196 -18.08 47.09 -45.32
N ILE A 197 -18.84 46.03 -45.54
CA ILE A 197 -19.34 45.61 -46.84
C ILE A 197 -20.56 44.71 -46.67
N THR A 198 -21.45 44.74 -47.65
CA THR A 198 -22.66 43.93 -47.50
C THR A 198 -22.88 42.99 -48.68
N LEU A 199 -22.28 41.81 -48.56
CA LEU A 199 -22.31 40.75 -49.55
C LEU A 199 -23.54 39.86 -49.40
N THR A 200 -24.35 39.76 -50.46
CA THR A 200 -25.56 38.96 -50.42
C THR A 200 -25.73 38.11 -51.68
N TRP A 201 -26.46 37.02 -51.56
CA TRP A 201 -26.81 36.15 -52.67
C TRP A 201 -28.33 36.10 -52.82
N GLN A 202 -28.82 36.19 -54.05
CA GLN A 202 -30.27 36.22 -54.27
C GLN A 202 -30.73 35.25 -55.36
N LYS A 203 -31.95 35.46 -55.82
CA LYS A 203 -32.59 34.63 -56.83
C LYS A 203 -33.91 35.26 -57.26
N ASP A 204 -33.82 36.18 -58.21
CA ASP A 204 -34.95 36.93 -58.73
C ASP A 204 -35.41 38.00 -57.76
N GLY A 205 -34.45 38.76 -57.24
CA GLY A 205 -34.74 39.83 -56.30
C GLY A 205 -34.88 39.32 -54.88
N GLU A 206 -35.15 38.03 -54.73
CA GLU A 206 -35.30 37.44 -53.40
C GLU A 206 -33.95 37.05 -52.81
N GLU A 207 -33.75 37.46 -51.57
CA GLU A 207 -32.58 37.20 -50.76
C GLU A 207 -32.66 35.83 -50.09
N LEU A 208 -31.67 34.97 -50.34
CA LEU A 208 -31.68 33.59 -49.83
C LEU A 208 -31.42 33.55 -48.34
N THR A 209 -32.50 33.68 -47.57
CA THR A 209 -32.47 33.70 -46.10
C THR A 209 -32.09 32.37 -45.49
N VAL A 212 -27.14 29.63 -47.62
CA VAL A 212 -26.10 30.68 -47.66
C VAL A 212 -25.00 30.55 -46.58
N GLU A 213 -23.81 30.08 -46.97
CA GLU A 213 -22.69 29.93 -46.03
C GLU A 213 -21.73 31.12 -46.24
N PHE A 214 -20.65 31.28 -45.42
CA PHE A 214 -19.75 32.41 -45.65
C PHE A 214 -18.66 32.45 -44.59
N VAL A 215 -17.89 33.54 -44.61
CA VAL A 215 -16.77 33.74 -43.71
C VAL A 215 -16.76 35.15 -43.12
N GLU A 216 -16.35 35.28 -41.86
CA GLU A 216 -16.20 36.63 -41.31
C GLU A 216 -15.22 37.39 -42.19
N THR A 217 -15.29 38.72 -42.22
CA THR A 217 -14.30 39.42 -43.03
C THR A 217 -12.91 39.24 -42.40
N ARG A 218 -11.90 39.02 -43.24
CA ARG A 218 -10.57 38.72 -42.71
C ARG A 218 -9.49 39.57 -43.35
N PRO A 219 -8.37 39.73 -42.64
CA PRO A 219 -7.29 40.57 -43.18
C PRO A 219 -6.55 39.87 -44.32
N ALA A 220 -6.21 40.64 -45.34
CA ALA A 220 -5.38 40.10 -46.42
C ALA A 220 -3.92 40.17 -46.01
N GLY A 221 -3.54 41.23 -45.29
CA GLY A 221 -2.20 41.33 -44.76
C GLY A 221 -1.49 42.63 -45.02
N ASP A 222 -2.04 43.47 -45.89
CA ASP A 222 -1.38 44.71 -46.27
C ASP A 222 -2.23 45.94 -45.93
N GLY A 223 -3.50 45.71 -45.63
CA GLY A 223 -4.46 46.75 -45.30
C GLY A 223 -5.85 46.40 -45.82
N THR A 224 -5.89 45.71 -46.95
CA THR A 224 -7.15 45.30 -47.54
C THR A 224 -7.82 44.20 -46.71
N PHE A 225 -9.02 43.83 -47.13
CA PHE A 225 -9.80 42.79 -46.47
C PHE A 225 -10.32 41.79 -47.50
N GLN A 226 -10.96 40.73 -47.03
CA GLN A 226 -11.54 39.68 -47.86
C GLN A 226 -12.87 39.18 -47.27
N LYS A 227 -13.50 38.26 -47.97
CA LYS A 227 -14.75 37.62 -47.58
C LYS A 227 -15.41 36.90 -48.76
N TRP A 228 -16.32 35.96 -48.47
CA TRP A 228 -17.10 35.29 -49.50
C TRP A 228 -18.43 34.77 -48.96
N ALA A 229 -19.40 34.73 -49.87
CA ALA A 229 -20.73 34.21 -49.62
C ALA A 229 -20.96 32.95 -50.44
N ALA A 230 -21.65 31.95 -49.89
CA ALA A 230 -21.78 30.72 -50.66
C ALA A 230 -23.11 30.01 -50.46
N VAL A 231 -23.53 29.31 -51.51
CA VAL A 231 -24.75 28.54 -51.59
C VAL A 231 -24.56 27.29 -52.45
N VAL A 232 -25.28 26.23 -52.12
CA VAL A 232 -25.28 25.01 -52.92
C VAL A 232 -26.50 24.98 -53.84
N VAL A 233 -26.26 25.26 -55.12
CA VAL A 233 -27.27 25.39 -56.16
C VAL A 233 -27.40 24.11 -56.97
N PRO A 234 -28.60 23.76 -57.42
CA PRO A 234 -28.79 22.64 -58.33
C PRO A 234 -28.37 22.98 -59.75
N LEU A 235 -27.24 22.44 -60.18
CA LEU A 235 -26.67 22.67 -61.50
C LEU A 235 -27.72 22.56 -62.61
N GLY A 236 -28.27 23.71 -63.00
CA GLY A 236 -29.32 23.86 -63.99
C GLY A 236 -30.07 25.17 -63.75
N LYS A 237 -30.21 25.49 -62.48
CA LYS A 237 -30.82 26.77 -62.08
C LYS A 237 -29.78 27.58 -61.31
N VAL A 238 -28.80 28.08 -62.06
CA VAL A 238 -27.66 28.81 -61.51
C VAL A 238 -27.48 30.14 -62.22
N GLN A 239 -28.37 30.40 -63.18
CA GLN A 239 -28.33 31.64 -63.94
C GLN A 239 -29.32 32.65 -63.35
N SER A 240 -30.15 32.14 -62.45
CA SER A 240 -31.19 32.91 -61.78
C SER A 240 -30.68 33.47 -60.45
N TYR A 241 -29.44 33.14 -60.13
CA TYR A 241 -28.77 33.51 -58.89
C TYR A 241 -27.76 34.63 -59.15
N THR A 242 -27.64 35.56 -58.20
CA THR A 242 -26.68 36.65 -58.37
C THR A 242 -26.15 37.10 -57.02
N CYS A 243 -24.99 37.76 -57.03
CA CYS A 243 -24.40 38.23 -55.80
C CYS A 243 -24.14 39.74 -55.83
N HIS A 244 -24.63 40.43 -54.80
CA HIS A 244 -24.48 41.88 -54.71
C HIS A 244 -23.34 42.27 -53.79
N VAL A 245 -22.64 43.32 -54.19
CA VAL A 245 -21.52 43.88 -53.44
C VAL A 245 -21.75 45.38 -53.22
N ASP A 246 -21.84 45.79 -51.96
CA ASP A 246 -21.99 47.22 -51.66
C ASP A 246 -20.94 47.66 -50.64
N HIS A 247 -20.22 48.71 -51.01
CA HIS A 247 -19.17 49.27 -50.19
C HIS A 247 -19.12 50.78 -50.34
N GLU A 248 -18.60 51.49 -49.34
CA GLU A 248 -18.53 52.95 -49.40
C GLU A 248 -17.71 53.44 -50.58
N GLY A 249 -16.78 52.61 -51.05
CA GLY A 249 -15.86 52.90 -52.13
C GLY A 249 -16.41 52.68 -53.52
N LEU A 250 -17.58 52.09 -53.67
CA LEU A 250 -18.18 51.83 -54.97
C LEU A 250 -19.13 52.93 -55.41
N PRO A 251 -19.10 53.27 -56.70
CA PRO A 251 -19.95 54.32 -57.28
C PRO A 251 -21.41 53.90 -57.35
N GLU A 252 -21.63 52.61 -57.57
CA GLU A 252 -22.97 52.04 -57.66
C GLU A 252 -22.91 50.54 -57.39
N PRO A 253 -23.87 50.04 -56.63
CA PRO A 253 -23.98 48.63 -56.23
C PRO A 253 -23.48 47.63 -57.26
N LEU A 254 -23.01 46.48 -56.78
CA LEU A 254 -22.44 45.47 -57.68
C LEU A 254 -23.33 44.24 -57.78
N THR A 255 -23.61 43.83 -59.01
CA THR A 255 -24.45 42.68 -59.32
C THR A 255 -23.76 41.76 -60.33
N LEU A 256 -22.73 41.05 -59.86
CA LEU A 256 -21.96 40.12 -60.68
C LEU A 256 -22.66 38.77 -60.79
N ARG A 257 -23.19 38.48 -61.97
CA ARG A 257 -23.88 37.22 -62.22
C ARG A 257 -22.89 36.15 -62.66
N TRP A 258 -22.05 35.69 -61.73
CA TRP A 258 -21.06 34.66 -62.03
C TRP A 258 -19.88 35.22 -62.86
N GLU A 259 -19.65 36.53 -62.73
CA GLU A 259 -18.51 37.22 -63.34
C GLU A 259 -18.62 37.83 -64.73
N PRO A 260 -19.73 37.78 -65.46
CA PRO A 260 -19.74 38.40 -66.79
C PRO A 260 -19.27 39.85 -66.92
N ILE B 1 -13.87 31.52 -19.64
CA ILE B 1 -12.59 31.29 -18.95
C ILE B 1 -11.49 31.01 -19.98
N GLN B 2 -11.80 30.12 -20.92
CA GLN B 2 -10.93 29.61 -21.96
C GLN B 2 -11.65 29.54 -23.29
N ARG B 3 -11.54 30.57 -24.12
CA ARG B 3 -12.19 30.52 -25.42
C ARG B 3 -11.30 29.82 -26.45
N THR B 4 -11.87 28.91 -27.23
CA THR B 4 -11.11 28.18 -28.24
C THR B 4 -11.26 28.84 -29.61
N PRO B 5 -10.14 28.84 -30.34
CA PRO B 5 -10.00 29.60 -31.59
C PRO B 5 -10.75 29.01 -32.78
N LYS B 6 -10.85 29.85 -33.80
CA LYS B 6 -11.43 29.55 -35.09
C LYS B 6 -10.38 29.68 -36.18
N ILE B 7 -9.92 28.55 -36.69
CA ILE B 7 -8.82 28.53 -37.65
C ILE B 7 -9.32 28.71 -39.09
N GLN B 8 -8.63 29.57 -39.83
CA GLN B 8 -8.94 29.57 -41.30
C GLN B 8 -7.61 29.79 -42.05
N VAL B 9 -7.48 29.09 -43.17
CA VAL B 9 -6.30 29.15 -44.02
C VAL B 9 -6.64 29.72 -45.38
N TYR B 10 -5.94 30.77 -45.79
CA TYR B 10 -6.24 31.38 -47.08
C TYR B 10 -5.00 32.00 -47.73
N SER B 11 -5.25 32.50 -48.95
CA SER B 11 -4.24 33.19 -49.73
C SER B 11 -4.59 34.66 -49.90
N ARG B 12 -3.59 35.53 -49.79
CA ARG B 12 -3.79 36.96 -49.98
C ARG B 12 -4.33 37.28 -51.36
N HIS B 13 -4.14 36.38 -52.31
CA HIS B 13 -4.60 36.56 -53.69
C HIS B 13 -5.04 35.25 -54.32
N PRO B 14 -5.79 35.34 -55.41
CA PRO B 14 -6.17 34.14 -56.17
C PRO B 14 -4.92 33.32 -56.52
N ALA B 15 -4.87 32.09 -56.04
CA ALA B 15 -3.70 31.23 -56.22
C ALA B 15 -3.49 30.84 -57.68
N GLU B 16 -2.27 31.07 -58.17
CA GLU B 16 -1.89 30.63 -59.51
C GLU B 16 -0.45 30.13 -59.52
N ASN B 17 -0.30 28.84 -59.84
CA ASN B 17 1.00 28.19 -59.85
C ASN B 17 2.03 28.96 -60.67
N GLY B 18 3.08 29.38 -59.99
CA GLY B 18 4.19 30.10 -60.58
C GLY B 18 4.17 31.59 -60.35
N LYS B 19 3.69 32.06 -59.19
CA LYS B 19 3.65 33.51 -58.97
C LYS B 19 3.71 33.82 -57.48
N SER B 20 4.42 34.87 -57.11
CA SER B 20 4.59 35.29 -55.73
C SER B 20 3.26 35.62 -55.07
N ASN B 21 3.19 35.45 -53.75
CA ASN B 21 1.94 35.63 -53.01
C ASN B 21 2.17 35.58 -51.51
N PHE B 22 1.08 35.37 -50.78
CA PHE B 22 1.11 35.29 -49.32
C PHE B 22 0.09 34.25 -48.83
N LEU B 23 0.55 33.39 -47.93
CA LEU B 23 -0.27 32.35 -47.32
C LEU B 23 -0.61 32.74 -45.88
N ASN B 24 -1.90 32.97 -45.62
CA ASN B 24 -2.36 33.42 -44.31
C ASN B 24 -3.04 32.34 -43.49
N CYS B 25 -2.78 32.35 -42.19
CA CYS B 25 -3.59 31.61 -41.24
C CYS B 25 -4.19 32.59 -40.22
N TYR B 26 -5.51 32.76 -40.27
CA TYR B 26 -6.17 33.67 -39.35
C TYR B 26 -6.84 32.90 -38.20
N VAL B 27 -6.37 33.20 -37.00
CA VAL B 27 -6.90 32.64 -35.77
C VAL B 27 -7.54 33.72 -34.92
N SER B 28 -8.73 33.41 -34.41
CA SER B 28 -9.49 34.37 -33.60
C SER B 28 -10.47 33.64 -32.68
N GLY B 29 -11.29 34.43 -32.01
CA GLY B 29 -12.34 33.97 -31.13
C GLY B 29 -11.85 33.10 -30.00
N PHE B 30 -10.57 33.26 -29.66
CA PHE B 30 -9.88 32.49 -28.62
C PHE B 30 -9.42 33.34 -27.43
N HIS B 31 -9.12 32.67 -26.32
CA HIS B 31 -8.71 33.34 -25.08
C HIS B 31 -8.31 32.22 -24.10
N PRO B 32 -7.14 32.28 -23.46
CA PRO B 32 -6.00 33.20 -23.36
C PRO B 32 -5.10 33.29 -24.57
N SER B 33 -4.27 34.33 -24.54
CA SER B 33 -3.32 34.64 -25.60
C SER B 33 -2.37 33.52 -25.96
N ASP B 34 -2.05 32.69 -24.98
CA ASP B 34 -1.12 31.60 -25.24
C ASP B 34 -1.52 30.76 -26.43
N ILE B 35 -1.02 31.09 -27.62
CA ILE B 35 -1.35 30.24 -28.77
C ILE B 35 -0.07 29.85 -29.51
N GLU B 36 -0.21 28.82 -30.34
CA GLU B 36 0.91 28.30 -31.11
C GLU B 36 0.44 27.80 -32.47
N VAL B 37 0.66 28.61 -33.49
CA VAL B 37 0.24 28.31 -34.85
C VAL B 37 1.43 28.07 -35.77
N ASP B 38 1.38 26.97 -36.51
CA ASP B 38 2.43 26.68 -37.48
C ASP B 38 1.84 26.55 -38.88
N LEU B 39 2.60 27.00 -39.86
CA LEU B 39 2.23 26.81 -41.27
C LEU B 39 3.03 25.65 -41.84
N LEU B 40 2.35 24.70 -42.48
CA LEU B 40 3.01 23.53 -43.03
C LEU B 40 3.11 23.58 -44.54
N LYS B 41 4.15 22.93 -45.07
CA LYS B 41 4.34 22.79 -46.51
C LYS B 41 4.52 21.32 -46.84
N ASN B 42 3.46 20.68 -47.34
CA ASN B 42 3.60 19.25 -47.64
C ASN B 42 3.94 18.50 -46.36
N GLY B 43 3.22 18.82 -45.29
CA GLY B 43 3.35 18.19 -44.00
C GLY B 43 4.45 18.79 -43.14
N GLU B 44 5.43 19.44 -43.77
CA GLU B 44 6.59 19.98 -43.08
C GLU B 44 6.39 21.43 -42.66
N ARG B 45 6.73 21.73 -41.42
CA ARG B 45 6.56 23.05 -40.83
C ARG B 45 7.53 24.06 -41.43
N ILE B 46 6.98 25.08 -42.12
CA ILE B 46 7.81 26.13 -42.70
C ILE B 46 8.58 26.86 -41.60
N GLU B 47 9.80 27.28 -41.92
CA GLU B 47 10.73 27.83 -40.94
C GLU B 47 10.47 29.28 -40.61
N LYS B 48 10.24 30.13 -41.61
CA LYS B 48 10.14 31.57 -41.35
C LYS B 48 8.71 32.07 -41.48
N VAL B 49 8.03 32.27 -40.35
CA VAL B 49 6.66 32.79 -40.39
C VAL B 49 6.54 34.13 -39.68
N GLU B 50 5.76 35.04 -40.23
CA GLU B 50 5.55 36.34 -39.61
C GLU B 50 4.15 36.44 -39.00
N HIS B 51 3.99 37.34 -38.04
CA HIS B 51 2.73 37.49 -37.34
C HIS B 51 2.40 38.94 -37.03
N SER B 52 1.10 39.22 -36.95
CA SER B 52 0.61 40.55 -36.61
C SER B 52 0.63 40.77 -35.11
N ASP B 53 0.52 42.03 -34.71
CA ASP B 53 0.54 42.36 -33.28
C ASP B 53 -0.78 41.99 -32.62
N LEU B 54 -0.71 41.47 -31.41
CA LEU B 54 -1.86 40.98 -30.68
C LEU B 54 -2.87 42.07 -30.31
N SER B 55 -3.98 42.04 -31.03
CA SER B 55 -5.15 42.87 -30.76
C SER B 55 -6.30 41.98 -30.31
N PHE B 56 -7.25 42.53 -29.56
CA PHE B 56 -8.37 41.70 -29.09
C PHE B 56 -9.69 42.23 -29.61
N SER B 57 -10.56 41.32 -30.06
CA SER B 57 -11.83 41.70 -30.65
C SER B 57 -12.62 42.58 -29.70
N LYS B 58 -13.84 42.94 -30.13
CA LYS B 58 -14.73 43.76 -29.32
C LYS B 58 -15.26 42.96 -28.13
N ASP B 59 -15.16 41.64 -28.22
CA ASP B 59 -15.67 40.79 -27.14
C ASP B 59 -14.54 40.12 -26.36
N TRP B 60 -13.37 40.77 -26.32
CA TRP B 60 -12.23 40.31 -25.53
C TRP B 60 -11.57 39.07 -26.11
N SER B 61 -12.14 38.51 -27.18
CA SER B 61 -11.53 37.34 -27.79
C SER B 61 -10.36 37.77 -28.67
N PHE B 62 -9.20 37.18 -28.45
CA PHE B 62 -7.96 37.55 -29.13
C PHE B 62 -7.91 37.06 -30.57
N TYR B 63 -7.36 37.89 -31.45
CA TYR B 63 -7.16 37.51 -32.85
C TYR B 63 -5.73 37.79 -33.32
N LEU B 64 -5.21 36.89 -34.15
CA LEU B 64 -3.88 37.02 -34.71
C LEU B 64 -3.88 36.62 -36.20
N LEU B 65 -2.93 37.15 -36.97
CA LEU B 65 -2.72 36.69 -38.33
C LEU B 65 -1.25 36.36 -38.55
N TYR B 66 -0.99 35.12 -38.91
CA TYR B 66 0.33 34.60 -39.21
C TYR B 66 0.48 34.47 -40.72
N TYR B 67 1.67 34.71 -41.28
CA TYR B 67 1.77 34.58 -42.73
C TYR B 67 3.21 34.32 -43.18
N THR B 68 3.38 34.44 -44.49
CA THR B 68 4.62 34.16 -45.19
C THR B 68 4.39 34.23 -46.69
N GLU B 69 5.35 34.80 -47.43
CA GLU B 69 5.22 34.79 -48.89
C GLU B 69 5.37 33.37 -49.41
N PHE B 70 4.78 33.06 -50.56
CA PHE B 70 4.89 31.69 -51.06
C PHE B 70 4.53 31.64 -52.54
N THR B 71 4.88 30.55 -53.20
CA THR B 71 4.61 30.44 -54.64
C THR B 71 3.82 29.18 -54.92
N PRO B 72 2.49 29.29 -54.86
CA PRO B 72 1.62 28.12 -54.93
C PRO B 72 1.94 27.23 -56.13
N THR B 73 1.83 25.92 -55.91
CA THR B 73 1.99 24.96 -57.00
C THR B 73 0.83 23.97 -56.97
N GLU B 74 0.38 23.53 -58.14
CA GLU B 74 -0.76 22.63 -58.21
C GLU B 74 -0.56 21.37 -57.38
N LYS B 75 0.69 20.93 -57.20
CA LYS B 75 0.92 19.67 -56.52
C LYS B 75 1.22 19.85 -55.04
N ASP B 76 1.98 20.86 -54.68
CA ASP B 76 2.30 21.15 -53.29
C ASP B 76 1.05 21.36 -52.44
N GLU B 77 1.07 20.83 -51.24
CA GLU B 77 -0.05 20.95 -50.32
C GLU B 77 0.33 21.71 -49.05
N TYR B 78 -0.45 22.75 -48.73
CA TYR B 78 -0.24 23.58 -47.55
C TYR B 78 -1.31 23.35 -46.50
N ALA B 79 -1.07 23.85 -45.28
CA ALA B 79 -2.02 23.68 -44.18
C ALA B 79 -1.60 24.52 -42.97
N CYS B 80 -2.55 24.74 -42.06
CA CYS B 80 -2.27 25.44 -40.81
C CYS B 80 -2.34 24.48 -39.63
N ARG B 81 -1.36 24.55 -38.73
CA ARG B 81 -1.38 23.66 -37.57
C ARG B 81 -1.41 24.48 -36.27
N VAL B 82 -2.49 24.35 -35.52
CA VAL B 82 -2.74 25.19 -34.35
C VAL B 82 -2.85 24.41 -33.05
N ASN B 83 -2.36 25.02 -31.97
CA ASN B 83 -2.48 24.43 -30.64
C ASN B 83 -2.80 25.48 -29.57
N HIS B 84 -3.82 25.20 -28.78
CA HIS B 84 -4.30 26.01 -27.66
C HIS B 84 -4.39 25.13 -26.42
N VAL B 85 -4.44 25.71 -25.22
CA VAL B 85 -4.49 24.91 -24.00
C VAL B 85 -5.88 24.33 -23.76
N THR B 86 -6.78 24.51 -24.72
CA THR B 86 -8.17 24.08 -24.64
C THR B 86 -8.42 22.82 -25.46
N LEU B 87 -7.67 22.70 -26.56
CA LEU B 87 -7.74 21.57 -27.47
C LEU B 87 -7.02 20.35 -26.87
N SER B 88 -7.60 19.17 -27.05
CA SER B 88 -6.99 17.95 -26.55
C SER B 88 -5.79 17.53 -27.39
N GLN B 89 -5.64 18.19 -28.54
CA GLN B 89 -4.56 17.90 -29.46
C GLN B 89 -4.54 18.89 -30.61
N PRO B 90 -3.40 19.01 -31.27
CA PRO B 90 -3.26 19.94 -32.39
C PRO B 90 -4.33 19.72 -33.46
N LYS B 91 -4.95 20.81 -33.90
CA LYS B 91 -5.90 20.71 -35.01
C LYS B 91 -5.18 21.09 -36.30
N ILE B 92 -5.65 20.53 -37.42
CA ILE B 92 -5.05 20.80 -38.72
C ILE B 92 -6.10 21.17 -39.76
N VAL B 93 -6.02 22.39 -40.28
CA VAL B 93 -6.89 22.80 -41.39
C VAL B 93 -6.11 22.84 -42.69
N LYS B 94 -6.63 22.18 -43.73
CA LYS B 94 -5.96 22.16 -45.02
C LYS B 94 -6.42 23.30 -45.92
N TRP B 95 -5.46 24.03 -46.50
CA TRP B 95 -5.78 25.15 -47.38
C TRP B 95 -6.53 24.66 -48.62
N ASP B 96 -7.54 25.41 -49.02
CA ASP B 96 -8.24 25.16 -50.28
C ASP B 96 -7.83 26.25 -51.26
N ARG B 97 -7.41 25.86 -52.47
CA ARG B 97 -7.00 26.80 -53.50
C ARG B 97 -8.20 27.55 -54.07
N ASP B 98 -9.38 27.09 -53.69
CA ASP B 98 -10.67 27.60 -54.10
C ASP B 98 -11.51 28.05 -52.90
N MET B 99 -10.81 28.58 -51.93
CA MET B 99 -11.29 29.15 -50.68
C MET B 99 -10.07 29.73 -49.96
N GLY C 1 -15.77 -11.95 33.03
CA GLY C 1 -16.89 -11.14 32.57
C GLY C 1 -17.30 -11.43 31.15
N SER C 2 -17.88 -12.61 30.93
CA SER C 2 -18.35 -13.01 29.61
C SER C 2 -19.86 -12.74 29.50
N HIS C 3 -20.23 -11.90 28.53
CA HIS C 3 -21.64 -11.54 28.34
C HIS C 3 -22.00 -11.51 26.87
N SER C 4 -23.21 -11.93 26.53
CA SER C 4 -23.64 -12.02 25.14
C SER C 4 -24.84 -11.13 24.84
N LEU C 5 -24.81 -10.52 23.67
CA LEU C 5 -25.88 -9.70 23.13
C LEU C 5 -26.57 -10.45 22.00
N ARG C 6 -27.90 -10.40 21.94
CA ARG C 6 -28.58 -11.20 20.91
C ARG C 6 -29.92 -10.61 20.49
N TYR C 7 -30.30 -10.87 19.25
CA TYR C 7 -31.55 -10.43 18.66
C TYR C 7 -32.28 -11.60 18.03
N PHE C 8 -33.55 -11.76 18.34
CA PHE C 8 -34.39 -12.82 17.80
C PHE C 8 -35.54 -12.23 16.97
N TYR C 9 -35.54 -12.57 15.70
CA TYR C 9 -36.51 -12.06 14.72
C TYR C 9 -37.41 -13.20 14.26
N THR C 10 -38.67 -12.88 14.01
CA THR C 10 -39.71 -13.75 13.48
C THR C 10 -40.62 -12.95 12.55
N ALA C 11 -41.03 -13.55 11.45
CA ALA C 11 -41.85 -12.86 10.45
C ALA C 11 -42.77 -13.83 9.71
N VAL C 12 -44.06 -13.50 9.66
CA VAL C 12 -45.03 -14.40 9.05
C VAL C 12 -45.85 -13.70 7.97
N SER C 13 -46.38 -14.54 7.08
CA SER C 13 -47.25 -14.20 5.96
C SER C 13 -48.64 -14.77 6.19
N ARG C 14 -49.68 -13.94 6.11
CA ARG C 14 -51.03 -14.46 6.30
C ARG C 14 -51.66 -14.87 4.97
N PRO C 15 -52.18 -16.09 4.94
CA PRO C 15 -52.76 -16.73 3.76
C PRO C 15 -53.54 -15.78 2.85
N GLY C 16 -52.81 -15.02 2.05
CA GLY C 16 -53.37 -14.06 1.12
C GLY C 16 -54.59 -13.33 1.66
N LEU C 17 -54.39 -12.55 2.72
CA LEU C 17 -55.47 -11.77 3.30
C LEU C 17 -54.90 -10.55 4.05
N GLY C 18 -53.64 -10.23 3.80
CA GLY C 18 -53.01 -9.08 4.40
C GLY C 18 -51.49 -9.17 4.41
N GLU C 19 -50.83 -8.07 4.78
CA GLU C 19 -49.37 -7.97 4.74
C GLU C 19 -48.72 -8.74 5.88
N PRO C 20 -47.50 -9.21 5.62
CA PRO C 20 -46.75 -10.06 6.54
C PRO C 20 -46.13 -9.26 7.67
N TRP C 21 -46.10 -9.84 8.87
CA TRP C 21 -45.57 -9.09 10.01
C TRP C 21 -44.36 -9.78 10.65
N PHE C 22 -43.89 -9.14 11.72
CA PHE C 22 -42.76 -9.63 12.48
C PHE C 22 -42.85 -9.25 13.96
N ILE C 23 -41.86 -9.75 14.69
CA ILE C 23 -41.66 -9.46 16.10
C ILE C 23 -40.20 -9.70 16.45
N ILE C 24 -39.51 -8.65 16.87
CA ILE C 24 -38.10 -8.74 17.25
C ILE C 24 -37.92 -8.45 18.73
N VAL C 25 -37.24 -9.38 19.42
CA VAL C 25 -37.00 -9.27 20.85
C VAL C 25 -35.50 -9.30 21.15
N GLY C 26 -35.05 -8.47 22.09
CA GLY C 26 -33.65 -8.36 22.44
C GLY C 26 -33.30 -8.94 23.80
N TYR C 27 -32.24 -9.73 23.85
CA TYR C 27 -31.78 -10.37 25.07
C TYR C 27 -30.32 -10.09 25.40
N VAL C 28 -30.08 -9.46 26.55
CA VAL C 28 -28.71 -9.34 27.05
C VAL C 28 -28.51 -10.36 28.18
N ASP C 29 -28.00 -11.53 27.81
CA ASP C 29 -27.80 -12.67 28.69
C ASP C 29 -29.09 -13.47 28.78
N ASP C 30 -29.72 -13.50 29.95
CA ASP C 30 -30.96 -14.28 30.04
C ASP C 30 -32.14 -13.35 30.30
N MET C 31 -31.96 -12.08 29.98
CA MET C 31 -32.98 -11.07 30.17
C MET C 31 -33.38 -10.40 28.85
N GLN C 32 -34.68 -10.08 28.75
CA GLN C 32 -35.17 -9.30 27.63
C GLN C 32 -34.76 -7.85 27.83
N VAL C 33 -34.61 -7.09 26.74
CA VAL C 33 -34.18 -5.70 26.92
C VAL C 33 -35.00 -4.72 26.09
N LEU C 34 -35.71 -5.20 25.07
CA LEU C 34 -36.57 -4.29 24.30
C LEU C 34 -37.59 -5.07 23.46
N ARG C 35 -38.38 -4.37 22.66
CA ARG C 35 -39.37 -4.99 21.80
C ARG C 35 -39.81 -4.07 20.65
N PHE C 36 -39.95 -4.66 19.48
CA PHE C 36 -40.39 -3.95 18.28
C PHE C 36 -41.15 -4.88 17.35
N SER C 37 -42.18 -4.37 16.67
CA SER C 37 -43.01 -5.21 15.83
C SER C 37 -43.77 -4.38 14.80
N SER C 38 -44.62 -5.04 14.02
CA SER C 38 -45.43 -4.36 13.01
C SER C 38 -46.29 -3.27 13.63
N LYS C 39 -46.22 -2.07 13.05
CA LYS C 39 -46.89 -0.87 13.51
C LYS C 39 -46.62 -0.61 15.00
N GLU C 40 -45.51 0.07 15.23
CA GLU C 40 -45.08 0.51 16.54
C GLU C 40 -44.03 1.62 16.37
N GLU C 41 -44.36 2.83 16.79
CA GLU C 41 -43.49 3.98 16.56
C GLU C 41 -42.06 3.70 17.01
N THR C 42 -41.90 3.04 18.16
CA THR C 42 -40.55 2.75 18.63
C THR C 42 -40.50 1.50 19.50
N PRO C 43 -39.37 0.81 19.42
CA PRO C 43 -39.10 -0.37 20.24
C PRO C 43 -39.01 -0.02 21.73
N ARG C 44 -39.96 -0.54 22.48
CA ARG C 44 -40.11 -0.23 23.92
C ARG C 44 -39.02 -0.89 24.79
N MET C 45 -38.16 -0.04 25.32
CA MET C 45 -37.03 -0.46 26.14
C MET C 45 -37.42 -1.02 27.48
N ALA C 46 -36.69 -2.01 27.92
CA ALA C 46 -36.94 -2.54 29.23
C ALA C 46 -36.85 -1.33 30.16
N PRO C 47 -37.73 -1.31 31.15
CA PRO C 47 -37.81 -0.17 32.08
C PRO C 47 -36.70 -0.18 33.10
N TRP C 48 -36.38 -1.39 33.54
CA TRP C 48 -35.38 -1.55 34.56
C TRP C 48 -34.00 -1.08 34.09
N LEU C 49 -33.96 -0.44 32.94
CA LEU C 49 -32.69 0.07 32.39
C LEU C 49 -32.49 1.49 32.88
N GLU C 50 -33.05 2.32 32.05
CA GLU C 50 -33.16 3.74 32.03
C GLU C 50 -33.93 3.96 30.72
N GLN C 51 -34.95 4.82 30.67
CA GLN C 51 -35.72 5.02 29.43
C GLN C 51 -35.00 5.89 28.39
N GLU C 52 -35.75 6.59 27.55
CA GLU C 52 -35.14 7.46 26.53
C GLU C 52 -34.74 8.76 27.23
N GLU C 53 -33.90 8.65 28.28
CA GLU C 53 -33.46 9.86 28.97
C GLU C 53 -32.54 10.64 28.04
N ALA C 54 -33.06 10.91 26.83
CA ALA C 54 -32.25 11.54 25.79
C ALA C 54 -31.17 10.56 25.32
N ASP C 55 -31.37 9.30 25.66
CA ASP C 55 -30.44 8.21 25.47
C ASP C 55 -30.23 7.85 24.01
N ASP C 56 -29.15 7.12 23.76
CA ASP C 56 -28.76 6.76 22.39
C ASP C 56 -29.57 5.59 21.87
N TRP C 57 -30.90 5.66 22.01
CA TRP C 57 -31.73 4.64 21.36
C TRP C 57 -31.99 5.03 19.91
N GLU C 58 -30.91 5.32 19.18
CA GLU C 58 -30.97 5.86 17.83
C GLU C 58 -30.48 4.85 16.79
N GLN C 59 -29.30 4.29 17.02
CA GLN C 59 -28.78 3.28 16.11
C GLN C 59 -29.61 2.01 16.21
N GLN C 60 -30.01 1.69 17.43
CA GLN C 60 -30.77 0.49 17.75
C GLN C 60 -32.15 0.49 17.10
N THR C 61 -33.01 1.40 17.55
CA THR C 61 -34.39 1.47 17.08
C THR C 61 -34.44 1.70 15.58
N HIS C 62 -33.38 2.25 15.01
CA HIS C 62 -33.32 2.45 13.55
C HIS C 62 -32.97 1.14 12.86
N ILE C 63 -31.86 0.54 13.30
CA ILE C 63 -31.38 -0.72 12.74
C ILE C 63 -32.45 -1.80 12.82
N VAL C 64 -33.31 -1.71 13.84
CA VAL C 64 -34.41 -2.68 14.02
C VAL C 64 -35.53 -2.40 13.04
N THR C 65 -35.83 -1.11 12.84
CA THR C 65 -36.84 -0.73 11.86
C THR C 65 -36.48 -1.31 10.49
N ILE C 66 -35.18 -1.38 10.26
CA ILE C 66 -34.58 -1.82 9.01
C ILE C 66 -34.40 -3.33 8.96
N GLN C 67 -33.85 -3.91 10.02
CA GLN C 67 -33.69 -5.36 10.08
C GLN C 67 -35.03 -6.05 9.79
N GLY C 68 -36.05 -5.58 10.50
CA GLY C 68 -37.41 -6.06 10.36
C GLY C 68 -37.98 -5.73 9.00
N GLN C 69 -37.68 -4.54 8.49
CA GLN C 69 -38.18 -4.11 7.19
C GLN C 69 -37.89 -5.16 6.12
N LEU C 70 -36.79 -5.87 6.26
CA LEU C 70 -36.43 -7.00 5.41
C LEU C 70 -37.21 -8.26 5.81
N SER C 71 -38.51 -8.09 5.99
CA SER C 71 -39.47 -9.12 6.28
C SER C 71 -40.28 -9.46 5.03
N GLU C 72 -40.93 -8.42 4.49
CA GLU C 72 -41.70 -8.58 3.26
C GLU C 72 -40.77 -8.92 2.10
N ARG C 73 -39.49 -8.63 2.27
CA ARG C 73 -38.49 -8.95 1.24
C ARG C 73 -38.08 -10.41 1.35
N ASN C 74 -37.25 -10.72 2.33
CA ASN C 74 -36.72 -12.06 2.56
C ASN C 74 -37.80 -13.12 2.53
N LEU C 75 -38.85 -12.95 3.34
CA LEU C 75 -39.94 -13.93 3.35
C LEU C 75 -40.53 -14.10 1.96
N MET C 76 -41.07 -13.02 1.39
CA MET C 76 -41.65 -13.07 0.05
C MET C 76 -40.70 -13.71 -0.95
N THR C 77 -39.47 -13.18 -1.05
CA THR C 77 -38.53 -13.76 -2.00
C THR C 77 -38.30 -15.23 -1.73
N LEU C 78 -38.24 -15.57 -0.44
CA LEU C 78 -38.04 -16.95 -0.03
C LEU C 78 -39.21 -17.84 -0.43
N VAL C 79 -40.43 -17.43 -0.06
CA VAL C 79 -41.60 -18.24 -0.41
C VAL C 79 -41.65 -18.43 -1.93
N HIS C 80 -41.56 -17.34 -2.67
CA HIS C 80 -41.50 -17.38 -4.13
C HIS C 80 -40.44 -18.36 -4.60
N PHE C 81 -39.36 -18.46 -3.85
CA PHE C 81 -38.29 -19.39 -4.19
C PHE C 81 -38.80 -20.82 -4.16
N TYR C 82 -38.96 -21.37 -2.95
CA TYR C 82 -39.50 -22.72 -2.83
C TYR C 82 -40.85 -22.85 -3.54
N ASN C 83 -41.58 -21.75 -3.59
CA ASN C 83 -42.89 -21.57 -4.18
C ASN C 83 -43.77 -22.80 -3.97
N LYS C 84 -43.68 -23.34 -2.76
CA LYS C 84 -44.48 -24.48 -2.33
C LYS C 84 -45.59 -24.01 -1.40
N SER C 85 -46.83 -24.16 -1.86
CA SER C 85 -47.99 -23.72 -1.09
C SER C 85 -47.89 -22.24 -0.76
N MET C 86 -47.79 -21.41 -1.80
CA MET C 86 -47.61 -19.97 -1.68
C MET C 86 -48.82 -19.29 -1.05
N ASP C 87 -49.98 -19.90 -1.21
CA ASP C 87 -51.26 -19.36 -0.77
C ASP C 87 -51.48 -19.51 0.72
N ASP C 88 -50.51 -20.08 1.42
CA ASP C 88 -50.61 -20.30 2.86
C ASP C 88 -49.68 -19.36 3.63
N SER C 89 -49.38 -19.72 4.88
CA SER C 89 -48.48 -18.94 5.71
C SER C 89 -47.15 -19.64 5.92
N HIS C 90 -46.06 -18.88 5.94
CA HIS C 90 -44.72 -19.41 6.18
C HIS C 90 -43.97 -18.52 7.16
N THR C 91 -42.86 -18.98 7.73
CA THR C 91 -42.19 -18.11 8.70
C THR C 91 -40.67 -18.10 8.51
N LEU C 92 -40.09 -16.96 8.81
CA LEU C 92 -38.65 -16.73 8.75
C LEU C 92 -38.08 -16.45 10.14
N GLN C 93 -37.12 -17.26 10.56
CA GLN C 93 -36.45 -17.03 11.84
C GLN C 93 -35.05 -16.49 11.62
N TRP C 94 -34.78 -15.31 12.16
CA TRP C 94 -33.49 -14.66 12.02
C TRP C 94 -32.83 -14.50 13.40
N LEU C 95 -31.52 -14.68 13.46
CA LEU C 95 -30.81 -14.52 14.73
C LEU C 95 -29.40 -13.96 14.53
N GLN C 96 -29.23 -12.69 14.90
CA GLN C 96 -27.96 -12.00 14.88
C GLN C 96 -27.52 -11.67 16.30
N ASP C 97 -26.22 -11.76 16.59
CA ASP C 97 -25.76 -11.50 17.94
C ASP C 97 -24.26 -11.50 18.10
N CYS C 98 -23.79 -11.71 19.33
CA CYS C 98 -22.36 -11.68 19.61
C CYS C 98 -22.04 -11.96 21.07
N ASP C 99 -20.83 -12.44 21.31
CA ASP C 99 -20.30 -12.65 22.64
C ASP C 99 -18.96 -11.93 22.79
N VAL C 100 -18.96 -10.82 23.53
CA VAL C 100 -17.77 -9.98 23.70
C VAL C 100 -17.00 -10.29 24.97
N GLU C 101 -15.82 -10.90 24.85
CA GLU C 101 -14.99 -11.13 26.03
C GLU C 101 -13.81 -10.18 26.03
N PRO C 102 -13.98 -9.07 26.76
CA PRO C 102 -13.04 -7.96 26.75
C PRO C 102 -11.73 -8.30 27.45
N ASP C 103 -11.77 -9.16 28.47
CA ASP C 103 -10.54 -9.50 29.19
C ASP C 103 -9.73 -10.54 28.42
N ARG C 104 -10.26 -10.89 27.26
CA ARG C 104 -9.65 -11.79 26.29
C ARG C 104 -9.45 -11.04 24.96
N HIS C 105 -10.38 -10.13 24.69
CA HIS C 105 -10.49 -9.35 23.47
C HIS C 105 -11.26 -10.17 22.43
N LEU C 106 -12.49 -10.50 22.80
CA LEU C 106 -13.37 -11.39 22.06
C LEU C 106 -14.48 -10.67 21.30
N CYS C 107 -15.08 -11.44 20.39
CA CYS C 107 -16.22 -11.08 19.58
C CYS C 107 -16.59 -12.25 18.67
N LEU C 108 -17.64 -12.96 19.06
CA LEU C 108 -18.19 -14.05 18.29
C LEU C 108 -19.54 -13.61 17.70
N TRP C 109 -19.47 -13.08 16.49
CA TRP C 109 -20.61 -12.53 15.78
C TRP C 109 -21.40 -13.60 15.04
N TYR C 110 -22.49 -14.01 15.66
CA TYR C 110 -23.42 -14.98 15.07
C TYR C 110 -24.32 -14.31 14.02
N ASN C 111 -25.02 -15.13 13.25
CA ASN C 111 -25.97 -14.69 12.24
C ASN C 111 -26.54 -15.87 11.46
N GLN C 112 -27.58 -16.48 12.02
CA GLN C 112 -28.23 -17.60 11.36
C GLN C 112 -29.58 -17.18 10.76
N LEU C 113 -30.36 -18.19 10.39
CA LEU C 113 -31.65 -18.00 9.75
C LEU C 113 -32.19 -19.35 9.28
N ALA C 114 -33.41 -19.66 9.71
CA ALA C 114 -34.13 -20.86 9.29
C ALA C 114 -35.42 -20.47 8.58
N TYR C 115 -35.83 -21.30 7.62
CA TYR C 115 -37.09 -21.10 6.92
C TYR C 115 -38.05 -22.23 7.28
N ASP C 116 -39.14 -21.89 7.95
CA ASP C 116 -40.09 -22.90 8.40
C ASP C 116 -39.38 -23.92 9.30
N SER C 117 -38.65 -23.43 10.29
CA SER C 117 -37.90 -24.27 11.21
C SER C 117 -36.70 -24.95 10.55
N GLU C 118 -36.52 -24.76 9.25
CA GLU C 118 -35.41 -25.41 8.55
C GLU C 118 -34.33 -24.38 8.17
N ASP C 119 -33.17 -24.53 8.79
CA ASP C 119 -32.00 -23.70 8.66
C ASP C 119 -31.64 -23.39 7.21
N LEU C 120 -30.94 -22.26 7.04
CA LEU C 120 -30.54 -21.82 5.72
C LEU C 120 -29.02 -21.68 5.60
N PRO C 121 -28.53 -21.66 4.35
CA PRO C 121 -27.10 -21.51 4.04
C PRO C 121 -26.68 -20.04 4.11
N THR C 122 -25.99 -19.67 5.20
CA THR C 122 -25.49 -18.31 5.39
C THR C 122 -24.03 -18.37 5.85
N LEU C 123 -23.45 -19.56 5.67
CA LEU C 123 -22.05 -19.90 6.00
C LEU C 123 -21.31 -18.96 6.93
N SER C 124 -22.03 -18.38 7.88
CA SER C 124 -21.39 -17.45 8.80
C SER C 124 -20.50 -18.18 9.80
N GLU C 125 -20.61 -19.50 9.82
CA GLU C 125 -19.91 -20.40 10.72
C GLU C 125 -20.62 -20.41 12.08
N ASN C 126 -19.92 -20.06 13.16
CA ASN C 126 -20.61 -19.92 14.44
C ASN C 126 -20.42 -18.50 14.97
N PRO C 127 -19.20 -18.02 15.07
CA PRO C 127 -18.97 -16.62 15.45
C PRO C 127 -18.70 -15.75 14.24
N SER C 128 -17.47 -15.25 14.14
CA SER C 128 -17.06 -14.42 13.02
C SER C 128 -15.59 -14.00 13.14
N SER C 129 -15.22 -12.98 12.38
CA SER C 129 -13.87 -12.43 12.39
C SER C 129 -13.90 -10.97 12.87
N CYS C 130 -14.77 -10.71 13.83
CA CYS C 130 -14.95 -9.46 14.53
C CYS C 130 -14.16 -9.46 15.84
N THR C 131 -13.41 -8.39 16.10
CA THR C 131 -12.65 -8.23 17.33
C THR C 131 -12.18 -6.77 17.50
N GLN C 142 -27.14 -2.18 8.17
CA GLN C 142 -27.20 -3.54 7.64
C GLN C 142 -26.21 -4.40 8.39
N HIS C 143 -25.20 -3.73 8.93
CA HIS C 143 -24.15 -4.42 9.67
C HIS C 143 -23.88 -3.74 11.01
N LEU C 144 -24.31 -4.43 12.05
CA LEU C 144 -24.18 -3.98 13.44
C LEU C 144 -23.01 -4.69 14.09
N GLU C 145 -22.53 -5.73 13.42
CA GLU C 145 -21.38 -6.51 13.84
C GLU C 145 -20.24 -5.59 14.28
N GLY C 146 -20.09 -4.50 13.54
CA GLY C 146 -19.05 -3.50 13.79
C GLY C 146 -19.15 -2.96 15.21
N HIS C 147 -20.37 -2.70 15.66
CA HIS C 147 -20.57 -2.18 17.02
C HIS C 147 -21.59 -3.03 17.76
N CYS C 148 -21.24 -4.30 17.95
CA CYS C 148 -22.09 -5.21 18.72
C CYS C 148 -21.69 -5.18 20.19
N SER C 149 -20.42 -4.88 20.42
CA SER C 149 -19.88 -4.78 21.76
C SER C 149 -20.27 -3.43 22.37
N ASP C 150 -20.39 -2.43 21.49
CA ASP C 150 -20.85 -1.11 21.92
C ASP C 150 -22.15 -1.26 22.69
N VAL C 151 -23.23 -1.61 21.98
CA VAL C 151 -24.54 -1.81 22.53
C VAL C 151 -24.58 -2.74 23.74
N LEU C 152 -23.59 -3.62 23.88
CA LEU C 152 -23.60 -4.59 24.98
C LEU C 152 -22.96 -4.01 26.24
N GLN C 153 -21.79 -3.41 26.06
CA GLN C 153 -21.05 -2.83 27.17
C GLN C 153 -21.75 -1.60 27.73
N LYS C 154 -22.76 -1.12 27.00
CA LYS C 154 -23.58 0.01 27.41
C LYS C 154 -24.83 -0.47 28.14
N TYR C 155 -25.46 -1.52 27.60
CA TYR C 155 -26.62 -2.14 28.21
C TYR C 155 -26.32 -2.48 29.67
N LEU C 156 -25.07 -2.90 29.90
CA LEU C 156 -24.57 -3.30 31.19
C LEU C 156 -24.39 -2.12 32.14
N GLU C 157 -23.64 -1.12 31.69
CA GLU C 157 -23.36 0.08 32.48
C GLU C 157 -24.65 0.77 32.90
N LYS C 158 -25.46 1.14 31.92
CA LYS C 158 -26.75 1.77 32.20
C LYS C 158 -27.56 0.90 33.18
N GLY C 159 -27.56 -0.40 32.93
CA GLY C 159 -28.32 -1.32 33.75
C GLY C 159 -27.48 -2.39 34.41
N LYS C 160 -26.77 -2.02 35.46
CA LYS C 160 -25.95 -2.97 36.22
C LYS C 160 -26.77 -3.55 37.37
N GLU C 161 -28.01 -3.08 37.49
CA GLU C 161 -28.92 -3.55 38.53
C GLU C 161 -29.25 -5.03 38.34
N ARG C 162 -29.36 -5.42 37.07
CA ARG C 162 -29.82 -6.76 36.72
C ARG C 162 -28.83 -7.53 35.87
N LEU C 163 -28.24 -6.86 34.88
CA LEU C 163 -27.27 -7.56 34.03
C LEU C 163 -26.11 -8.09 34.86
N LEU C 164 -25.42 -7.17 35.53
CA LEU C 164 -24.37 -7.55 36.47
C LEU C 164 -25.01 -7.95 37.80
N ARG C 165 -25.95 -8.88 37.73
CA ARG C 165 -26.70 -9.31 38.90
C ARG C 165 -26.74 -10.83 39.03
N SER C 166 -26.26 -11.32 40.17
CA SER C 166 -26.26 -12.75 40.43
C SER C 166 -27.25 -13.10 41.54
N ASP C 167 -28.29 -13.84 41.18
CA ASP C 167 -29.27 -14.26 42.18
C ASP C 167 -29.21 -15.78 42.36
N PRO C 168 -29.07 -16.20 43.61
CA PRO C 168 -29.00 -17.62 43.96
C PRO C 168 -30.37 -18.26 44.18
N PRO C 169 -30.40 -19.58 44.08
CA PRO C 169 -31.58 -20.39 44.32
C PRO C 169 -31.90 -20.64 45.79
N LYS C 170 -33.13 -21.10 46.02
CA LYS C 170 -33.66 -21.53 47.30
C LYS C 170 -34.18 -22.96 47.19
N ALA C 171 -33.52 -23.90 47.84
CA ALA C 171 -33.87 -25.31 47.66
C ALA C 171 -34.88 -25.83 48.67
N HIS C 172 -35.73 -26.73 48.20
CA HIS C 172 -36.71 -27.40 49.06
C HIS C 172 -37.11 -28.74 48.43
N VAL C 173 -37.12 -29.79 49.24
CA VAL C 173 -37.43 -31.13 48.75
C VAL C 173 -38.87 -31.50 49.02
N THR C 174 -39.45 -32.30 48.13
CA THR C 174 -40.81 -32.78 48.33
C THR C 174 -40.81 -34.32 48.36
N ARG C 175 -41.75 -34.90 49.10
CA ARG C 175 -41.89 -36.34 49.14
C ARG C 175 -43.28 -36.78 48.68
N HIS C 176 -43.34 -37.55 47.59
CA HIS C 176 -44.65 -37.96 47.07
C HIS C 176 -44.89 -39.46 47.30
N PRO C 177 -46.14 -39.79 47.59
CA PRO C 177 -46.54 -41.14 47.94
C PRO C 177 -46.74 -42.05 46.73
N ARG C 178 -45.70 -42.18 45.93
CA ARG C 178 -45.69 -42.99 44.71
C ARG C 178 -46.38 -44.34 44.92
N PRO C 179 -47.37 -44.59 44.06
CA PRO C 179 -48.15 -45.83 44.10
C PRO C 179 -47.24 -47.04 44.25
N GLU C 180 -46.48 -47.32 43.19
CA GLU C 180 -45.49 -48.39 43.23
C GLU C 180 -44.63 -48.25 44.49
N GLY C 181 -44.67 -49.27 45.30
CA GLY C 181 -44.01 -49.43 46.57
C GLY C 181 -42.77 -48.57 46.75
N ASP C 182 -42.98 -47.28 46.92
CA ASP C 182 -41.94 -46.28 47.12
C ASP C 182 -42.52 -44.88 47.21
N VAL C 183 -41.67 -43.87 47.03
CA VAL C 183 -41.99 -42.46 47.13
C VAL C 183 -41.25 -41.66 46.06
N THR C 184 -41.79 -40.50 45.70
CA THR C 184 -41.20 -39.67 44.65
C THR C 184 -40.40 -38.52 45.21
N LEU C 185 -39.28 -38.83 45.85
CA LEU C 185 -38.41 -37.83 46.45
C LEU C 185 -37.95 -36.80 45.42
N ARG C 186 -38.58 -35.63 45.46
CA ARG C 186 -38.25 -34.53 44.55
C ARG C 186 -37.49 -33.43 45.29
N CYS C 187 -36.64 -32.71 44.55
CA CYS C 187 -35.88 -31.60 45.09
C CYS C 187 -36.06 -30.36 44.21
N TRP C 188 -36.25 -29.22 44.88
CA TRP C 188 -36.54 -27.98 44.20
C TRP C 188 -35.40 -26.96 44.36
N ALA C 189 -35.38 -26.03 43.43
CA ALA C 189 -34.54 -24.84 43.44
C ALA C 189 -35.31 -23.71 42.76
N LEU C 190 -35.28 -22.53 43.36
CA LEU C 190 -36.03 -21.40 42.80
C LEU C 190 -35.28 -20.09 43.03
N GLY C 191 -35.75 -19.05 42.35
CA GLY C 191 -35.35 -17.68 42.52
C GLY C 191 -33.96 -17.31 42.05
N PHE C 192 -33.36 -18.13 41.21
CA PHE C 192 -32.06 -17.80 40.65
C PHE C 192 -32.15 -17.20 39.23
N TYR C 193 -31.00 -16.66 38.83
CA TYR C 193 -30.76 -16.01 37.55
C TYR C 193 -29.23 -15.83 37.58
N PRO C 194 -28.53 -16.23 36.51
CA PRO C 194 -28.94 -16.82 35.24
C PRO C 194 -29.54 -18.23 35.31
N ALA C 195 -30.21 -18.59 34.22
CA ALA C 195 -30.88 -19.87 34.04
C ALA C 195 -30.02 -21.09 34.28
N ASP C 196 -28.74 -20.99 33.94
CA ASP C 196 -27.84 -22.12 34.09
C ASP C 196 -27.77 -22.56 35.55
N ILE C 197 -27.82 -23.87 35.79
CA ILE C 197 -27.74 -24.38 37.15
C ILE C 197 -27.43 -25.88 37.16
N THR C 198 -26.93 -26.34 38.30
CA THR C 198 -26.62 -27.74 38.55
C THR C 198 -27.52 -28.31 39.65
N LEU C 199 -28.59 -29.01 39.26
CA LEU C 199 -29.49 -29.63 40.23
C LEU C 199 -29.35 -31.16 40.18
N THR C 200 -28.72 -31.73 41.20
CA THR C 200 -28.53 -33.18 41.24
C THR C 200 -28.90 -33.77 42.60
N TRP C 201 -29.10 -35.08 42.62
CA TRP C 201 -29.38 -35.85 43.82
C TRP C 201 -28.19 -36.72 44.18
N GLN C 202 -28.32 -37.59 45.19
CA GLN C 202 -27.17 -38.42 45.57
C GLN C 202 -27.55 -39.55 46.52
N LYS C 203 -27.19 -40.78 46.13
CA LYS C 203 -27.36 -41.94 47.00
C LYS C 203 -25.98 -42.56 47.29
N ASP C 204 -25.64 -42.61 48.57
CA ASP C 204 -24.34 -43.08 49.05
C ASP C 204 -23.29 -41.99 48.85
N GLY C 205 -23.73 -40.85 48.28
CA GLY C 205 -22.88 -39.72 48.02
C GLY C 205 -22.29 -39.75 46.63
N GLU C 206 -23.15 -39.59 45.63
CA GLU C 206 -22.75 -39.61 44.22
C GLU C 206 -23.97 -39.64 43.30
N GLU C 207 -23.80 -39.15 42.07
CA GLU C 207 -24.79 -39.06 41.03
C GLU C 207 -25.72 -40.27 40.95
N LEU C 208 -26.69 -40.19 40.04
CA LEU C 208 -27.64 -41.28 39.83
C LEU C 208 -28.50 -41.06 38.58
N THR C 209 -27.89 -40.62 37.50
CA THR C 209 -28.49 -40.28 36.22
C THR C 209 -29.62 -41.22 35.80
N VAL C 212 -33.47 -40.20 38.28
CA VAL C 212 -33.29 -38.75 38.15
C VAL C 212 -34.28 -38.15 37.15
N GLU C 213 -35.52 -37.93 37.60
CA GLU C 213 -36.56 -37.33 36.77
C GLU C 213 -36.31 -35.83 36.75
N PHE C 214 -36.63 -35.18 35.64
CA PHE C 214 -36.37 -33.75 35.56
C PHE C 214 -37.36 -33.01 34.65
N VAL C 215 -37.28 -31.69 34.73
CA VAL C 215 -37.94 -30.72 33.88
C VAL C 215 -36.89 -29.72 33.39
N GLU C 216 -36.95 -29.32 32.13
CA GLU C 216 -35.97 -28.31 31.72
C GLU C 216 -36.21 -27.03 32.53
N THR C 217 -35.15 -26.30 32.85
CA THR C 217 -35.32 -25.07 33.63
C THR C 217 -36.30 -24.14 32.93
N ARG C 218 -37.40 -23.81 33.62
CA ARG C 218 -38.39 -22.95 32.98
C ARG C 218 -38.46 -21.58 33.65
N PRO C 219 -38.99 -20.60 32.93
CA PRO C 219 -39.09 -19.25 33.48
C PRO C 219 -40.10 -19.20 34.63
N ALA C 220 -40.27 -18.02 35.21
CA ALA C 220 -41.24 -17.84 36.29
C ALA C 220 -42.27 -16.79 35.89
N GLY C 221 -41.75 -15.68 35.33
CA GLY C 221 -42.53 -14.58 34.85
C GLY C 221 -42.01 -13.23 35.28
N ASP C 222 -40.96 -13.21 36.11
CA ASP C 222 -40.44 -11.96 36.65
C ASP C 222 -38.99 -11.69 36.28
N GLY C 223 -38.27 -12.68 35.76
CA GLY C 223 -36.88 -12.47 35.42
C GLY C 223 -35.94 -13.47 36.11
N THR C 224 -36.52 -14.49 36.73
CA THR C 224 -35.79 -15.57 37.36
C THR C 224 -36.30 -16.92 36.84
N PHE C 225 -35.53 -17.98 37.04
CA PHE C 225 -35.92 -19.26 36.44
C PHE C 225 -36.27 -20.33 37.45
N GLN C 226 -36.80 -21.44 36.96
CA GLN C 226 -37.27 -22.54 37.77
C GLN C 226 -36.88 -23.91 37.20
N LYS C 227 -36.89 -24.90 38.07
CA LYS C 227 -36.57 -26.27 37.72
C LYS C 227 -36.46 -27.16 38.95
N TRP C 228 -36.98 -28.38 38.83
CA TRP C 228 -36.89 -29.41 39.84
C TRP C 228 -36.30 -30.70 39.24
N ALA C 229 -35.77 -31.55 40.10
CA ALA C 229 -35.29 -32.87 39.74
C ALA C 229 -35.67 -33.86 40.83
N ALA C 230 -36.38 -34.92 40.45
CA ALA C 230 -36.85 -35.91 41.40
C ALA C 230 -36.35 -37.31 41.09
N VAL C 231 -36.91 -38.31 41.78
CA VAL C 231 -36.55 -39.70 41.62
C VAL C 231 -37.54 -40.62 42.35
N VAL C 232 -36.99 -41.52 43.14
CA VAL C 232 -37.76 -42.50 43.91
C VAL C 232 -36.87 -43.15 44.97
N VAL C 233 -36.92 -42.62 46.19
CA VAL C 233 -36.12 -43.15 47.28
C VAL C 233 -36.87 -44.23 48.04
N PRO C 234 -36.18 -45.31 48.39
CA PRO C 234 -36.81 -46.40 49.13
C PRO C 234 -37.53 -45.89 50.38
N LEU C 235 -38.64 -46.53 50.73
CA LEU C 235 -39.38 -46.12 51.91
C LEU C 235 -38.57 -46.36 53.19
N GLY C 236 -38.46 -45.32 54.02
CA GLY C 236 -37.65 -45.40 55.22
C GLY C 236 -36.19 -45.13 54.91
N LYS C 237 -35.92 -44.76 53.65
CA LYS C 237 -34.57 -44.48 53.21
C LYS C 237 -34.45 -43.05 52.70
N VAL C 238 -35.56 -42.33 52.75
CA VAL C 238 -35.66 -40.95 52.27
C VAL C 238 -34.53 -40.07 52.77
N GLN C 239 -34.15 -40.20 54.04
CA GLN C 239 -33.06 -39.36 54.55
C GLN C 239 -31.73 -39.83 54.00
N SER C 240 -31.70 -41.07 53.54
CA SER C 240 -30.48 -41.69 53.01
C SER C 240 -30.02 -41.01 51.73
N TYR C 241 -30.87 -40.18 51.13
CA TYR C 241 -30.50 -39.48 49.91
C TYR C 241 -30.41 -37.98 50.16
N THR C 242 -29.60 -37.30 49.34
CA THR C 242 -29.43 -35.85 49.49
C THR C 242 -29.54 -35.13 48.16
N CYS C 243 -29.72 -33.81 48.23
CA CYS C 243 -29.83 -32.97 47.05
C CYS C 243 -28.88 -31.77 47.12
N HIS C 244 -27.85 -31.81 46.30
CA HIS C 244 -26.86 -30.75 46.16
C HIS C 244 -27.25 -29.80 45.06
N VAL C 245 -26.80 -28.54 45.11
CA VAL C 245 -27.17 -27.59 44.08
C VAL C 245 -26.10 -26.52 43.88
N ASP C 246 -25.44 -26.53 42.73
CA ASP C 246 -24.41 -25.54 42.42
C ASP C 246 -25.00 -24.43 41.55
N HIS C 247 -24.48 -23.21 41.68
CA HIS C 247 -25.02 -22.11 40.89
C HIS C 247 -24.17 -20.86 40.98
N GLU C 248 -24.27 -20.03 39.94
CA GLU C 248 -23.57 -18.77 39.79
C GLU C 248 -23.57 -17.91 41.04
N GLY C 249 -24.76 -17.50 41.47
CA GLY C 249 -24.91 -16.69 42.68
C GLY C 249 -24.63 -17.49 43.94
N LEU C 250 -24.44 -18.78 43.77
CA LEU C 250 -24.10 -19.69 44.87
C LEU C 250 -22.59 -19.68 45.14
N PRO C 251 -22.16 -18.87 46.10
CA PRO C 251 -20.74 -18.83 46.45
C PRO C 251 -20.32 -20.17 47.05
N GLU C 252 -21.34 -20.84 47.61
CA GLU C 252 -21.25 -22.16 48.24
C GLU C 252 -22.27 -23.09 47.62
N PRO C 253 -21.96 -24.38 47.51
CA PRO C 253 -22.95 -25.35 47.03
C PRO C 253 -24.15 -25.40 47.96
N LEU C 254 -24.96 -26.47 47.86
CA LEU C 254 -26.15 -26.55 48.69
C LEU C 254 -26.59 -27.99 48.91
N THR C 255 -26.27 -28.52 50.10
CA THR C 255 -26.65 -29.89 50.41
C THR C 255 -27.84 -29.89 51.35
N LEU C 256 -28.77 -30.81 51.13
CA LEU C 256 -29.99 -30.87 51.93
C LEU C 256 -30.80 -32.13 51.67
N ARG C 257 -31.79 -32.35 52.54
CA ARG C 257 -32.72 -33.47 52.50
C ARG C 257 -34.14 -32.86 52.56
N TRP C 258 -35.15 -33.65 52.94
CA TRP C 258 -36.53 -33.12 53.00
C TRP C 258 -36.67 -32.01 54.03
N GLU C 259 -36.48 -30.77 53.58
CA GLU C 259 -36.59 -29.63 54.47
C GLU C 259 -35.54 -29.73 55.56
N PRO C 260 -34.76 -28.65 55.71
CA PRO C 260 -33.70 -28.58 56.71
C PRO C 260 -32.53 -29.52 56.44
N ILE D 1 -39.88 -29.02 10.91
CA ILE D 1 -41.12 -28.46 10.37
C ILE D 1 -42.17 -28.29 11.46
N GLN D 2 -42.90 -29.35 11.75
CA GLN D 2 -43.96 -29.44 12.74
C GLN D 2 -43.40 -29.71 14.14
N ARG D 3 -44.10 -29.25 15.18
CA ARG D 3 -43.63 -29.55 16.53
C ARG D 3 -44.73 -29.33 17.57
N THR D 4 -45.26 -30.45 18.06
CA THR D 4 -46.22 -30.49 19.15
C THR D 4 -45.66 -29.80 20.38
N PRO D 5 -46.48 -29.03 21.07
CA PRO D 5 -46.00 -28.30 22.26
C PRO D 5 -46.06 -29.13 23.54
N LYS D 6 -45.20 -28.78 24.48
CA LYS D 6 -45.19 -29.39 25.81
C LYS D 6 -45.65 -28.39 26.86
N ILE D 7 -46.76 -28.69 27.51
CA ILE D 7 -47.33 -27.80 28.52
C ILE D 7 -46.90 -28.15 29.94
N GLN D 8 -46.71 -27.12 30.75
CA GLN D 8 -46.38 -27.26 32.17
C GLN D 8 -47.07 -26.17 32.99
N VAL D 9 -47.65 -26.55 34.13
CA VAL D 9 -48.36 -25.59 34.98
C VAL D 9 -47.78 -25.59 36.40
N TYR D 10 -47.24 -24.44 36.74
CA TYR D 10 -46.55 -24.19 38.00
C TYR D 10 -46.75 -22.75 38.47
N SER D 11 -46.50 -22.53 39.76
CA SER D 11 -46.63 -21.20 40.35
C SER D 11 -45.39 -20.35 40.05
N ARG D 12 -45.18 -19.32 40.85
CA ARG D 12 -43.99 -18.47 40.80
C ARG D 12 -43.12 -18.81 42.02
N HIS D 13 -43.81 -19.15 43.10
CA HIS D 13 -43.23 -19.54 44.38
C HIS D 13 -44.01 -20.72 44.94
N PRO D 14 -43.45 -21.43 45.92
CA PRO D 14 -44.19 -22.54 46.55
C PRO D 14 -45.55 -22.06 47.03
N ALA D 15 -46.55 -22.94 47.03
CA ALA D 15 -47.91 -22.54 47.34
C ALA D 15 -48.19 -22.49 48.84
N GLU D 16 -48.91 -21.44 49.21
CA GLU D 16 -49.48 -21.16 50.50
C GLU D 16 -50.93 -20.71 50.30
N ASN D 17 -51.87 -21.58 50.68
CA ASN D 17 -53.29 -21.28 50.50
C ASN D 17 -53.64 -19.97 51.17
N GLY D 18 -54.26 -19.07 50.40
CA GLY D 18 -54.71 -17.79 50.87
C GLY D 18 -53.85 -16.64 50.41
N LYS D 19 -52.56 -16.88 50.21
CA LYS D 19 -51.65 -15.82 49.81
C LYS D 19 -51.81 -15.47 48.33
N SER D 20 -51.08 -14.46 47.90
CA SER D 20 -51.09 -14.06 46.50
C SER D 20 -49.91 -14.68 45.75
N ASN D 21 -50.20 -15.23 44.57
CA ASN D 21 -49.18 -15.87 43.76
C ASN D 21 -49.40 -15.56 42.28
N PHE D 22 -48.64 -16.22 41.42
CA PHE D 22 -48.79 -16.11 39.98
C PHE D 22 -48.94 -17.50 39.36
N LEU D 23 -49.96 -17.66 38.53
CA LEU D 23 -50.25 -18.88 37.81
C LEU D 23 -49.52 -18.90 36.47
N ASN D 24 -48.86 -20.00 36.12
CA ASN D 24 -48.05 -20.05 34.92
C ASN D 24 -48.36 -21.25 34.04
N CYS D 25 -48.51 -21.02 32.74
CA CYS D 25 -48.65 -22.12 31.79
C CYS D 25 -47.54 -22.01 30.74
N TYR D 26 -46.48 -22.78 30.91
CA TYR D 26 -45.35 -22.73 29.99
C TYR D 26 -45.60 -23.59 28.75
N VAL D 27 -45.61 -22.92 27.61
CA VAL D 27 -45.68 -23.62 26.33
C VAL D 27 -44.35 -23.44 25.59
N SER D 28 -43.89 -24.52 24.97
CA SER D 28 -42.62 -24.51 24.26
C SER D 28 -42.44 -25.80 23.47
N GLY D 29 -41.25 -25.96 22.92
CA GLY D 29 -40.86 -27.11 22.13
C GLY D 29 -41.68 -27.22 20.86
N PHE D 30 -42.24 -26.09 20.42
CA PHE D 30 -43.10 -26.03 19.24
C PHE D 30 -42.76 -25.04 18.13
N HIS D 31 -43.53 -25.14 17.06
CA HIS D 31 -43.39 -24.34 15.85
C HIS D 31 -44.43 -25.03 14.95
N PRO D 32 -45.25 -24.27 14.22
CA PRO D 32 -45.36 -22.82 14.03
C PRO D 32 -45.84 -22.13 15.27
N SER D 33 -45.97 -20.83 15.16
CA SER D 33 -46.39 -20.06 16.30
C SER D 33 -47.90 -20.06 16.53
N ASP D 34 -48.69 -20.63 15.61
CA ASP D 34 -50.14 -20.58 15.76
C ASP D 34 -50.60 -21.43 16.95
N ILE D 35 -50.59 -20.83 18.14
CA ILE D 35 -50.99 -21.48 19.37
C ILE D 35 -52.01 -20.63 20.14
N GLU D 36 -52.76 -21.28 21.01
CA GLU D 36 -53.72 -20.60 21.88
C GLU D 36 -53.69 -21.21 23.28
N VAL D 37 -53.41 -20.40 24.29
CA VAL D 37 -53.31 -20.89 25.66
C VAL D 37 -54.34 -20.23 26.58
N ASP D 38 -55.06 -21.06 27.33
CA ASP D 38 -56.11 -20.65 28.23
C ASP D 38 -56.01 -21.29 29.62
N LEU D 39 -56.05 -20.47 30.66
CA LEU D 39 -56.01 -20.97 32.03
C LEU D 39 -57.41 -21.20 32.60
N LEU D 40 -57.60 -22.33 33.25
CA LEU D 40 -58.89 -22.72 33.81
C LEU D 40 -58.87 -22.75 35.34
N LYS D 41 -59.92 -22.18 35.89
CA LYS D 41 -60.21 -22.16 37.32
C LYS D 41 -61.53 -22.87 37.58
N ASN D 42 -61.46 -24.07 38.12
CA ASN D 42 -62.61 -24.91 38.45
C ASN D 42 -63.40 -25.29 37.19
N GLY D 43 -62.73 -25.23 36.04
CA GLY D 43 -63.34 -25.62 34.78
C GLY D 43 -63.76 -24.45 33.91
N GLU D 44 -63.51 -23.22 34.35
CA GLU D 44 -63.86 -22.03 33.57
C GLU D 44 -62.63 -21.22 33.22
N ARG D 45 -62.63 -20.65 32.02
CA ARG D 45 -61.48 -19.92 31.51
C ARG D 45 -61.50 -18.47 32.01
N ILE D 46 -60.32 -17.91 32.24
CA ILE D 46 -60.17 -16.60 32.84
C ILE D 46 -59.94 -15.50 31.82
N GLU D 47 -60.63 -14.37 32.00
CA GLU D 47 -60.53 -13.27 31.06
C GLU D 47 -59.10 -12.75 30.95
N LYS D 48 -58.68 -11.95 31.93
CA LYS D 48 -57.34 -11.38 31.97
C LYS D 48 -56.29 -12.47 32.17
N VAL D 49 -55.62 -12.80 31.05
CA VAL D 49 -54.52 -13.74 31.01
C VAL D 49 -53.47 -13.23 30.02
N GLU D 50 -52.29 -12.86 30.53
CA GLU D 50 -51.24 -12.30 29.70
C GLU D 50 -50.16 -13.31 29.32
N HIS D 51 -49.15 -12.85 28.59
CA HIS D 51 -48.01 -13.66 28.20
C HIS D 51 -46.83 -12.80 27.75
N SER D 52 -45.78 -13.49 27.37
CA SER D 52 -44.50 -12.92 26.95
C SER D 52 -44.47 -12.65 25.45
N ASP D 53 -43.39 -12.03 24.99
CA ASP D 53 -43.22 -11.80 23.56
C ASP D 53 -42.80 -13.10 22.88
N LEU D 54 -43.11 -13.26 21.59
CA LEU D 54 -42.74 -14.48 20.89
C LEU D 54 -41.23 -14.65 20.77
N SER D 55 -40.74 -15.84 21.10
CA SER D 55 -39.31 -16.10 20.95
C SER D 55 -39.05 -17.58 20.66
N PHE D 56 -37.83 -17.89 20.23
CA PHE D 56 -37.50 -19.27 19.91
C PHE D 56 -36.18 -19.70 20.53
N SER D 57 -35.98 -21.03 20.54
CA SER D 57 -34.75 -21.63 21.03
C SER D 57 -33.78 -21.85 19.88
N LYS D 58 -32.64 -22.48 20.19
CA LYS D 58 -31.63 -22.74 19.17
C LYS D 58 -32.18 -23.66 18.09
N ASP D 59 -33.14 -24.51 18.47
CA ASP D 59 -33.76 -25.43 17.52
C ASP D 59 -34.90 -24.74 16.76
N TRP D 60 -34.97 -23.41 16.89
CA TRP D 60 -35.98 -22.66 16.16
C TRP D 60 -37.39 -22.94 16.67
N SER D 61 -37.51 -23.68 17.77
CA SER D 61 -38.79 -23.96 18.41
C SER D 61 -39.15 -22.82 19.37
N PHE D 62 -40.37 -22.32 19.26
CA PHE D 62 -40.82 -21.17 20.03
C PHE D 62 -41.15 -21.55 21.48
N TYR D 63 -41.36 -20.53 22.30
CA TYR D 63 -41.84 -20.75 23.66
C TYR D 63 -42.67 -19.56 24.13
N LEU D 64 -43.68 -19.81 24.95
CA LEU D 64 -44.51 -18.72 25.46
C LEU D 64 -44.96 -19.02 26.90
N LEU D 65 -44.91 -17.97 27.72
CA LEU D 65 -45.38 -18.06 29.10
C LEU D 65 -46.69 -17.28 29.27
N TYR D 66 -47.74 -17.99 29.63
CA TYR D 66 -49.05 -17.43 29.92
C TYR D 66 -49.28 -17.40 31.44
N TYR D 67 -49.37 -16.20 31.99
CA TYR D 67 -49.50 -16.03 33.42
C TYR D 67 -50.78 -15.27 33.81
N THR D 68 -50.99 -15.19 35.11
CA THR D 68 -52.06 -14.52 35.81
C THR D 68 -51.77 -14.48 37.31
N GLU D 69 -52.25 -13.44 37.96
CA GLU D 69 -52.19 -13.36 39.42
C GLU D 69 -53.32 -14.18 40.01
N PHE D 70 -53.01 -15.11 40.91
CA PHE D 70 -54.06 -15.93 41.53
C PHE D 70 -53.71 -16.27 42.96
N THR D 71 -54.68 -16.68 43.77
CA THR D 71 -54.37 -17.01 45.17
C THR D 71 -54.93 -18.39 45.53
N PRO D 72 -54.05 -19.38 45.43
CA PRO D 72 -54.42 -20.78 45.64
C PRO D 72 -55.19 -21.00 46.94
N THR D 73 -56.20 -21.86 46.87
CA THR D 73 -56.96 -22.30 48.03
C THR D 73 -57.20 -23.81 47.94
N GLU D 74 -57.77 -24.34 49.02
CA GLU D 74 -58.01 -25.75 49.20
C GLU D 74 -59.12 -26.30 48.32
N LYS D 75 -59.85 -25.43 47.62
CA LYS D 75 -60.97 -25.90 46.79
C LYS D 75 -60.74 -25.60 45.33
N ASP D 76 -60.37 -24.37 45.02
CA ASP D 76 -60.21 -23.92 43.63
C ASP D 76 -59.23 -24.80 42.85
N GLU D 77 -59.75 -25.51 41.86
CA GLU D 77 -59.00 -26.41 41.00
C GLU D 77 -58.56 -25.74 39.70
N TYR D 78 -57.27 -25.83 39.39
CA TYR D 78 -56.72 -25.14 38.22
C TYR D 78 -56.09 -26.07 37.20
N ALA D 79 -55.80 -25.53 36.02
CA ALA D 79 -55.23 -26.26 34.90
C ALA D 79 -55.03 -25.35 33.70
N CYS D 80 -54.60 -25.95 32.58
CA CYS D 80 -54.30 -25.19 31.37
C CYS D 80 -54.72 -25.97 30.12
N ARG D 81 -55.43 -25.29 29.23
CA ARG D 81 -55.90 -25.85 27.96
C ARG D 81 -55.11 -25.24 26.81
N VAL D 82 -54.68 -26.08 25.86
CA VAL D 82 -53.91 -25.53 24.74
C VAL D 82 -54.47 -26.03 23.42
N ASN D 83 -54.28 -25.24 22.37
CA ASN D 83 -54.74 -25.61 21.04
C ASN D 83 -53.69 -25.31 19.97
N HIS D 84 -53.16 -26.36 19.37
CA HIS D 84 -52.11 -26.27 18.37
C HIS D 84 -52.40 -27.18 17.17
N VAL D 85 -51.99 -26.71 16.00
CA VAL D 85 -52.15 -27.40 14.73
C VAL D 85 -51.92 -28.91 14.85
N THR D 86 -50.84 -29.27 15.54
CA THR D 86 -50.53 -30.67 15.77
C THR D 86 -51.39 -31.28 16.87
N LEU D 87 -52.70 -31.00 16.85
CA LEU D 87 -53.57 -31.53 17.88
C LEU D 87 -54.91 -32.00 17.32
N SER D 88 -55.30 -33.22 17.65
CA SER D 88 -56.60 -33.74 17.21
C SER D 88 -57.72 -33.12 18.04
N GLN D 89 -57.36 -32.70 19.25
CA GLN D 89 -58.31 -32.11 20.19
C GLN D 89 -57.58 -31.33 21.28
N PRO D 90 -58.32 -30.45 21.95
CA PRO D 90 -57.75 -29.70 23.07
C PRO D 90 -56.95 -30.57 24.04
N LYS D 91 -55.82 -30.02 24.48
CA LYS D 91 -54.97 -30.65 25.48
C LYS D 91 -55.14 -29.93 26.81
N ILE D 92 -55.52 -30.68 27.85
CA ILE D 92 -55.79 -30.08 29.15
C ILE D 92 -54.91 -30.69 30.23
N VAL D 93 -53.96 -29.88 30.71
CA VAL D 93 -53.06 -30.31 31.76
C VAL D 93 -53.53 -29.74 33.09
N LYS D 94 -53.46 -30.51 34.16
CA LYS D 94 -53.95 -30.05 35.46
C LYS D 94 -52.85 -29.32 36.23
N TRP D 95 -53.21 -28.79 37.40
CA TRP D 95 -52.25 -28.15 38.27
C TRP D 95 -52.02 -28.95 39.54
N ASP D 96 -50.96 -29.76 39.53
CA ASP D 96 -50.58 -30.46 40.75
C ASP D 96 -50.14 -29.42 41.77
N ARG D 97 -50.38 -29.69 43.05
CA ARG D 97 -50.04 -28.77 44.12
C ARG D 97 -48.62 -28.24 43.98
N ASP D 98 -47.73 -29.11 43.50
CA ASP D 98 -46.32 -28.79 43.33
C ASP D 98 -45.70 -29.46 42.11
N MET D 99 -45.92 -28.90 40.91
CA MET D 99 -45.22 -29.36 39.72
C MET D 99 -45.44 -28.45 38.54
N GLY E 1 11.39 -28.01 30.17
CA GLY E 1 10.48 -28.17 31.29
C GLY E 1 11.21 -28.19 32.63
N SER E 2 11.14 -29.32 33.33
CA SER E 2 11.79 -29.42 34.63
C SER E 2 13.01 -30.33 34.57
N HIS E 3 13.96 -30.10 35.49
CA HIS E 3 15.15 -30.93 35.56
C HIS E 3 15.29 -31.55 36.95
N SER E 4 16.52 -31.72 37.41
CA SER E 4 16.73 -32.29 38.73
C SER E 4 18.21 -32.42 39.07
N LEU E 5 18.45 -32.73 40.33
CA LEU E 5 19.79 -32.83 40.89
C LEU E 5 19.79 -33.73 42.11
N ARG E 6 19.53 -35.03 41.89
CA ARG E 6 19.48 -35.94 43.03
C ARG E 6 20.87 -36.49 43.35
N TYR E 7 21.13 -36.66 44.64
CA TYR E 7 22.38 -37.25 45.12
C TYR E 7 22.11 -38.62 45.73
N PHE E 8 22.99 -39.57 45.44
CA PHE E 8 22.81 -40.92 45.96
C PHE E 8 23.88 -41.22 46.99
N TYR E 9 23.57 -42.07 47.96
CA TYR E 9 24.47 -42.35 49.08
C TYR E 9 24.32 -43.80 49.50
N THR E 10 25.41 -44.56 49.39
CA THR E 10 25.42 -45.93 49.85
C THR E 10 26.55 -46.11 50.87
N ALA E 11 26.19 -46.61 52.05
CA ALA E 11 27.17 -46.88 53.10
C ALA E 11 26.94 -48.29 53.64
N VAL E 12 28.02 -49.06 53.74
CA VAL E 12 27.92 -50.45 54.18
C VAL E 12 28.95 -50.71 55.27
N SER E 13 28.70 -51.73 56.09
CA SER E 13 29.59 -52.15 57.16
C SER E 13 30.00 -53.61 56.98
N ARG E 14 31.11 -54.01 57.61
CA ARG E 14 31.62 -55.36 57.48
C ARG E 14 31.71 -56.09 58.82
N PRO E 15 31.24 -57.34 58.83
CA PRO E 15 31.38 -58.21 60.00
C PRO E 15 32.79 -58.19 60.56
N GLY E 16 33.05 -57.21 61.42
CA GLY E 16 34.33 -57.02 62.07
C GLY E 16 35.53 -57.24 61.16
N LEU E 17 35.39 -56.86 59.89
CA LEU E 17 36.48 -56.98 58.93
C LEU E 17 37.15 -55.63 58.66
N GLY E 18 36.79 -54.62 59.44
CA GLY E 18 37.31 -53.27 59.30
C GLY E 18 36.24 -52.20 59.38
N GLU E 19 36.57 -51.00 58.92
CA GLU E 19 35.63 -49.87 58.97
C GLU E 19 34.71 -49.87 57.76
N PRO E 20 33.49 -49.34 57.92
CA PRO E 20 32.53 -49.25 56.82
C PRO E 20 32.95 -48.26 55.73
N TRP E 21 32.25 -48.31 54.61
CA TRP E 21 32.57 -47.45 53.47
C TRP E 21 31.36 -46.70 52.94
N PHE E 22 31.60 -45.86 51.94
CA PHE E 22 30.51 -45.14 51.27
C PHE E 22 30.80 -44.96 49.79
N ILE E 23 29.75 -44.67 49.04
CA ILE E 23 29.77 -44.32 47.62
C ILE E 23 28.59 -43.42 47.28
N ILE E 24 28.88 -42.23 46.75
CA ILE E 24 27.83 -41.27 46.43
C ILE E 24 27.74 -41.01 44.93
N VAL E 25 26.52 -40.76 44.46
CA VAL E 25 26.30 -40.53 43.03
C VAL E 25 25.52 -39.25 42.78
N GLY E 26 25.98 -38.46 41.80
CA GLY E 26 25.30 -37.25 41.39
C GLY E 26 24.61 -37.45 40.04
N TYR E 27 23.35 -37.05 39.94
CA TYR E 27 22.58 -37.27 38.71
C TYR E 27 21.78 -36.03 38.29
N VAL E 28 22.12 -35.44 37.15
CA VAL E 28 21.32 -34.32 36.64
C VAL E 28 20.32 -34.85 35.63
N ASP E 29 19.08 -34.95 36.07
CA ASP E 29 18.00 -35.55 35.31
C ASP E 29 18.24 -37.06 35.21
N ASP E 30 18.60 -37.55 34.03
CA ASP E 30 18.84 -38.98 33.87
C ASP E 30 20.29 -39.27 33.49
N MET E 31 21.17 -38.32 33.77
CA MET E 31 22.60 -38.40 33.50
C MET E 31 23.43 -38.38 34.78
N GLN E 32 24.54 -39.12 34.79
CA GLN E 32 25.41 -39.15 35.96
C GLN E 32 26.51 -38.09 35.84
N VAL E 33 26.43 -37.06 36.67
CA VAL E 33 27.38 -35.95 36.62
C VAL E 33 28.48 -36.05 37.67
N LEU E 34 28.31 -36.88 38.70
CA LEU E 34 29.30 -36.93 39.77
C LEU E 34 29.29 -38.28 40.49
N ARG E 35 30.42 -38.60 41.13
CA ARG E 35 30.57 -39.82 41.90
C ARG E 35 31.76 -39.72 42.86
N PHE E 36 31.51 -40.06 44.12
CA PHE E 36 32.53 -40.01 45.16
C PHE E 36 32.51 -41.27 46.03
N SER E 37 33.67 -41.86 46.23
CA SER E 37 33.79 -43.07 47.03
C SER E 37 34.74 -42.87 48.19
N SER E 38 34.74 -43.79 49.15
CA SER E 38 35.73 -43.69 50.23
C SER E 38 37.10 -44.09 49.70
N LYS E 39 38.14 -43.78 50.45
CA LYS E 39 39.54 -43.98 50.06
C LYS E 39 39.98 -42.88 49.10
N GLU E 40 39.16 -42.59 48.10
CA GLU E 40 39.43 -41.53 47.14
C GLU E 40 39.11 -40.16 47.75
N GLU E 41 40.11 -39.27 47.70
CA GLU E 41 39.99 -37.96 48.30
C GLU E 41 39.76 -36.86 47.27
N THR E 42 38.96 -37.16 46.26
CA THR E 42 38.66 -36.16 45.23
C THR E 42 37.58 -36.68 44.28
N PRO E 43 36.40 -36.07 44.39
CA PRO E 43 35.22 -36.48 43.64
C PRO E 43 35.46 -36.45 42.14
N ARG E 44 34.97 -37.49 41.47
CA ARG E 44 35.07 -37.57 40.01
C ARG E 44 33.97 -36.72 39.33
N MET E 45 34.32 -35.78 38.46
CA MET E 45 33.35 -34.90 37.73
C MET E 45 33.18 -35.37 36.25
N ALA E 46 31.96 -35.48 35.64
CA ALA E 46 31.73 -35.95 34.21
C ALA E 46 32.68 -35.33 33.18
N PRO E 47 33.19 -36.08 32.14
CA PRO E 47 34.14 -35.53 31.16
C PRO E 47 33.50 -34.50 30.25
N TRP E 48 32.36 -34.69 29.65
CA TRP E 48 31.86 -33.70 28.66
C TRP E 48 31.62 -32.26 29.05
N LEU E 49 31.32 -32.07 30.32
CA LEU E 49 31.04 -30.76 30.87
C LEU E 49 32.26 -29.83 30.70
N GLU E 50 32.44 -28.92 31.64
CA GLU E 50 33.57 -27.97 31.70
C GLU E 50 34.24 -28.37 33.01
N GLN E 51 35.55 -28.24 33.12
CA GLN E 51 36.20 -28.66 34.35
C GLN E 51 36.59 -27.53 35.29
N GLU E 52 37.17 -27.88 36.44
CA GLU E 52 37.57 -26.86 37.38
C GLU E 52 38.66 -25.97 36.83
N GLU E 53 38.30 -25.11 35.86
CA GLU E 53 39.29 -24.16 35.40
C GLU E 53 39.39 -23.01 36.42
N ALA E 54 38.65 -21.94 36.14
CA ALA E 54 38.52 -20.81 37.04
C ALA E 54 37.20 -20.92 37.80
N ASP E 55 36.53 -22.03 37.52
CA ASP E 55 35.26 -22.46 38.08
C ASP E 55 35.41 -22.92 39.53
N ASP E 56 34.30 -22.95 40.26
CA ASP E 56 34.31 -23.45 41.62
C ASP E 56 33.35 -24.63 41.76
N TRP E 57 33.93 -25.82 41.88
CA TRP E 57 33.18 -27.05 42.09
C TRP E 57 33.43 -27.55 43.52
N GLU E 58 34.18 -26.77 44.29
CA GLU E 58 34.52 -27.12 45.66
C GLU E 58 33.33 -26.87 46.59
N GLN E 59 32.25 -26.37 46.01
CA GLN E 59 30.98 -26.20 46.68
C GLN E 59 30.36 -27.57 46.97
N GLN E 60 30.63 -28.47 46.03
CA GLN E 60 30.15 -29.84 45.99
C GLN E 60 31.05 -30.79 46.75
N THR E 61 32.29 -30.88 46.28
CA THR E 61 33.28 -31.78 46.85
C THR E 61 33.48 -31.53 48.35
N HIS E 62 33.20 -30.31 48.78
CA HIS E 62 33.31 -29.91 50.18
C HIS E 62 32.16 -30.43 51.03
N ILE E 63 30.95 -30.39 50.49
CA ILE E 63 29.74 -30.78 51.18
C ILE E 63 29.48 -32.28 51.14
N VAL E 64 30.16 -32.99 50.22
CA VAL E 64 29.99 -34.43 50.14
C VAL E 64 31.01 -35.16 50.99
N THR E 65 32.24 -34.63 51.04
CA THR E 65 33.26 -35.27 51.89
C THR E 65 32.76 -35.32 53.33
N ILE E 66 32.18 -34.19 53.75
CA ILE E 66 31.54 -34.05 55.04
C ILE E 66 30.33 -34.97 55.11
N GLN E 67 29.40 -34.76 54.16
CA GLN E 67 28.19 -35.56 54.09
C GLN E 67 28.51 -37.05 54.14
N GLY E 68 29.40 -37.48 53.26
CA GLY E 68 29.82 -38.87 53.23
C GLY E 68 30.36 -39.32 54.58
N GLN E 69 30.92 -38.37 55.32
CA GLN E 69 31.49 -38.58 56.64
C GLN E 69 30.43 -38.76 57.72
N LEU E 70 29.19 -39.02 57.33
CA LEU E 70 28.11 -39.18 58.29
C LEU E 70 27.79 -40.65 58.50
N SER E 71 28.21 -41.47 57.55
CA SER E 71 28.03 -42.91 57.56
C SER E 71 28.41 -43.53 58.89
N GLU E 72 29.71 -43.64 59.12
CA GLU E 72 30.26 -44.24 60.32
C GLU E 72 29.61 -43.66 61.58
N ARG E 73 29.22 -42.38 61.52
CA ARG E 73 28.57 -41.75 62.66
C ARG E 73 27.05 -41.78 62.50
N ASN E 74 26.56 -42.67 61.63
CA ASN E 74 25.12 -42.80 61.44
C ASN E 74 24.70 -44.26 61.46
N LEU E 75 25.11 -45.00 60.43
CA LEU E 75 24.83 -46.43 60.33
C LEU E 75 25.18 -47.16 61.62
N MET E 76 26.34 -46.83 62.18
CA MET E 76 26.91 -47.44 63.36
C MET E 76 25.96 -47.37 64.56
N THR E 77 25.45 -46.18 64.83
CA THR E 77 24.50 -45.97 65.91
C THR E 77 23.12 -46.48 65.51
N LEU E 78 22.84 -46.39 64.21
CA LEU E 78 21.60 -46.85 63.60
C LEU E 78 21.48 -48.37 63.66
N VAL E 79 22.58 -49.02 64.02
CA VAL E 79 22.58 -50.47 64.16
C VAL E 79 22.42 -50.83 65.64
N HIS E 80 22.99 -50.00 66.51
CA HIS E 80 22.85 -50.22 67.95
C HIS E 80 21.37 -50.19 68.33
N PHE E 81 20.72 -49.08 67.99
CA PHE E 81 19.30 -48.95 68.28
C PHE E 81 18.51 -50.13 67.70
N TYR E 82 18.64 -50.34 66.40
CA TYR E 82 17.95 -51.44 65.73
C TYR E 82 18.47 -52.79 66.21
N ASN E 83 19.63 -52.77 66.84
CA ASN E 83 20.31 -53.90 67.43
C ASN E 83 20.09 -55.19 66.63
N LYS E 84 20.17 -55.08 65.31
CA LYS E 84 19.93 -56.19 64.40
C LYS E 84 20.80 -57.40 64.73
N SER E 85 22.11 -57.25 64.55
CA SER E 85 23.07 -58.31 64.82
C SER E 85 24.49 -57.77 64.63
N MET E 86 25.25 -57.70 65.73
CA MET E 86 26.61 -57.17 65.69
C MET E 86 27.56 -58.18 65.05
N ASP E 87 27.06 -59.39 64.84
CA ASP E 87 27.84 -60.46 64.22
C ASP E 87 27.29 -60.71 62.81
N ASP E 88 26.97 -59.63 62.12
CA ASP E 88 26.43 -59.62 60.78
C ASP E 88 26.87 -58.34 60.04
N SER E 89 26.18 -58.04 58.95
CA SER E 89 26.42 -56.89 58.09
C SER E 89 25.11 -56.22 57.68
N HIS E 90 25.10 -54.89 57.70
CA HIS E 90 23.93 -54.07 57.44
C HIS E 90 24.28 -52.86 56.57
N THR E 91 23.27 -52.26 55.94
CA THR E 91 23.50 -51.09 55.10
C THR E 91 22.42 -50.02 55.32
N LEU E 92 22.70 -48.82 54.85
CA LEU E 92 21.79 -47.66 54.92
C LEU E 92 22.01 -46.75 53.73
N GLN E 93 20.92 -46.27 53.12
CA GLN E 93 21.06 -45.41 51.94
C GLN E 93 20.40 -44.04 52.13
N TRP E 94 21.07 -43.01 51.65
CA TRP E 94 20.64 -41.62 51.71
C TRP E 94 20.34 -41.09 50.30
N LEU E 95 19.38 -40.17 50.18
CA LEU E 95 19.04 -39.61 48.87
C LEU E 95 18.43 -38.22 48.99
N GLN E 96 19.23 -37.22 48.64
CA GLN E 96 18.84 -35.81 48.63
C GLN E 96 18.48 -35.36 47.22
N ASP E 97 18.23 -34.07 46.99
CA ASP E 97 17.92 -33.64 45.65
C ASP E 97 16.91 -32.52 45.55
N CYS E 98 16.52 -32.17 44.33
CA CYS E 98 15.54 -31.09 44.15
C CYS E 98 15.03 -31.00 42.71
N ASP E 99 13.73 -30.80 42.59
CA ASP E 99 13.02 -30.53 41.35
C ASP E 99 12.68 -29.04 41.25
N VAL E 100 13.41 -28.33 40.39
CA VAL E 100 13.39 -26.89 40.32
C VAL E 100 12.74 -26.34 39.05
N GLU E 101 12.01 -25.24 39.19
CA GLU E 101 11.40 -24.54 38.07
C GLU E 101 11.55 -23.03 38.29
N PRO E 102 12.62 -22.50 37.70
CA PRO E 102 12.95 -21.08 37.82
C PRO E 102 11.91 -20.18 37.15
N ASP E 103 10.72 -20.09 37.77
CA ASP E 103 9.66 -19.20 37.30
C ASP E 103 8.64 -18.98 38.41
N ARG E 104 8.09 -20.09 38.91
CA ARG E 104 7.19 -19.99 40.05
C ARG E 104 7.98 -19.97 41.35
N HIS E 105 9.27 -19.63 41.26
CA HIS E 105 10.17 -19.75 42.40
C HIS E 105 10.04 -21.16 42.99
N LEU E 106 9.92 -22.12 42.09
CA LEU E 106 9.68 -23.51 42.41
C LEU E 106 10.93 -24.22 42.94
N CYS E 107 10.68 -25.21 43.79
CA CYS E 107 11.76 -26.04 44.32
C CYS E 107 11.17 -27.19 45.12
N LEU E 108 11.53 -28.42 44.71
CA LEU E 108 11.09 -29.63 45.38
C LEU E 108 12.26 -30.28 46.11
N TRP E 109 12.34 -30.10 47.42
CA TRP E 109 13.42 -30.69 48.20
C TRP E 109 13.07 -32.08 48.71
N TYR E 110 13.95 -33.04 48.52
CA TYR E 110 13.72 -34.42 48.94
C TYR E 110 14.74 -34.88 49.97
N ASN E 111 14.41 -35.92 50.74
CA ASN E 111 15.33 -36.46 51.74
C ASN E 111 14.77 -37.71 52.40
N GLN E 112 15.30 -38.87 52.03
CA GLN E 112 14.89 -40.16 52.58
C GLN E 112 16.08 -41.03 52.94
N LEU E 113 15.96 -41.82 53.99
CA LEU E 113 17.02 -42.75 54.37
C LEU E 113 16.42 -44.13 54.61
N ALA E 114 17.18 -45.19 54.35
CA ALA E 114 16.63 -46.53 54.55
C ALA E 114 17.66 -47.46 55.19
N TYR E 115 17.21 -48.32 56.10
CA TYR E 115 18.12 -49.21 56.80
C TYR E 115 17.83 -50.68 56.47
N ASP E 116 18.62 -51.23 55.56
CA ASP E 116 18.44 -52.59 55.06
C ASP E 116 17.14 -52.65 54.25
N SER E 117 16.87 -51.57 53.53
CA SER E 117 15.73 -51.39 52.65
C SER E 117 14.48 -50.99 53.42
N GLU E 118 14.64 -50.27 54.54
CA GLU E 118 13.47 -49.92 55.33
C GLU E 118 13.38 -48.42 55.59
N ASP E 119 12.42 -47.77 54.96
CA ASP E 119 12.22 -46.33 55.08
C ASP E 119 12.20 -45.89 56.54
N LEU E 120 12.99 -44.86 56.84
CA LEU E 120 13.10 -44.25 58.16
C LEU E 120 12.63 -42.79 58.12
N PRO E 121 11.81 -42.49 59.14
CA PRO E 121 11.18 -41.21 59.42
C PRO E 121 12.25 -40.14 59.53
N THR E 122 12.06 -39.06 58.77
CA THR E 122 13.01 -37.94 58.76
C THR E 122 12.49 -36.64 59.38
N LEU E 123 11.30 -36.64 59.97
CA LEU E 123 10.74 -35.44 60.61
C LEU E 123 10.43 -34.21 59.75
N SER E 124 11.20 -33.98 58.69
CA SER E 124 10.95 -32.83 57.83
C SER E 124 10.31 -33.23 56.52
N GLU E 125 9.41 -34.21 56.55
CA GLU E 125 8.76 -34.72 55.34
C GLU E 125 9.78 -35.06 54.27
N ASN E 126 9.34 -35.29 53.03
CA ASN E 126 10.31 -35.66 51.99
C ASN E 126 10.27 -34.68 50.82
N PRO E 127 9.13 -34.51 50.19
CA PRO E 127 9.08 -33.67 48.97
C PRO E 127 8.82 -32.20 49.33
N SER E 128 9.33 -31.81 50.49
CA SER E 128 9.19 -30.49 51.10
C SER E 128 9.39 -29.34 50.12
N SER E 129 9.66 -28.16 50.68
CA SER E 129 9.95 -26.96 49.89
C SER E 129 11.29 -26.36 50.32
N CYS E 130 12.15 -26.09 49.36
CA CYS E 130 13.49 -25.55 49.63
C CYS E 130 13.50 -24.03 49.65
N THR E 131 13.78 -23.46 50.82
CA THR E 131 13.84 -22.02 51.01
C THR E 131 14.67 -21.35 49.93
N GLN E 142 25.04 -29.38 56.14
CA GLN E 142 23.75 -30.01 55.94
C GLN E 142 22.80 -29.16 55.08
N HIS E 143 23.16 -27.91 54.82
CA HIS E 143 22.27 -27.12 53.99
C HIS E 143 22.50 -27.36 52.51
N LEU E 144 22.38 -28.63 52.08
CA LEU E 144 22.60 -28.94 50.67
C LEU E 144 21.47 -28.34 49.83
N GLU E 145 20.38 -28.03 50.50
CA GLU E 145 19.19 -27.44 49.91
C GLU E 145 19.48 -26.06 49.33
N GLY E 146 20.23 -25.26 50.08
CA GLY E 146 20.56 -23.89 49.73
C GLY E 146 21.00 -23.74 48.28
N HIS E 147 22.13 -24.38 47.96
CA HIS E 147 22.72 -24.26 46.63
C HIS E 147 22.16 -25.29 45.66
N CYS E 148 21.05 -25.95 45.98
CA CYS E 148 20.55 -26.92 45.00
C CYS E 148 20.19 -26.24 43.68
N SER E 149 19.17 -25.38 43.71
CA SER E 149 18.77 -24.68 42.48
C SER E 149 19.96 -23.93 41.88
N ASP E 150 20.82 -23.46 42.78
CA ASP E 150 22.00 -22.70 42.40
C ASP E 150 22.96 -23.57 41.60
N VAL E 151 23.21 -24.78 42.08
CA VAL E 151 24.11 -25.70 41.39
C VAL E 151 23.43 -26.31 40.17
N LEU E 152 22.14 -26.62 40.29
CA LEU E 152 21.38 -27.18 39.19
C LEU E 152 21.42 -26.29 37.94
N GLN E 153 21.15 -25.01 38.13
CA GLN E 153 21.13 -24.02 37.07
C GLN E 153 22.51 -23.71 36.51
N LYS E 154 23.53 -24.40 36.97
CA LYS E 154 24.90 -24.23 36.48
C LYS E 154 25.34 -25.50 35.74
N TYR E 155 24.88 -26.64 36.24
CA TYR E 155 25.15 -27.92 35.59
C TYR E 155 24.63 -27.89 34.16
N LEU E 156 23.54 -27.15 33.97
CA LEU E 156 22.95 -26.96 32.66
C LEU E 156 23.76 -25.99 31.82
N GLU E 157 24.82 -25.46 32.43
CA GLU E 157 25.71 -24.50 31.79
C GLU E 157 27.04 -25.14 31.41
N LYS E 158 27.39 -26.21 32.11
CA LYS E 158 28.63 -26.93 31.87
C LYS E 158 28.46 -28.04 30.84
N GLY E 159 27.23 -28.54 30.72
CA GLY E 159 26.90 -29.61 29.80
C GLY E 159 25.55 -29.39 29.12
N LYS E 160 25.28 -28.14 28.77
CA LYS E 160 24.09 -27.76 28.04
C LYS E 160 23.87 -28.70 26.85
N GLU E 161 24.95 -29.10 26.20
CA GLU E 161 24.85 -29.91 24.99
C GLU E 161 24.40 -31.34 25.30
N ARG E 162 24.82 -31.88 26.45
CA ARG E 162 24.37 -33.22 26.81
C ARG E 162 23.06 -33.16 27.59
N LEU E 163 22.91 -32.10 28.37
CA LEU E 163 21.79 -31.95 29.30
C LEU E 163 20.58 -31.29 28.66
N LEU E 164 20.81 -30.48 27.63
CA LEU E 164 19.68 -29.92 26.88
C LEU E 164 19.49 -30.72 25.59
N ARG E 165 18.67 -31.78 25.66
CA ARG E 165 18.52 -32.64 24.50
C ARG E 165 17.37 -33.63 24.67
N SER E 166 16.55 -33.72 23.63
CA SER E 166 15.44 -34.66 23.57
C SER E 166 15.67 -35.70 22.48
N ASP E 167 16.26 -36.82 22.85
CA ASP E 167 16.65 -37.90 21.97
C ASP E 167 15.57 -38.97 21.87
N PRO E 168 15.01 -39.12 20.67
CA PRO E 168 13.88 -40.03 20.46
C PRO E 168 14.34 -41.48 20.32
N PRO E 169 13.40 -42.40 20.41
CA PRO E 169 13.65 -43.83 20.30
C PRO E 169 13.58 -44.36 18.87
N LYS E 170 14.16 -45.54 18.67
CA LYS E 170 14.11 -46.22 17.37
C LYS E 170 13.64 -47.65 17.58
N ALA E 171 12.46 -47.97 17.07
CA ALA E 171 11.80 -49.23 17.40
C ALA E 171 11.70 -50.23 16.25
N HIS E 172 11.67 -51.49 16.64
CA HIS E 172 11.50 -52.67 15.81
C HIS E 172 10.92 -53.83 16.65
N VAL E 173 10.34 -54.80 15.96
CA VAL E 173 9.63 -55.95 16.51
C VAL E 173 10.22 -57.26 16.03
N THR E 174 10.19 -58.30 16.86
CA THR E 174 10.82 -59.57 16.51
C THR E 174 9.83 -60.74 16.55
N ARG E 175 9.94 -61.63 15.58
CA ARG E 175 9.08 -62.81 15.52
C ARG E 175 9.83 -64.09 15.92
N HIS E 176 9.37 -64.70 17.00
CA HIS E 176 9.93 -65.94 17.50
C HIS E 176 8.81 -66.94 17.79
N PRO E 177 8.51 -67.78 16.80
CA PRO E 177 7.51 -68.84 16.94
C PRO E 177 7.65 -69.58 18.26
N ARG E 178 6.55 -69.66 19.01
CA ARG E 178 6.58 -70.21 20.36
C ARG E 178 6.62 -71.74 20.38
N PRO E 179 7.66 -72.25 21.04
CA PRO E 179 7.83 -73.68 21.22
C PRO E 179 6.70 -74.26 22.07
N GLU E 180 5.51 -74.30 21.46
CA GLU E 180 4.33 -74.87 22.10
C GLU E 180 3.26 -75.12 21.04
N GLY E 181 3.14 -74.16 20.14
CA GLY E 181 2.25 -74.18 19.01
C GLY E 181 1.84 -72.79 18.55
N ASP E 182 2.32 -71.78 19.27
CA ASP E 182 1.92 -70.41 19.03
C ASP E 182 3.05 -69.53 18.50
N VAL E 183 2.86 -68.22 18.64
CA VAL E 183 3.72 -67.17 18.14
C VAL E 183 4.13 -66.21 19.25
N THR E 184 5.17 -65.43 19.00
CA THR E 184 5.71 -64.44 19.92
C THR E 184 5.95 -63.10 19.23
N LEU E 185 6.06 -62.03 19.98
CA LEU E 185 6.38 -60.70 19.49
C LEU E 185 7.00 -59.85 20.61
N ARG E 186 8.03 -59.08 20.27
CA ARG E 186 8.68 -58.21 21.24
C ARG E 186 8.97 -56.83 20.66
N CYS E 187 8.43 -55.78 21.28
CA CYS E 187 8.62 -54.44 20.72
C CYS E 187 9.81 -53.76 21.37
N TRP E 188 10.75 -53.32 20.52
CA TRP E 188 11.96 -52.68 20.98
C TRP E 188 11.91 -51.16 20.88
N ALA E 189 12.80 -50.53 21.63
CA ALA E 189 13.02 -49.10 21.67
C ALA E 189 14.47 -48.83 22.05
N LEU E 190 15.24 -48.22 21.14
CA LEU E 190 16.65 -47.99 21.42
C LEU E 190 17.08 -46.56 21.08
N GLY E 191 18.09 -46.07 21.80
CA GLY E 191 18.69 -44.79 21.54
C GLY E 191 18.02 -43.58 22.11
N PHE E 192 16.99 -43.74 22.93
CA PHE E 192 16.30 -42.59 23.49
C PHE E 192 16.88 -41.94 24.75
N TYR E 193 16.65 -40.64 24.85
CA TYR E 193 17.02 -39.81 26.00
C TYR E 193 15.90 -38.77 26.07
N PRO E 194 15.28 -38.59 27.25
CA PRO E 194 15.48 -39.25 28.55
C PRO E 194 14.79 -40.60 28.74
N ALA E 195 15.04 -41.21 29.90
CA ALA E 195 14.51 -42.54 30.25
C ALA E 195 13.00 -42.71 30.40
N ASP E 196 12.24 -41.71 30.06
CA ASP E 196 10.80 -41.79 30.21
C ASP E 196 10.10 -42.07 28.89
N ILE E 197 9.43 -43.21 28.81
CA ILE E 197 8.73 -43.61 27.58
C ILE E 197 7.60 -44.56 27.92
N THR E 198 6.67 -44.77 26.99
CA THR E 198 5.53 -45.65 27.24
C THR E 198 5.43 -46.74 26.17
N LEU E 199 5.67 -47.97 26.57
CA LEU E 199 5.67 -49.13 25.69
C LEU E 199 4.48 -50.04 25.96
N THR E 200 3.52 -50.07 25.04
CA THR E 200 2.30 -50.84 25.24
C THR E 200 1.91 -51.67 24.02
N TRP E 201 1.34 -52.84 24.28
CA TRP E 201 0.79 -53.70 23.25
C TRP E 201 -0.74 -53.69 23.33
N GLN E 202 -1.39 -53.47 22.19
CA GLN E 202 -2.84 -53.49 22.12
C GLN E 202 -3.32 -54.46 21.05
N LYS E 203 -4.62 -54.79 21.10
CA LYS E 203 -5.24 -55.72 20.19
C LYS E 203 -6.37 -55.04 19.39
N ASP E 204 -5.99 -54.20 18.43
CA ASP E 204 -6.97 -53.51 17.61
C ASP E 204 -7.87 -52.61 18.45
N GLY E 205 -7.28 -51.88 19.39
CA GLY E 205 -8.02 -50.94 20.21
C GLY E 205 -8.23 -51.42 21.64
N GLU E 206 -7.63 -52.54 21.98
CA GLU E 206 -7.74 -53.11 23.32
C GLU E 206 -6.35 -53.39 23.89
N GLU E 207 -6.04 -52.81 25.03
CA GLU E 207 -4.72 -52.90 25.65
C GLU E 207 -4.25 -54.34 25.82
N LEU E 208 -3.13 -54.51 26.51
CA LEU E 208 -2.56 -55.84 26.74
C LEU E 208 -1.54 -55.82 27.86
N THR E 209 -2.01 -55.81 29.11
CA THR E 209 -1.12 -55.71 30.26
C THR E 209 -0.92 -57.04 30.97
N GLN E 210 -2.00 -57.81 31.11
CA GLN E 210 -1.94 -59.09 31.79
C GLN E 210 -0.86 -59.98 31.20
N ASP E 211 -0.78 -59.99 29.86
CA ASP E 211 0.19 -60.79 29.15
C ASP E 211 1.47 -60.03 28.80
N VAL E 212 1.41 -58.70 28.77
CA VAL E 212 2.61 -57.93 28.44
C VAL E 212 3.82 -58.30 29.28
N GLU E 213 4.85 -58.83 28.60
CA GLU E 213 6.12 -59.14 29.20
C GLU E 213 6.97 -57.91 29.03
N PHE E 214 7.57 -57.41 30.12
CA PHE E 214 8.36 -56.18 30.00
C PHE E 214 9.72 -56.16 30.71
N VAL E 215 10.34 -55.01 30.57
CA VAL E 215 11.63 -54.77 31.21
C VAL E 215 11.72 -53.32 31.67
N GLU E 216 12.28 -53.12 32.86
CA GLU E 216 12.50 -51.72 33.26
C GLU E 216 13.58 -51.16 32.34
N THR E 217 13.57 -49.86 32.08
CA THR E 217 14.56 -49.29 31.15
C THR E 217 15.98 -49.53 31.62
N ARG E 218 16.87 -49.81 30.67
CA ARG E 218 18.27 -50.07 30.94
C ARG E 218 19.18 -49.22 30.06
N PRO E 219 20.19 -48.62 30.68
CA PRO E 219 21.17 -47.79 29.97
C PRO E 219 21.93 -48.57 28.89
N ALA E 220 22.31 -47.88 27.82
CA ALA E 220 23.04 -48.54 26.74
C ALA E 220 24.55 -48.45 26.94
N GLY E 221 24.98 -47.50 27.75
CA GLY E 221 26.37 -47.26 28.05
C GLY E 221 26.92 -45.96 27.51
N ASP E 222 26.25 -45.37 26.52
CA ASP E 222 26.80 -44.13 25.96
C ASP E 222 25.98 -42.91 26.38
N GLY E 223 24.77 -43.16 26.88
CA GLY E 223 23.88 -42.11 27.34
C GLY E 223 22.44 -42.39 26.95
N THR E 224 22.24 -43.38 26.08
CA THR E 224 20.91 -43.71 25.59
C THR E 224 20.28 -44.81 26.44
N PHE E 225 19.03 -45.14 26.16
CA PHE E 225 18.31 -46.13 26.96
C PHE E 225 17.69 -47.24 26.12
N GLN E 226 17.37 -48.34 26.79
CA GLN E 226 16.82 -49.52 26.14
C GLN E 226 15.60 -50.06 26.88
N LYS E 227 14.82 -50.86 26.18
CA LYS E 227 13.65 -51.51 26.75
C LYS E 227 12.89 -52.23 25.65
N TRP E 228 12.17 -53.28 26.04
CA TRP E 228 11.33 -54.05 25.14
C TRP E 228 10.05 -54.51 25.85
N ALA E 229 9.11 -55.00 25.09
CA ALA E 229 7.85 -55.55 25.56
C ALA E 229 7.43 -56.72 24.68
N ALA E 230 6.96 -57.81 25.29
CA ALA E 230 6.53 -58.96 24.51
C ALA E 230 5.15 -59.45 24.94
N VAL E 231 4.43 -60.02 23.97
CA VAL E 231 3.14 -60.65 24.12
C VAL E 231 3.10 -62.00 23.42
N VAL E 232 2.53 -63.00 24.07
CA VAL E 232 2.40 -64.29 23.39
C VAL E 232 1.12 -64.27 22.55
N VAL E 233 1.29 -63.96 21.27
CA VAL E 233 0.18 -63.92 20.34
C VAL E 233 -0.21 -65.32 19.90
N PRO E 234 -1.51 -65.58 19.71
CA PRO E 234 -1.94 -66.87 19.20
C PRO E 234 -1.33 -67.18 17.84
N LEU E 235 -1.13 -68.46 17.55
CA LEU E 235 -0.57 -68.91 16.27
C LEU E 235 -1.56 -68.78 15.13
N GLY E 236 -1.36 -67.81 14.25
CA GLY E 236 -2.23 -67.64 13.10
C GLY E 236 -2.55 -66.19 12.79
N LYS E 237 -3.16 -65.50 13.76
CA LYS E 237 -3.48 -64.08 13.63
C LYS E 237 -2.60 -63.25 14.56
N VAL E 238 -1.79 -62.37 13.97
CA VAL E 238 -0.88 -61.53 14.74
C VAL E 238 -0.74 -60.16 14.08
N GLN E 239 -1.63 -59.92 13.12
CA GLN E 239 -1.73 -58.63 12.45
C GLN E 239 -2.65 -57.69 13.23
N SER E 240 -3.47 -58.29 14.07
CA SER E 240 -4.40 -57.56 14.93
C SER E 240 -3.65 -56.76 15.99
N TYR E 241 -2.38 -57.14 16.22
CA TYR E 241 -1.56 -56.52 17.24
C TYR E 241 -0.73 -55.36 16.67
N THR E 242 -0.59 -54.32 17.46
CA THR E 242 0.27 -53.18 17.18
C THR E 242 1.02 -52.75 18.46
N CYS E 243 2.14 -52.08 18.30
CA CYS E 243 2.89 -51.59 19.46
C CYS E 243 3.13 -50.08 19.36
N HIS E 244 2.55 -49.34 20.29
CA HIS E 244 2.70 -47.89 20.29
C HIS E 244 3.93 -47.46 21.09
N VAL E 245 4.63 -46.46 20.58
CA VAL E 245 5.80 -45.87 21.21
C VAL E 245 5.65 -44.35 21.32
N ASP E 246 5.70 -43.85 22.55
CA ASP E 246 5.61 -42.42 22.82
C ASP E 246 6.78 -41.95 23.66
N HIS E 247 7.31 -40.78 23.29
CA HIS E 247 8.47 -40.19 23.95
C HIS E 247 8.48 -38.68 23.73
N GLU E 248 9.24 -37.97 24.56
CA GLU E 248 9.27 -36.51 24.57
C GLU E 248 9.98 -35.91 23.37
N GLY E 249 10.84 -36.71 22.73
CA GLY E 249 11.57 -36.27 21.55
C GLY E 249 10.85 -36.63 20.26
N LEU E 250 9.74 -37.35 20.37
CA LEU E 250 9.00 -37.75 19.18
C LEU E 250 7.97 -36.71 18.77
N PRO E 251 7.99 -36.33 17.51
CA PRO E 251 7.02 -35.37 16.96
C PRO E 251 5.62 -35.95 16.90
N GLU E 252 5.50 -37.23 16.57
CA GLU E 252 4.22 -37.92 16.57
C GLU E 252 4.43 -39.38 17.00
N PRO E 253 3.52 -39.86 17.85
CA PRO E 253 3.60 -41.21 18.40
C PRO E 253 3.97 -42.26 17.36
N LEU E 254 4.72 -43.25 17.81
CA LEU E 254 5.18 -44.34 16.96
C LEU E 254 4.24 -45.54 17.09
N THR E 255 3.74 -46.01 15.95
CA THR E 255 2.86 -47.17 15.91
C THR E 255 3.44 -48.24 14.99
N LEU E 256 4.09 -49.21 15.62
CA LEU E 256 4.72 -50.35 15.00
C LEU E 256 3.82 -51.58 15.04
N ARG E 257 2.89 -51.64 14.09
CA ARG E 257 2.00 -52.80 13.99
C ARG E 257 2.84 -53.91 13.36
N ILE F 1 13.93 -57.69 52.70
CA ILE F 1 15.12 -57.92 53.51
C ILE F 1 16.25 -58.49 52.65
N GLN F 2 15.93 -59.43 51.77
CA GLN F 2 16.91 -59.99 50.84
C GLN F 2 16.27 -60.20 49.48
N ARG F 3 16.68 -59.42 48.48
CA ARG F 3 16.12 -59.51 47.14
C ARG F 3 17.14 -60.04 46.14
N THR F 4 16.67 -60.86 45.21
CA THR F 4 17.45 -61.55 44.19
C THR F 4 17.45 -60.82 42.86
N PRO F 5 18.63 -60.73 42.23
CA PRO F 5 18.88 -59.89 41.06
C PRO F 5 18.25 -60.32 39.74
N LYS F 6 18.18 -59.34 38.84
CA LYS F 6 17.66 -59.49 37.49
C LYS F 6 18.76 -59.36 36.46
N ILE F 7 19.15 -60.47 35.84
CA ILE F 7 20.32 -60.44 34.98
C ILE F 7 19.98 -60.46 33.50
N GLN F 8 20.47 -59.44 32.78
CA GLN F 8 20.22 -59.29 31.36
C GLN F 8 21.51 -59.02 30.59
N VAL F 9 21.71 -59.77 29.50
CA VAL F 9 22.87 -59.58 28.66
C VAL F 9 22.46 -59.01 27.30
N TYR F 10 22.94 -57.80 27.01
CA TYR F 10 22.61 -57.15 25.75
C TYR F 10 23.84 -56.44 25.18
N SER F 11 23.69 -55.93 23.97
CA SER F 11 24.71 -55.23 23.21
C SER F 11 24.37 -53.75 22.99
N ARG F 12 25.36 -52.91 23.24
CA ARG F 12 25.32 -51.47 23.13
C ARG F 12 24.76 -50.95 21.82
N HIS F 13 24.89 -51.75 20.77
CA HIS F 13 24.46 -51.44 19.42
C HIS F 13 23.94 -52.71 18.75
N PRO F 14 23.34 -52.63 17.58
CA PRO F 14 23.04 -53.88 16.86
C PRO F 14 24.32 -54.69 16.70
N ALA F 15 24.22 -56.02 16.74
CA ALA F 15 25.44 -56.83 16.69
C ALA F 15 25.84 -57.16 15.26
N GLU F 16 27.00 -56.68 14.85
CA GLU F 16 27.50 -56.97 13.50
C GLU F 16 28.96 -57.42 13.53
N ASN F 17 29.23 -58.48 12.79
CA ASN F 17 30.56 -59.07 12.70
C ASN F 17 31.63 -58.09 12.23
N GLY F 18 32.80 -58.16 12.86
CA GLY F 18 33.93 -57.34 12.46
C GLY F 18 33.83 -55.90 12.93
N LYS F 19 32.64 -55.50 13.34
CA LYS F 19 32.41 -54.15 13.85
C LYS F 19 32.47 -54.15 15.37
N SER F 20 33.47 -53.47 15.91
CA SER F 20 33.66 -53.29 17.34
C SER F 20 32.35 -52.97 18.03
N ASN F 21 32.27 -53.22 19.34
CA ASN F 21 31.02 -52.96 20.05
C ASN F 21 31.22 -52.93 21.57
N PHE F 22 30.25 -53.45 22.29
CA PHE F 22 30.21 -53.46 23.74
C PHE F 22 29.13 -54.41 24.27
N LEU F 23 29.51 -55.30 25.16
CA LEU F 23 28.59 -56.21 25.82
C LEU F 23 28.29 -55.73 27.24
N ASN F 24 27.01 -55.56 27.58
CA ASN F 24 26.64 -55.16 28.93
C ASN F 24 25.89 -56.27 29.65
N CYS F 25 26.08 -56.35 30.96
CA CYS F 25 25.28 -57.19 31.84
C CYS F 25 24.71 -56.32 32.97
N TYR F 26 23.41 -56.10 32.92
CA TYR F 26 22.70 -55.19 33.79
C TYR F 26 21.91 -55.92 34.86
N VAL F 27 22.52 -56.03 36.05
CA VAL F 27 21.86 -56.64 37.20
C VAL F 27 21.08 -55.57 37.95
N SER F 28 19.95 -55.96 38.53
CA SER F 28 19.06 -54.98 39.14
C SER F 28 17.92 -55.66 39.89
N GLY F 29 17.29 -54.92 40.80
CA GLY F 29 16.19 -55.45 41.60
C GLY F 29 16.71 -56.30 42.74
N PHE F 30 18.01 -56.17 43.06
CA PHE F 30 18.67 -56.94 44.13
C PHE F 30 19.08 -56.14 45.38
N HIS F 31 19.46 -56.86 46.43
CA HIS F 31 19.81 -56.25 47.72
C HIS F 31 20.16 -57.41 48.70
N PRO F 32 21.32 -57.34 49.40
CA PRO F 32 22.45 -56.40 49.52
C PRO F 32 23.42 -56.27 48.34
N SER F 33 24.21 -55.20 48.39
CA SER F 33 25.19 -54.85 47.38
C SER F 33 26.26 -55.92 47.08
N ASP F 34 26.55 -56.78 48.05
CA ASP F 34 27.55 -57.83 47.85
C ASP F 34 27.17 -58.72 46.67
N ILE F 35 27.62 -58.36 45.48
CA ILE F 35 27.28 -59.15 44.29
C ILE F 35 28.51 -59.54 43.49
N GLU F 36 28.39 -60.52 42.61
CA GLU F 36 29.47 -61.01 41.78
C GLU F 36 29.03 -61.26 40.35
N VAL F 37 29.57 -60.50 39.40
CA VAL F 37 29.17 -60.63 37.99
C VAL F 37 30.38 -60.73 37.06
N ASP F 38 30.43 -61.79 36.27
CA ASP F 38 31.53 -62.00 35.34
C ASP F 38 31.03 -62.18 33.90
N LEU F 39 31.75 -61.58 32.96
CA LEU F 39 31.42 -61.80 31.56
C LEU F 39 32.17 -63.01 31.03
N LEU F 40 31.51 -63.81 30.18
CA LEU F 40 32.04 -65.08 29.70
C LEU F 40 32.18 -65.14 28.19
N LYS F 41 33.36 -65.55 27.74
CA LYS F 41 33.64 -65.71 26.32
C LYS F 41 33.83 -67.18 25.96
N ASN F 42 32.73 -67.87 25.70
CA ASN F 42 32.73 -69.28 25.37
C ASN F 42 33.05 -70.15 26.59
N GLY F 43 32.35 -69.88 27.68
CA GLY F 43 32.52 -70.64 28.90
C GLY F 43 33.56 -70.07 29.85
N GLU F 44 34.49 -69.26 29.34
CA GLU F 44 35.52 -68.71 30.22
C GLU F 44 35.24 -67.26 30.57
N ARG F 45 35.75 -66.84 31.73
CA ARG F 45 35.51 -65.49 32.23
C ARG F 45 36.47 -64.48 31.60
N ILE F 46 35.94 -63.30 31.28
CA ILE F 46 36.77 -62.24 30.72
C ILE F 46 37.52 -61.48 31.81
N GLU F 47 38.81 -61.36 31.63
CA GLU F 47 39.74 -60.79 32.59
C GLU F 47 39.47 -59.32 32.88
N LYS F 48 39.25 -58.53 31.82
CA LYS F 48 39.09 -57.10 31.93
C LYS F 48 37.65 -56.65 31.71
N VAL F 49 36.96 -56.36 32.82
CA VAL F 49 35.59 -55.90 32.75
C VAL F 49 35.38 -54.68 33.66
N GLU F 50 34.78 -53.64 33.11
CA GLU F 50 34.47 -52.45 33.90
C GLU F 50 32.98 -52.35 34.18
N HIS F 51 32.67 -51.88 35.37
CA HIS F 51 31.31 -51.67 35.86
C HIS F 51 31.12 -50.23 36.30
N SER F 52 29.87 -49.79 36.38
CA SER F 52 29.55 -48.44 36.80
C SER F 52 29.62 -48.28 38.32
N ASP F 53 29.13 -47.13 38.78
CA ASP F 53 29.06 -46.84 40.20
C ASP F 53 27.74 -47.34 40.80
N LEU F 54 27.81 -47.82 42.03
CA LEU F 54 26.64 -48.31 42.73
C LEU F 54 25.60 -47.22 42.99
N SER F 55 24.42 -47.44 42.43
CA SER F 55 23.26 -46.59 42.65
C SER F 55 22.02 -47.47 42.88
N PHE F 56 21.03 -46.94 43.59
CA PHE F 56 19.88 -47.79 43.92
C PHE F 56 18.64 -47.34 43.19
N SER F 57 17.81 -48.32 42.83
CA SER F 57 16.56 -48.04 42.13
C SER F 57 15.64 -47.19 43.02
N LYS F 58 14.43 -46.95 42.52
CA LYS F 58 13.44 -46.18 43.26
C LYS F 58 13.08 -46.87 44.58
N ASP F 59 13.23 -48.20 44.60
CA ASP F 59 12.80 -48.97 45.77
C ASP F 59 13.97 -49.50 46.58
N TRP F 60 15.08 -48.77 46.59
CA TRP F 60 16.24 -49.07 47.43
C TRP F 60 17.07 -50.24 46.89
N SER F 61 16.46 -51.11 46.11
CA SER F 61 17.15 -52.20 45.43
C SER F 61 18.25 -51.63 44.53
N PHE F 62 19.46 -52.13 44.67
CA PHE F 62 20.59 -51.59 43.93
C PHE F 62 20.67 -52.14 42.51
N TYR F 63 21.23 -51.32 41.61
CA TYR F 63 21.49 -51.79 40.25
C TYR F 63 22.93 -51.47 39.84
N LEU F 64 23.39 -52.14 38.80
CA LEU F 64 24.76 -52.00 38.33
C LEU F 64 24.89 -52.38 36.86
N LEU F 65 26.00 -51.98 36.23
CA LEU F 65 26.21 -52.34 34.84
C LEU F 65 27.66 -52.77 34.60
N TYR F 66 27.84 -53.93 33.97
CA TYR F 66 29.17 -54.44 33.68
C TYR F 66 29.36 -54.57 32.17
N TYR F 67 30.41 -53.93 31.65
CA TYR F 67 30.61 -53.98 30.21
C TYR F 67 32.07 -54.25 29.83
N THR F 68 32.27 -54.38 28.53
CA THR F 68 33.53 -54.58 27.84
C THR F 68 33.32 -54.50 26.33
N GLU F 69 34.13 -53.68 25.66
CA GLU F 69 34.03 -53.59 24.21
C GLU F 69 34.32 -54.95 23.57
N PHE F 70 33.67 -55.25 22.46
CA PHE F 70 33.90 -56.55 21.81
C PHE F 70 33.56 -56.50 20.32
N THR F 71 34.01 -57.52 19.59
CA THR F 71 33.68 -57.65 18.18
C THR F 71 33.13 -59.05 17.92
N PRO F 72 31.81 -59.12 17.81
CA PRO F 72 31.10 -60.40 17.72
C PRO F 72 31.33 -61.13 16.39
N THR F 73 31.49 -62.43 16.53
CA THR F 73 31.69 -63.40 15.46
C THR F 73 30.52 -64.37 15.41
N GLU F 74 30.18 -64.85 14.22
CA GLU F 74 29.00 -65.68 14.01
C GLU F 74 29.09 -67.05 14.68
N LYS F 75 30.16 -67.34 15.41
CA LYS F 75 30.22 -68.62 16.11
C LYS F 75 30.53 -68.41 17.59
N ASP F 76 31.40 -67.46 17.91
CA ASP F 76 31.74 -67.18 19.31
C ASP F 76 30.49 -66.89 20.13
N GLU F 77 30.44 -67.45 21.34
CA GLU F 77 29.29 -67.32 22.23
C GLU F 77 29.66 -66.59 23.51
N TYR F 78 28.76 -65.78 24.04
CA TYR F 78 29.00 -65.03 25.27
C TYR F 78 27.90 -65.27 26.29
N ALA F 79 28.16 -64.91 27.54
CA ALA F 79 27.18 -65.05 28.61
C ALA F 79 27.52 -64.18 29.82
N CYS F 80 26.59 -64.13 30.77
CA CYS F 80 26.73 -63.42 32.02
C CYS F 80 26.52 -64.38 33.19
N ARG F 81 27.53 -64.49 34.04
CA ARG F 81 27.54 -65.39 35.18
C ARG F 81 27.49 -64.60 36.48
N VAL F 82 26.31 -64.56 37.11
CA VAL F 82 26.12 -63.81 38.34
C VAL F 82 26.00 -64.73 39.55
N ASN F 83 26.49 -64.20 40.67
CA ASN F 83 26.43 -64.88 41.96
C ASN F 83 26.11 -63.88 43.08
N HIS F 84 25.02 -64.16 43.76
CA HIS F 84 24.51 -63.43 44.90
C HIS F 84 24.28 -64.40 46.06
N VAL F 85 24.16 -63.86 47.26
CA VAL F 85 23.93 -64.69 48.45
C VAL F 85 22.57 -65.37 48.43
N THR F 86 21.66 -64.88 47.60
CA THR F 86 20.33 -65.48 47.56
C THR F 86 20.21 -66.61 46.55
N LEU F 87 21.30 -66.98 45.87
CA LEU F 87 21.21 -68.10 44.93
C LEU F 87 21.90 -69.34 45.50
N SER F 88 21.33 -70.52 45.24
CA SER F 88 21.93 -71.78 45.66
C SER F 88 23.18 -72.07 44.84
N GLN F 89 23.19 -71.49 43.64
CA GLN F 89 24.34 -71.60 42.74
C GLN F 89 24.35 -70.41 41.80
N PRO F 90 25.51 -70.12 41.23
CA PRO F 90 25.65 -68.98 40.31
C PRO F 90 24.68 -69.06 39.14
N LYS F 91 24.10 -67.92 38.78
CA LYS F 91 23.18 -67.86 37.66
C LYS F 91 23.93 -67.61 36.36
N ILE F 92 23.42 -68.17 35.26
CA ILE F 92 24.10 -68.02 33.98
C ILE F 92 23.11 -67.73 32.85
N VAL F 93 23.20 -66.51 32.35
CA VAL F 93 22.34 -66.00 31.28
C VAL F 93 23.16 -65.73 30.02
N LYS F 94 22.76 -66.36 28.92
CA LYS F 94 23.50 -66.26 27.67
C LYS F 94 23.12 -65.02 26.85
N TRP F 95 23.94 -64.72 25.86
CA TRP F 95 23.64 -63.58 25.00
C TRP F 95 22.99 -64.02 23.69
N ASP F 96 21.68 -63.85 23.61
CA ASP F 96 20.94 -64.13 22.40
C ASP F 96 20.58 -62.82 21.70
N ARG F 97 21.18 -62.57 20.55
CA ARG F 97 21.04 -61.36 19.76
C ARG F 97 19.59 -60.96 19.49
N ASP F 98 18.67 -61.92 19.59
CA ASP F 98 17.24 -61.69 19.45
C ASP F 98 16.65 -61.24 20.78
N MET F 99 17.54 -60.84 21.68
CA MET F 99 17.15 -60.32 22.99
C MET F 99 18.33 -59.69 23.72
N GLY G 1 48.04 31.91 -21.35
CA GLY G 1 47.16 30.82 -21.76
C GLY G 1 46.80 30.92 -23.24
N SER G 2 46.41 29.79 -23.83
CA SER G 2 46.03 29.71 -25.22
C SER G 2 44.51 29.90 -25.38
N HIS G 3 44.12 30.81 -26.26
CA HIS G 3 42.71 31.10 -26.52
C HIS G 3 42.41 31.12 -28.02
N SER G 4 41.15 30.91 -28.38
CA SER G 4 40.74 30.94 -29.78
C SER G 4 39.56 31.88 -29.99
N LEU G 5 39.43 32.38 -31.20
CA LEU G 5 38.38 33.29 -31.63
C LEU G 5 37.59 32.69 -32.79
N ARG G 6 36.39 32.18 -32.50
CA ARG G 6 35.65 31.47 -33.54
C ARG G 6 34.43 32.24 -34.02
N TYR G 7 34.08 31.96 -35.27
CA TYR G 7 32.94 32.58 -35.93
C TYR G 7 32.10 31.53 -36.63
N PHE G 8 30.80 31.55 -36.36
CA PHE G 8 29.87 30.56 -36.91
C PHE G 8 28.80 31.22 -37.77
N TYR G 9 28.94 31.08 -39.08
CA TYR G 9 28.00 31.64 -40.06
C TYR G 9 27.02 30.57 -40.53
N THR G 10 25.78 30.96 -40.79
CA THR G 10 24.74 30.07 -41.29
C THR G 10 23.74 30.82 -42.17
N ALA G 11 23.70 30.45 -43.45
CA ALA G 11 22.78 31.07 -44.40
C ALA G 11 21.81 30.02 -44.94
N VAL G 12 20.52 30.35 -44.98
CA VAL G 12 19.49 29.42 -45.42
C VAL G 12 18.60 30.05 -46.48
N SER G 13 18.02 29.21 -47.33
CA SER G 13 17.17 29.67 -48.43
C SER G 13 15.75 29.15 -48.26
N ARG G 14 14.78 29.78 -48.91
CA ARG G 14 13.39 29.34 -48.84
C ARG G 14 12.75 29.38 -50.23
N PRO G 15 13.27 28.55 -51.14
CA PRO G 15 12.84 28.55 -52.54
C PRO G 15 11.32 28.59 -52.69
N GLY G 16 10.80 29.81 -52.86
CA GLY G 16 9.37 30.04 -52.98
C GLY G 16 8.83 31.01 -51.95
N LEU G 17 9.39 30.98 -50.74
CA LEU G 17 8.89 31.84 -49.67
C LEU G 17 9.73 33.09 -49.43
N GLY G 18 10.72 33.38 -50.28
CA GLY G 18 11.46 34.61 -50.12
C GLY G 18 12.96 34.47 -50.32
N GLU G 19 13.68 35.58 -50.17
CA GLU G 19 15.13 35.58 -50.30
C GLU G 19 15.80 34.79 -49.18
N PRO G 20 17.05 34.38 -49.40
CA PRO G 20 17.78 33.67 -48.34
C PRO G 20 18.05 34.59 -47.16
N TRP G 21 18.53 33.98 -46.07
CA TRP G 21 18.92 34.71 -44.88
C TRP G 21 20.21 34.13 -44.33
N PHE G 22 20.60 34.62 -43.15
CA PHE G 22 21.81 34.16 -42.49
C PHE G 22 21.80 34.55 -41.02
N ILE G 23 22.57 33.84 -40.23
CA ILE G 23 22.77 34.18 -38.82
C ILE G 23 24.22 33.92 -38.45
N ILE G 24 24.90 35.00 -38.05
CA ILE G 24 26.30 34.93 -37.70
C ILE G 24 26.49 35.13 -36.20
N VAL G 25 26.91 34.08 -35.51
CA VAL G 25 27.23 34.15 -34.09
C VAL G 25 28.74 34.06 -33.88
N GLY G 26 29.27 34.99 -33.09
CA GLY G 26 30.70 35.00 -32.80
C GLY G 26 30.97 34.33 -31.46
N TYR G 27 32.05 33.56 -31.38
CA TYR G 27 32.39 32.89 -30.12
C TYR G 27 33.82 33.22 -29.71
N VAL G 28 34.05 33.25 -28.40
CA VAL G 28 35.36 33.45 -27.82
C VAL G 28 35.58 32.41 -26.72
N ASP G 29 36.45 31.44 -26.98
CA ASP G 29 36.63 30.33 -26.04
C ASP G 29 35.37 29.47 -26.03
N ASP G 30 34.56 29.59 -24.99
CA ASP G 30 33.33 28.81 -24.90
C ASP G 30 32.13 29.69 -24.60
N MET G 31 32.30 31.00 -24.70
CA MET G 31 31.20 31.93 -24.50
C MET G 31 30.86 32.64 -25.81
N GLN G 32 29.59 33.01 -25.94
CA GLN G 32 29.24 33.81 -27.12
C GLN G 32 29.64 35.26 -26.85
N VAL G 33 29.90 36.03 -27.91
CA VAL G 33 30.32 37.40 -27.68
C VAL G 33 29.57 38.36 -28.60
N LEU G 34 28.94 37.82 -29.64
CA LEU G 34 28.24 38.67 -30.61
C LEU G 34 27.25 37.87 -31.45
N ARG G 35 26.27 38.56 -32.01
CA ARG G 35 25.25 38.02 -32.88
C ARG G 35 24.84 39.03 -33.96
N PHE G 36 24.57 38.52 -35.16
CA PHE G 36 24.20 39.40 -36.26
C PHE G 36 23.44 38.68 -37.36
N SER G 37 22.12 38.60 -37.21
CA SER G 37 21.26 37.94 -38.18
C SER G 37 21.17 38.73 -39.49
N SER G 38 20.17 38.38 -40.29
CA SER G 38 19.88 39.07 -41.55
C SER G 38 19.14 40.37 -41.26
N LYS G 39 17.94 40.27 -40.68
CA LYS G 39 17.23 41.48 -40.30
C LYS G 39 17.87 42.09 -39.06
N GLU G 40 18.60 43.16 -39.28
CA GLU G 40 19.33 43.89 -38.24
C GLU G 40 20.32 44.84 -38.90
N GLU G 41 20.98 45.67 -38.08
CA GLU G 41 21.91 46.63 -38.67
C GLU G 41 23.16 46.78 -37.83
N THR G 42 23.07 46.37 -36.57
CA THR G 42 24.22 46.45 -35.68
C THR G 42 24.39 45.15 -34.90
N PRO G 43 25.57 44.55 -35.02
CA PRO G 43 25.86 43.29 -34.33
C PRO G 43 25.77 43.50 -32.82
N ARG G 44 24.95 42.70 -32.17
CA ARG G 44 24.74 42.83 -30.74
C ARG G 44 25.81 42.12 -29.91
N MET G 45 26.75 42.91 -29.42
CA MET G 45 27.83 42.38 -28.55
C MET G 45 27.25 41.95 -27.17
N ALA G 46 27.82 40.90 -26.55
CA ALA G 46 27.44 40.46 -25.20
C ALA G 46 27.40 41.69 -24.34
N PRO G 47 26.52 41.76 -23.35
CA PRO G 47 26.46 42.93 -22.47
C PRO G 47 27.53 42.86 -21.40
N TRP G 48 28.07 41.64 -21.15
CA TRP G 48 29.12 41.45 -20.13
C TRP G 48 30.52 41.90 -20.57
N LEU G 49 30.58 42.59 -21.72
CA LEU G 49 31.86 43.08 -22.25
C LEU G 49 32.30 44.44 -21.66
N GLU G 50 32.18 45.55 -22.37
CA GLU G 50 32.66 46.80 -21.75
C GLU G 50 31.78 48.03 -21.99
N GLN G 51 30.60 47.79 -22.56
CA GLN G 51 29.63 48.83 -22.85
C GLN G 51 30.14 49.95 -23.74
N GLU G 52 29.21 50.79 -24.17
CA GLU G 52 29.48 51.91 -25.04
C GLU G 52 30.61 52.80 -24.55
N GLU G 53 31.03 53.70 -25.44
CA GLU G 53 32.05 54.69 -25.26
C GLU G 53 32.64 55.12 -26.62
N ALA G 54 32.90 54.08 -27.41
CA ALA G 54 33.48 54.17 -28.72
C ALA G 54 33.71 52.76 -29.28
N ASP G 55 34.18 51.90 -28.39
CA ASP G 55 34.48 50.50 -28.53
C ASP G 55 34.62 50.07 -30.00
N ASP G 56 35.74 50.44 -30.60
CA ASP G 56 36.02 50.21 -32.02
C ASP G 56 35.65 48.79 -32.43
N TRP G 57 34.44 48.68 -32.93
CA TRP G 57 33.88 47.47 -33.50
C TRP G 57 33.52 47.73 -34.97
N GLU G 58 33.83 48.95 -35.38
CA GLU G 58 33.68 49.47 -36.73
C GLU G 58 33.91 48.39 -37.79
N GLN G 59 35.07 47.74 -37.66
CA GLN G 59 35.56 46.72 -38.56
C GLN G 59 34.82 45.40 -38.43
N GLN G 60 34.71 44.89 -37.20
CA GLN G 60 34.05 43.60 -37.00
C GLN G 60 32.64 43.60 -37.59
N THR G 61 31.88 44.67 -37.35
CA THR G 61 30.51 44.71 -37.87
C THR G 61 30.50 44.70 -39.39
N HIS G 62 31.38 45.49 -40.02
CA HIS G 62 31.44 45.53 -41.47
C HIS G 62 32.05 44.25 -42.01
N ILE G 63 32.88 43.58 -41.21
CA ILE G 63 33.43 42.29 -41.64
C ILE G 63 32.32 41.25 -41.62
N VAL G 64 31.49 41.30 -40.59
CA VAL G 64 30.36 40.38 -40.47
C VAL G 64 29.30 40.71 -41.52
N THR G 65 28.88 41.98 -41.53
CA THR G 65 27.91 42.52 -42.47
C THR G 65 28.19 42.04 -43.89
N ILE G 66 29.47 42.11 -44.26
CA ILE G 66 29.88 41.68 -45.60
C ILE G 66 29.84 40.16 -45.72
N GLN G 67 30.59 39.49 -44.84
CA GLN G 67 30.69 38.04 -44.82
C GLN G 67 29.31 37.41 -44.94
N GLY G 68 28.36 38.02 -44.24
CA GLY G 68 26.97 37.61 -44.26
C GLY G 68 26.38 37.76 -45.66
N GLN G 69 26.50 38.95 -46.22
CA GLN G 69 25.99 39.32 -47.53
C GLN G 69 26.45 38.36 -48.63
N LEU G 70 27.53 37.63 -48.42
CA LEU G 70 27.98 36.59 -49.35
C LEU G 70 27.16 35.31 -49.17
N SER G 71 25.84 35.46 -49.01
CA SER G 71 24.95 34.33 -48.78
C SER G 71 24.10 34.05 -50.01
N GLU G 72 23.32 35.04 -50.45
CA GLU G 72 22.52 34.81 -51.66
C GLU G 72 23.46 34.47 -52.82
N ARG G 73 24.64 35.08 -52.75
CA ARG G 73 25.69 34.82 -53.72
C ARG G 73 26.11 33.35 -53.62
N ASN G 74 26.82 33.05 -52.53
CA ASN G 74 27.35 31.71 -52.30
C ASN G 74 26.27 30.64 -52.30
N LEU G 75 25.25 30.80 -51.45
CA LEU G 75 24.21 29.79 -51.35
C LEU G 75 23.57 29.51 -52.71
N MET G 76 23.23 30.56 -53.45
CA MET G 76 22.56 30.34 -54.74
C MET G 76 23.46 29.57 -55.71
N THR G 77 24.64 30.09 -55.98
CA THR G 77 25.62 29.50 -56.88
C THR G 77 25.71 27.99 -56.67
N LEU G 78 26.19 27.61 -55.49
CA LEU G 78 26.26 26.21 -55.09
C LEU G 78 24.92 25.53 -55.36
N VAL G 79 23.82 26.24 -55.13
CA VAL G 79 22.50 25.68 -55.41
C VAL G 79 22.31 25.52 -56.91
N HIS G 80 22.79 26.51 -57.65
CA HIS G 80 22.77 26.49 -59.11
C HIS G 80 23.64 25.36 -59.64
N PHE G 81 24.70 25.05 -58.87
CA PHE G 81 25.60 23.98 -59.27
C PHE G 81 24.88 22.64 -59.31
N TYR G 82 24.78 21.99 -58.16
CA TYR G 82 24.21 20.67 -58.02
C TYR G 82 22.76 20.60 -58.51
N ASN G 83 22.01 21.66 -58.25
CA ASN G 83 20.59 21.79 -58.53
C ASN G 83 19.85 20.49 -58.25
N LYS G 84 19.41 20.32 -57.00
CA LYS G 84 18.74 19.09 -56.57
C LYS G 84 17.33 19.40 -56.05
N SER G 85 17.05 20.69 -55.92
CA SER G 85 15.76 21.16 -55.43
C SER G 85 15.76 22.69 -55.30
N MET G 86 15.39 23.33 -56.40
CA MET G 86 15.26 24.79 -56.45
C MET G 86 13.88 25.21 -55.96
N ASP G 87 13.29 24.36 -55.14
CA ASP G 87 12.03 24.57 -54.45
C ASP G 87 12.13 24.00 -53.03
N ASP G 88 13.36 23.64 -52.67
CA ASP G 88 13.71 23.18 -51.34
C ASP G 88 14.93 23.95 -50.82
N SER G 89 14.96 24.15 -49.51
CA SER G 89 15.99 24.90 -48.83
C SER G 89 17.27 24.10 -48.65
N HIS G 90 18.40 24.76 -48.84
CA HIS G 90 19.72 24.18 -48.67
C HIS G 90 20.56 25.08 -47.78
N THR G 91 21.40 24.51 -46.93
CA THR G 91 22.12 25.31 -45.95
C THR G 91 23.62 25.30 -46.19
N LEU G 92 24.25 26.45 -45.90
CA LEU G 92 25.69 26.60 -46.06
C LEU G 92 26.36 27.03 -44.76
N GLN G 93 27.07 26.09 -44.14
CA GLN G 93 27.80 26.34 -42.90
C GLN G 93 29.21 26.83 -43.21
N TRP G 94 29.58 27.93 -42.56
CA TRP G 94 30.87 28.60 -42.77
C TRP G 94 31.44 29.03 -41.42
N LEU G 95 32.61 28.52 -41.10
CA LEU G 95 33.30 28.83 -39.86
C LEU G 95 34.70 29.38 -40.12
N GLN G 96 35.01 30.54 -39.55
CA GLN G 96 36.35 31.12 -39.65
C GLN G 96 36.86 31.44 -38.25
N ASP G 97 38.18 31.41 -38.04
CA ASP G 97 38.68 31.65 -36.69
C ASP G 97 40.17 31.53 -36.53
N CYS G 98 40.62 31.46 -35.27
CA CYS G 98 42.04 31.44 -34.98
C CYS G 98 42.34 31.08 -33.52
N ASP G 99 43.56 30.62 -33.29
CA ASP G 99 44.06 30.27 -31.98
C ASP G 99 45.38 31.01 -31.73
N VAL G 100 45.47 31.77 -30.64
CA VAL G 100 46.66 32.57 -30.40
C VAL G 100 47.26 32.34 -29.01
N GLU G 101 48.44 32.89 -28.81
CA GLU G 101 49.24 32.80 -27.60
C GLU G 101 50.64 33.37 -27.87
N PRO G 102 50.69 34.70 -27.89
CA PRO G 102 51.93 35.43 -28.15
C PRO G 102 53.11 34.96 -27.33
N ASP G 103 52.87 34.42 -26.15
CA ASP G 103 54.00 33.99 -25.31
C ASP G 103 54.44 32.57 -25.68
N ARG G 104 54.35 32.25 -26.94
CA ARG G 104 54.74 30.98 -27.54
C ARG G 104 54.74 31.12 -29.06
N HIS G 105 54.11 32.19 -29.53
CA HIS G 105 54.05 32.52 -30.93
C HIS G 105 53.10 31.60 -31.70
N LEU G 106 51.86 31.50 -31.21
CA LEU G 106 50.87 30.66 -31.89
C LEU G 106 49.89 31.51 -32.70
N CYS G 107 49.28 30.88 -33.69
CA CYS G 107 48.28 31.52 -34.54
C CYS G 107 47.89 30.60 -35.69
N LEU G 108 46.73 29.97 -35.54
CA LEU G 108 46.14 29.06 -36.50
C LEU G 108 44.89 29.64 -37.13
N TRP G 109 44.89 29.78 -38.45
CA TRP G 109 43.70 30.28 -39.15
C TRP G 109 42.86 29.13 -39.69
N TYR G 110 41.65 29.00 -39.15
CA TYR G 110 40.67 28.00 -39.56
C TYR G 110 39.68 28.59 -40.56
N ASN G 111 39.32 27.81 -41.57
CA ASN G 111 38.41 28.29 -42.61
C ASN G 111 37.78 27.14 -43.39
N GLN G 112 36.61 26.70 -42.97
CA GLN G 112 35.95 25.55 -43.55
C GLN G 112 34.54 25.88 -44.05
N LEU G 113 34.09 25.13 -45.05
CA LEU G 113 32.76 25.36 -45.62
C LEU G 113 32.04 24.04 -45.86
N ALA G 114 30.75 24.01 -45.56
CA ALA G 114 29.95 22.79 -45.77
C ALA G 114 28.59 23.10 -46.39
N TYR G 115 28.22 22.32 -47.39
CA TYR G 115 26.96 22.43 -48.10
C TYR G 115 26.04 21.28 -47.72
N ASP G 116 25.03 21.57 -46.90
CA ASP G 116 24.09 20.57 -46.42
C ASP G 116 24.81 19.47 -45.62
N SER G 117 25.62 19.93 -44.69
CA SER G 117 26.37 19.06 -43.82
C SER G 117 27.60 18.46 -44.49
N GLU G 118 27.69 18.61 -45.81
CA GLU G 118 28.84 18.06 -46.54
C GLU G 118 29.88 19.13 -46.84
N ASP G 119 31.06 18.99 -46.26
CA ASP G 119 32.17 19.92 -46.41
C ASP G 119 32.60 20.11 -47.84
N LEU G 120 33.12 21.30 -48.09
CA LEU G 120 33.57 21.67 -49.40
C LEU G 120 35.06 21.84 -49.48
N PRO G 121 35.59 21.74 -50.68
CA PRO G 121 37.02 21.88 -50.97
C PRO G 121 37.49 23.31 -50.82
N THR G 122 38.18 23.64 -49.73
CA THR G 122 38.71 25.01 -49.56
C THR G 122 40.19 25.11 -49.17
N LEU G 123 41.06 24.32 -49.77
CA LEU G 123 42.47 24.42 -49.39
C LEU G 123 42.53 24.06 -47.92
N PRO G 127 45.17 23.97 -40.24
CA PRO G 127 45.19 25.41 -39.99
C PRO G 127 45.61 26.23 -41.21
N SER G 128 46.21 27.38 -40.94
CA SER G 128 46.68 28.30 -41.96
C SER G 128 47.40 29.45 -41.27
N SER G 129 48.46 29.10 -40.52
CA SER G 129 49.28 30.04 -39.75
C SER G 129 49.04 31.52 -39.98
N CYS G 130 49.09 32.29 -38.89
CA CYS G 130 48.88 33.74 -38.98
C CYS G 130 49.86 34.60 -38.20
N THR G 131 49.53 35.90 -38.24
CA THR G 131 50.28 36.97 -37.59
C THR G 131 49.84 37.10 -36.14
N GLN G 142 38.73 42.53 -47.60
CA GLN G 142 37.64 41.68 -47.10
C GLN G 142 38.20 40.50 -46.33
N HIS G 143 38.74 40.72 -45.13
CA HIS G 143 39.29 39.54 -44.47
C HIS G 143 39.65 39.86 -43.01
N LEU G 144 39.26 38.95 -42.12
CA LEU G 144 39.48 39.12 -40.69
C LEU G 144 40.72 38.38 -40.21
N GLU G 145 41.27 37.52 -41.06
CA GLU G 145 42.47 36.76 -40.73
C GLU G 145 43.62 37.68 -40.38
N GLY G 146 43.75 38.74 -41.17
CA GLY G 146 44.85 39.70 -41.06
C GLY G 146 44.82 40.47 -39.74
N HIS G 147 43.78 40.30 -38.93
CA HIS G 147 43.73 40.94 -37.62
C HIS G 147 42.87 40.15 -36.65
N CYS G 148 42.92 38.83 -36.72
CA CYS G 148 42.22 37.92 -35.84
C CYS G 148 42.79 37.98 -34.41
N SER G 149 43.94 38.63 -34.29
CA SER G 149 44.71 38.71 -33.07
C SER G 149 44.38 39.94 -32.23
N ASP G 150 44.15 41.08 -32.89
CA ASP G 150 43.78 42.27 -32.12
C ASP G 150 42.50 41.99 -31.33
N VAL G 151 41.46 41.63 -32.07
CA VAL G 151 40.14 41.31 -31.55
C VAL G 151 40.24 40.42 -30.32
N LEU G 152 40.68 39.19 -30.53
CA LEU G 152 40.89 38.18 -29.50
C LEU G 152 41.53 38.77 -28.24
N GLN G 153 42.65 39.46 -28.43
CA GLN G 153 43.36 40.05 -27.30
C GLN G 153 42.66 41.33 -26.85
N LYS G 154 41.59 41.70 -27.54
CA LYS G 154 40.79 42.85 -27.16
C LYS G 154 39.57 42.39 -26.36
N TYR G 155 39.06 41.23 -26.76
CA TYR G 155 37.97 40.60 -26.05
C TYR G 155 38.44 40.17 -24.66
N LEU G 156 39.66 39.66 -24.61
CA LEU G 156 40.26 39.30 -23.33
C LEU G 156 40.33 40.55 -22.44
N GLU G 157 41.14 41.51 -22.87
CA GLU G 157 41.30 42.78 -22.18
C GLU G 157 39.96 43.48 -21.91
N LYS G 158 39.00 43.33 -22.82
CA LYS G 158 37.71 43.99 -22.66
C LYS G 158 36.74 43.17 -21.82
N GLY G 159 36.86 41.85 -21.88
CA GLY G 159 36.01 40.97 -21.11
C GLY G 159 36.81 40.01 -20.24
N LYS G 160 37.90 40.50 -19.66
CA LYS G 160 38.82 39.75 -18.83
C LYS G 160 38.09 39.07 -17.67
N GLU G 161 36.97 39.65 -17.28
CA GLU G 161 36.14 39.23 -16.16
C GLU G 161 35.37 37.95 -16.44
N ARG G 162 35.49 37.39 -17.65
CA ARG G 162 34.71 36.20 -17.96
C ARG G 162 35.50 35.20 -18.78
N LEU G 163 36.46 35.70 -19.55
CA LEU G 163 37.28 34.82 -20.38
C LEU G 163 38.44 34.24 -19.58
N LEU G 164 39.18 35.12 -18.93
CA LEU G 164 40.29 34.74 -18.07
C LEU G 164 39.78 34.33 -16.69
N ARG G 165 39.20 33.13 -16.59
CA ARG G 165 38.61 32.66 -15.35
C ARG G 165 38.54 31.15 -15.29
N SER G 166 38.77 30.57 -14.11
CA SER G 166 38.66 29.12 -13.97
C SER G 166 37.74 28.76 -12.81
N ASP G 167 36.58 28.17 -13.12
CA ASP G 167 35.65 27.75 -12.09
C ASP G 167 35.57 26.22 -12.04
N PRO G 168 35.85 25.64 -10.88
CA PRO G 168 35.85 24.19 -10.70
C PRO G 168 34.44 23.61 -10.51
N PRO G 169 34.30 22.37 -10.95
CA PRO G 169 33.03 21.63 -10.88
C PRO G 169 32.77 21.01 -9.51
N LYS G 170 31.54 20.55 -9.34
CA LYS G 170 31.04 19.92 -8.12
C LYS G 170 30.25 18.66 -8.46
N ALA G 171 30.76 17.49 -8.07
CA ALA G 171 30.13 16.23 -8.46
C ALA G 171 29.37 15.56 -7.33
N HIS G 172 28.58 14.57 -7.71
CA HIS G 172 27.79 13.77 -6.80
C HIS G 172 27.12 12.60 -7.52
N VAL G 173 27.16 11.42 -6.91
CA VAL G 173 26.62 10.21 -7.50
C VAL G 173 25.21 9.91 -6.99
N THR G 174 24.40 9.32 -7.85
CA THR G 174 23.05 8.90 -7.51
C THR G 174 22.83 7.44 -7.94
N ARG G 175 21.74 6.85 -7.47
CA ARG G 175 21.42 5.46 -7.78
C ARG G 175 19.94 5.32 -8.12
N HIS G 176 19.66 4.90 -9.34
CA HIS G 176 18.27 4.75 -9.77
C HIS G 176 17.93 3.28 -9.95
N PRO G 177 17.40 2.67 -8.89
CA PRO G 177 17.07 1.25 -8.90
C PRO G 177 16.21 0.89 -10.12
N ARG G 178 16.90 0.57 -11.21
CA ARG G 178 16.21 0.15 -12.44
C ARG G 178 15.22 -0.96 -12.11
N PRO G 179 13.93 -0.66 -12.20
CA PRO G 179 12.86 -1.57 -11.83
C PRO G 179 12.70 -2.78 -12.75
N GLU G 180 13.75 -3.17 -13.45
CA GLU G 180 13.84 -4.35 -14.29
C GLU G 180 14.96 -5.26 -13.80
N GLY G 181 15.25 -5.17 -12.50
CA GLY G 181 16.18 -6.04 -11.84
C GLY G 181 17.53 -5.48 -11.49
N ASP G 182 17.91 -4.28 -11.96
CA ASP G 182 19.27 -3.80 -11.69
C ASP G 182 19.31 -2.62 -10.72
N VAL G 183 20.45 -1.94 -10.72
CA VAL G 183 20.70 -0.78 -9.88
C VAL G 183 21.71 0.16 -10.56
N THR G 184 21.22 1.10 -11.36
CA THR G 184 22.14 2.00 -12.07
C THR G 184 22.79 2.99 -11.11
N LEU G 185 23.85 3.62 -11.60
CA LEU G 185 24.66 4.57 -10.84
C LEU G 185 25.05 5.77 -11.70
N ARG G 186 24.40 6.91 -11.48
CA ARG G 186 24.70 8.07 -12.30
C ARG G 186 25.52 9.09 -11.52
N CYS G 187 26.56 9.58 -12.17
CA CYS G 187 27.48 10.56 -11.61
C CYS G 187 27.22 11.92 -12.25
N TRP G 188 27.35 12.99 -11.46
CA TRP G 188 27.08 14.34 -11.93
C TRP G 188 28.25 15.28 -11.70
N ALA G 189 28.42 16.24 -12.60
CA ALA G 189 29.46 17.25 -12.48
C ALA G 189 28.92 18.61 -12.93
N LEU G 190 28.99 19.63 -12.06
CA LEU G 190 28.47 20.93 -12.44
C LEU G 190 29.33 22.07 -11.87
N GLY G 191 29.00 23.27 -12.30
CA GLY G 191 29.57 24.51 -11.82
C GLY G 191 30.79 25.02 -12.53
N PHE G 192 31.30 24.16 -13.41
CA PHE G 192 32.53 24.41 -14.11
C PHE G 192 32.44 25.19 -15.38
N TYR G 193 33.61 25.72 -15.72
CA TYR G 193 33.90 26.49 -16.91
C TYR G 193 35.43 26.52 -16.91
N PRO G 194 36.08 26.20 -18.04
CA PRO G 194 35.54 25.83 -19.35
C PRO G 194 34.84 24.49 -19.43
N ALA G 195 34.13 24.33 -20.55
CA ALA G 195 33.34 23.15 -20.89
C ALA G 195 34.10 21.83 -20.83
N ASP G 196 35.39 21.85 -21.17
CA ASP G 196 36.19 20.63 -21.16
C ASP G 196 36.23 20.04 -19.76
N ILE G 197 35.97 18.74 -19.67
CA ILE G 197 35.94 18.01 -18.42
C ILE G 197 36.10 16.51 -18.67
N THR G 198 36.68 15.81 -17.70
CA THR G 198 36.85 14.37 -17.75
C THR G 198 36.14 13.68 -16.58
N LEU G 199 35.06 12.96 -16.88
CA LEU G 199 34.29 12.27 -15.85
C LEU G 199 34.28 10.77 -16.08
N THR G 200 35.02 10.02 -15.28
CA THR G 200 35.15 8.59 -15.57
C THR G 200 34.76 7.69 -14.39
N TRP G 201 34.09 6.59 -14.71
CA TRP G 201 33.68 5.59 -13.73
C TRP G 201 34.79 4.57 -13.52
N GLN G 202 34.55 3.60 -12.63
CA GLN G 202 35.57 2.59 -12.39
C GLN G 202 35.03 1.39 -11.62
N LYS G 203 35.29 0.20 -12.16
CA LYS G 203 34.99 -1.07 -11.53
C LYS G 203 36.28 -1.63 -10.89
N ASP G 204 36.08 -2.42 -9.85
CA ASP G 204 37.09 -3.06 -9.02
C ASP G 204 38.41 -2.28 -9.06
N GLY G 205 39.10 -2.34 -10.20
CA GLY G 205 40.36 -1.64 -10.38
C GLY G 205 40.37 -0.67 -11.53
N GLU G 206 39.97 -1.11 -12.73
CA GLU G 206 40.05 -0.22 -13.89
C GLU G 206 38.71 0.36 -14.31
N GLU G 207 38.76 1.17 -15.37
CA GLU G 207 37.59 1.85 -15.89
C GLU G 207 36.41 0.91 -16.15
N LEU G 208 35.69 1.22 -17.23
CA LEU G 208 34.52 0.47 -17.65
C LEU G 208 34.07 0.87 -19.05
N THR G 209 34.84 1.74 -19.68
CA THR G 209 34.60 2.28 -21.01
C THR G 209 34.07 1.22 -21.98
N GLN G 210 32.74 1.13 -22.00
CA GLN G 210 31.99 0.21 -22.85
C GLN G 210 30.53 0.43 -22.56
N ASP G 211 30.12 0.10 -21.34
CA ASP G 211 28.75 0.26 -20.93
C ASP G 211 28.46 1.69 -20.50
N VAL G 212 29.50 2.40 -20.06
CA VAL G 212 29.32 3.77 -19.62
C VAL G 212 28.48 4.60 -20.57
N GLU G 213 27.35 5.10 -20.06
CA GLU G 213 26.40 5.93 -20.81
C GLU G 213 26.70 7.43 -20.50
N PHE G 214 27.03 8.20 -21.53
CA PHE G 214 27.43 9.59 -21.36
C PHE G 214 26.53 10.55 -22.13
N VAL G 215 26.44 11.78 -21.64
CA VAL G 215 25.77 12.85 -22.38
C VAL G 215 26.78 13.97 -22.64
N GLU G 216 26.58 14.67 -23.75
CA GLU G 216 27.49 15.74 -24.13
C GLU G 216 27.35 16.92 -23.18
N THR G 217 28.47 17.56 -22.86
CA THR G 217 28.43 18.73 -21.99
C THR G 217 27.44 19.77 -22.51
N ARG G 218 26.52 20.22 -21.66
CA ARG G 218 25.55 21.20 -22.17
C ARG G 218 25.48 22.42 -21.25
N PRO G 219 25.15 23.56 -21.85
CA PRO G 219 25.14 24.84 -21.15
C PRO G 219 24.16 24.89 -20.00
N ALA G 220 24.26 25.97 -19.23
CA ALA G 220 23.38 26.15 -18.08
C ALA G 220 22.49 27.38 -18.28
N GLY G 221 23.03 28.32 -19.05
CA GLY G 221 22.42 29.58 -19.40
C GLY G 221 23.05 30.74 -18.64
N ASP G 222 23.92 30.40 -17.69
CA ASP G 222 24.53 31.38 -16.81
C ASP G 222 26.03 31.53 -17.05
N GLY G 223 26.56 30.82 -18.03
CA GLY G 223 27.99 30.90 -18.30
C GLY G 223 28.76 29.71 -17.76
N THR G 224 28.05 28.64 -17.38
CA THR G 224 28.72 27.41 -16.97
C THR G 224 28.06 26.22 -17.65
N PHE G 225 28.53 25.01 -17.35
CA PHE G 225 28.10 23.83 -18.10
C PHE G 225 27.75 22.66 -17.20
N GLN G 226 27.18 21.61 -17.79
CA GLN G 226 26.79 20.39 -17.10
C GLN G 226 27.14 19.15 -17.93
N LYS G 227 27.25 18.00 -17.27
CA LYS G 227 27.53 16.75 -17.98
C LYS G 227 27.57 15.55 -17.04
N TRP G 228 26.77 14.53 -17.32
CA TRP G 228 26.78 13.34 -16.48
C TRP G 228 27.13 12.07 -17.26
N ALA G 229 27.25 10.98 -16.53
CA ALA G 229 27.54 9.64 -17.00
C ALA G 229 27.07 8.60 -15.97
N ALA G 230 26.61 7.44 -16.45
CA ALA G 230 26.11 6.42 -15.53
C ALA G 230 26.60 5.03 -15.91
N VAL G 231 26.32 4.07 -15.03
CA VAL G 231 26.67 2.67 -15.15
C VAL G 231 25.49 1.80 -14.80
N VAL G 232 25.71 0.56 -14.33
CA VAL G 232 24.59 -0.27 -13.91
C VAL G 232 25.05 -1.41 -13.02
N VAL G 233 25.55 -1.08 -11.84
CA VAL G 233 26.01 -2.08 -10.88
C VAL G 233 24.87 -3.02 -10.48
N PRO G 234 25.22 -4.22 -10.06
CA PRO G 234 24.23 -5.24 -9.67
C PRO G 234 23.55 -4.96 -8.35
N LEU G 235 22.81 -5.97 -7.89
CA LEU G 235 22.06 -5.90 -6.63
C LEU G 235 22.93 -6.23 -5.43
N GLY G 236 23.88 -5.34 -5.11
CA GLY G 236 24.74 -5.55 -3.96
C GLY G 236 26.13 -4.98 -4.14
N LYS G 237 26.52 -4.78 -5.39
CA LYS G 237 27.83 -4.23 -5.70
C LYS G 237 27.74 -2.78 -6.17
N VAL G 238 27.52 -1.88 -5.24
CA VAL G 238 27.41 -0.45 -5.56
C VAL G 238 28.58 0.33 -4.98
N GLN G 239 29.01 -0.05 -3.77
CA GLN G 239 30.14 0.62 -3.14
C GLN G 239 31.45 -0.03 -3.57
N SER G 240 31.43 -0.60 -4.77
CA SER G 240 32.58 -1.22 -5.40
C SER G 240 33.02 -0.38 -6.61
N TYR G 241 32.28 0.70 -6.84
CA TYR G 241 32.46 1.57 -7.99
C TYR G 241 32.80 3.00 -7.54
N THR G 242 33.62 3.67 -8.33
CA THR G 242 34.02 5.04 -8.05
C THR G 242 33.96 5.91 -9.31
N CYS G 243 33.70 7.19 -9.11
CA CYS G 243 33.58 8.16 -10.19
C CYS G 243 34.61 9.27 -10.04
N HIS G 244 35.52 9.37 -11.01
CA HIS G 244 36.57 10.39 -10.96
C HIS G 244 36.30 11.55 -11.91
N VAL G 245 36.69 12.74 -11.50
CA VAL G 245 36.47 13.94 -12.30
C VAL G 245 37.75 14.76 -12.43
N ASP G 246 38.10 15.07 -13.66
CA ASP G 246 39.28 15.86 -14.00
C ASP G 246 38.86 17.19 -14.61
N HIS G 247 39.17 18.31 -13.95
CA HIS G 247 38.85 19.60 -14.53
C HIS G 247 39.87 20.67 -14.16
N GLU G 248 40.02 21.61 -15.08
CA GLU G 248 40.88 22.79 -14.98
C GLU G 248 40.80 23.47 -13.61
N GLY G 249 39.59 23.81 -13.17
CA GLY G 249 39.38 24.52 -11.93
C GLY G 249 39.79 23.75 -10.69
N LEU G 250 39.85 22.43 -10.78
CA LEU G 250 40.19 21.59 -9.63
C LEU G 250 41.70 21.37 -9.51
N PRO G 251 42.27 21.83 -8.40
CA PRO G 251 43.70 21.67 -8.10
C PRO G 251 44.03 20.21 -7.86
N GLU G 252 42.97 19.45 -7.59
CA GLU G 252 43.06 18.02 -7.31
C GLU G 252 41.85 17.28 -7.87
N PRO G 253 42.09 16.09 -8.40
CA PRO G 253 41.00 15.26 -8.95
C PRO G 253 39.99 14.90 -7.85
N LEU G 254 38.81 14.42 -8.25
CA LEU G 254 37.82 14.08 -7.22
C LEU G 254 37.23 12.69 -7.48
N THR G 255 37.22 11.86 -6.44
CA THR G 255 36.66 10.53 -6.52
C THR G 255 35.31 10.45 -5.80
N LEU G 256 34.47 9.52 -6.23
CA LEU G 256 33.13 9.35 -5.69
C LEU G 256 32.74 7.87 -5.61
N ARG G 257 32.86 7.30 -4.41
CA ARG G 257 32.44 5.90 -4.24
C ARG G 257 30.99 5.87 -3.73
N TRP G 258 30.24 6.93 -3.99
CA TRP G 258 28.84 6.97 -3.59
C TRP G 258 28.69 6.98 -2.07
N ILE H 1 21.77 13.70 -44.52
CA ILE H 1 21.53 15.13 -44.76
C ILE H 1 20.68 15.73 -43.64
N GLN H 2 20.04 14.86 -42.86
CA GLN H 2 19.16 15.27 -41.77
C GLN H 2 19.41 14.43 -40.52
N ARG H 3 19.67 15.08 -39.40
CA ARG H 3 19.95 14.36 -38.17
C ARG H 3 18.75 14.41 -37.22
N THR H 4 18.89 13.81 -36.06
CA THR H 4 17.86 13.80 -35.02
C THR H 4 18.40 14.42 -33.74
N PRO H 5 17.62 15.31 -33.14
CA PRO H 5 18.04 16.03 -31.95
C PRO H 5 18.00 15.17 -30.69
N LYS H 6 18.83 15.53 -29.71
CA LYS H 6 18.83 14.80 -28.44
C LYS H 6 18.34 15.72 -27.32
N ILE H 7 17.19 15.36 -26.76
CA ILE H 7 16.50 16.19 -25.78
C ILE H 7 17.00 15.94 -24.36
N GLN H 8 17.00 17.01 -23.58
CA GLN H 8 17.40 16.98 -22.18
C GLN H 8 16.78 18.14 -21.41
N VAL H 9 16.00 17.83 -20.39
CA VAL H 9 15.35 18.87 -19.58
C VAL H 9 15.91 18.83 -18.16
N TYR H 10 16.43 19.97 -17.72
CA TYR H 10 17.14 20.12 -16.47
C TYR H 10 17.12 21.57 -16.00
N SER H 11 17.51 21.79 -14.74
CA SER H 11 17.55 23.13 -14.17
C SER H 11 18.96 23.73 -14.31
N ARG H 12 19.13 24.93 -13.76
CA ARG H 12 20.39 25.64 -13.74
C ARG H 12 21.21 25.24 -12.51
N HIS H 13 20.52 25.26 -11.37
CA HIS H 13 21.08 24.81 -10.10
C HIS H 13 20.17 23.73 -9.51
N PRO H 14 20.71 22.92 -8.62
CA PRO H 14 19.92 21.87 -7.97
C PRO H 14 18.60 22.41 -7.42
N ALA H 15 17.50 21.81 -7.86
CA ALA H 15 16.15 22.18 -7.48
C ALA H 15 16.00 22.37 -5.97
N GLU H 16 14.98 23.12 -5.58
CA GLU H 16 14.69 23.34 -4.16
C GLU H 16 13.38 24.12 -4.01
N ASN H 17 12.29 23.38 -3.85
CA ASN H 17 10.92 23.81 -3.69
C ASN H 17 10.79 25.20 -3.09
N GLY H 18 10.19 26.13 -3.84
CA GLY H 18 10.01 27.49 -3.36
C GLY H 18 11.23 28.36 -3.61
N LYS H 19 12.12 27.86 -4.47
CA LYS H 19 13.32 28.59 -4.86
C LYS H 19 13.33 28.86 -6.35
N SER H 20 13.54 30.11 -6.74
CA SER H 20 13.55 30.50 -8.13
C SER H 20 14.57 29.66 -8.90
N ASN H 21 14.38 29.53 -10.21
CA ASN H 21 15.35 28.80 -11.02
C ASN H 21 15.14 29.04 -12.52
N PHE H 22 15.66 28.13 -13.32
CA PHE H 22 15.55 28.20 -14.77
C PHE H 22 15.35 26.81 -15.35
N LEU H 23 14.21 26.56 -15.99
CA LEU H 23 14.02 25.30 -16.69
C LEU H 23 14.76 25.35 -18.03
N ASN H 24 15.46 24.28 -18.39
CA ASN H 24 16.28 24.25 -19.59
C ASN H 24 15.93 23.07 -20.49
N CYS H 25 15.68 23.34 -21.78
CA CYS H 25 15.52 22.30 -22.78
C CYS H 25 16.55 22.47 -23.90
N TYR H 26 17.40 21.47 -24.06
CA TYR H 26 18.54 21.54 -24.97
C TYR H 26 18.38 20.68 -26.21
N VAL H 27 18.47 21.32 -27.37
CA VAL H 27 18.49 20.57 -28.62
C VAL H 27 19.93 20.56 -29.15
N SER H 28 20.42 19.36 -29.43
CA SER H 28 21.78 19.13 -29.90
C SER H 28 21.84 17.81 -30.65
N GLY H 29 22.78 17.67 -31.59
CA GLY H 29 22.87 16.43 -32.36
C GLY H 29 21.88 16.40 -33.51
N PHE H 30 21.65 17.56 -34.14
CA PHE H 30 20.72 17.67 -35.26
C PHE H 30 21.13 18.66 -36.36
N HIS H 31 20.37 18.62 -37.44
CA HIS H 31 20.54 19.41 -38.66
C HIS H 31 19.47 18.74 -39.52
N PRO H 32 18.68 19.50 -40.28
CA PRO H 32 18.58 20.93 -40.52
C PRO H 32 18.08 21.69 -39.30
N SER H 33 18.12 23.01 -39.41
CA SER H 33 17.75 23.88 -38.32
C SER H 33 16.29 24.02 -38.07
N ASP H 34 15.47 23.92 -39.11
CA ASP H 34 14.04 24.06 -38.84
C ASP H 34 13.61 23.17 -37.68
N ILE H 35 13.52 23.76 -36.48
CA ILE H 35 13.07 22.99 -35.33
C ILE H 35 12.08 23.79 -34.49
N GLU H 36 11.21 23.09 -33.77
CA GLU H 36 10.23 23.66 -32.85
C GLU H 36 10.29 22.99 -31.49
N VAL H 37 10.44 23.78 -30.43
CA VAL H 37 10.57 23.26 -29.08
C VAL H 37 9.72 24.06 -28.09
N ASP H 38 8.81 23.37 -27.40
CA ASP H 38 7.93 23.98 -26.41
C ASP H 38 8.21 23.50 -24.99
N LEU H 39 8.09 24.40 -24.03
CA LEU H 39 8.15 24.07 -22.61
C LEU H 39 6.74 23.79 -22.09
N LEU H 40 6.58 22.93 -21.08
CA LEU H 40 5.21 22.68 -20.60
C LEU H 40 5.11 22.67 -19.09
N LYS H 41 4.06 23.30 -18.56
CA LYS H 41 3.77 23.23 -17.14
C LYS H 41 2.51 22.40 -16.89
N ASN H 42 2.70 21.14 -16.47
CA ASN H 42 1.54 20.29 -16.21
C ASN H 42 0.77 19.99 -17.49
N GLY H 43 1.50 19.98 -18.60
CA GLY H 43 0.96 19.69 -19.91
C GLY H 43 0.64 20.92 -20.73
N GLU H 44 0.84 22.11 -20.16
CA GLU H 44 0.49 23.34 -20.86
C GLU H 44 1.70 24.19 -21.22
N ARG H 45 1.77 24.52 -22.51
CA ARG H 45 2.86 25.28 -23.10
C ARG H 45 3.01 26.66 -22.46
N ILE H 46 4.25 27.09 -22.33
CA ILE H 46 4.59 28.36 -21.69
C ILE H 46 4.68 29.48 -22.72
N GLU H 47 3.92 30.55 -22.52
CA GLU H 47 3.91 31.66 -23.47
C GLU H 47 5.30 32.24 -23.67
N LYS H 48 5.94 32.62 -22.56
CA LYS H 48 7.22 33.31 -22.58
C LYS H 48 8.40 32.35 -22.51
N VAL H 49 9.08 32.18 -23.64
CA VAL H 49 10.20 31.24 -23.67
C VAL H 49 11.21 31.62 -24.74
N GLU H 50 12.47 31.77 -24.32
CA GLU H 50 13.53 32.19 -25.23
C GLU H 50 14.38 31.02 -25.72
N HIS H 51 15.58 31.37 -26.16
CA HIS H 51 16.54 30.40 -26.66
C HIS H 51 17.87 31.09 -26.97
N SER H 52 18.75 30.40 -27.68
CA SER H 52 20.03 31.01 -28.07
C SER H 52 20.15 31.06 -29.60
N ASP H 53 21.06 31.92 -30.04
CA ASP H 53 21.36 32.18 -31.44
C ASP H 53 21.94 30.93 -32.11
N LEU H 54 21.29 30.49 -33.18
CA LEU H 54 21.59 29.29 -33.92
C LEU H 54 23.07 29.00 -34.06
N SER H 55 23.50 27.88 -33.47
CA SER H 55 24.89 27.44 -33.50
C SER H 55 24.99 25.97 -33.90
N PHE H 56 26.21 25.51 -34.17
CA PHE H 56 26.45 24.13 -34.56
C PHE H 56 27.80 23.62 -34.09
N SER H 57 28.03 22.32 -34.25
CA SER H 57 29.25 21.68 -33.77
C SER H 57 30.17 21.23 -34.90
N LYS H 58 31.29 20.64 -34.52
CA LYS H 58 32.32 20.19 -35.46
C LYS H 58 31.74 19.24 -36.50
N ASP H 59 30.78 18.44 -36.09
CA ASP H 59 30.12 17.51 -37.01
C ASP H 59 29.07 18.25 -37.83
N TRP H 60 28.96 19.56 -37.62
CA TRP H 60 28.07 20.45 -38.34
C TRP H 60 26.62 20.33 -37.87
N SER H 61 26.39 19.67 -36.75
CA SER H 61 25.07 19.57 -36.14
C SER H 61 24.79 20.80 -35.28
N PHE H 62 23.58 21.35 -35.35
CA PHE H 62 23.25 22.55 -34.59
C PHE H 62 22.81 22.22 -33.16
N TYR H 63 22.78 23.26 -32.33
CA TYR H 63 22.31 23.09 -30.96
C TYR H 63 21.65 24.37 -30.47
N LEU H 64 20.58 24.22 -29.70
CA LEU H 64 19.86 25.38 -29.17
C LEU H 64 19.48 25.17 -27.71
N LEU H 65 19.64 26.24 -26.93
CA LEU H 65 19.26 26.21 -25.52
C LEU H 65 17.96 26.99 -25.33
N TYR H 66 16.89 26.22 -25.12
CA TYR H 66 15.56 26.75 -24.83
C TYR H 66 15.36 26.79 -23.32
N TYR H 67 14.94 27.94 -22.79
CA TYR H 67 14.82 28.07 -21.35
C TYR H 67 13.71 29.03 -20.94
N THR H 68 13.66 29.28 -19.64
CA THR H 68 12.69 30.17 -19.03
C THR H 68 12.96 30.29 -17.53
N GLU H 69 12.29 31.21 -16.86
CA GLU H 69 12.43 31.31 -15.40
C GLU H 69 11.30 30.52 -14.74
N PHE H 70 11.64 29.56 -13.89
CA PHE H 70 10.56 28.81 -13.22
C PHE H 70 10.88 28.64 -11.74
N THR H 71 9.98 28.02 -11.00
CA THR H 71 10.19 27.81 -9.56
C THR H 71 9.65 26.45 -9.15
N PRO H 72 10.55 25.53 -8.83
CA PRO H 72 10.19 24.16 -8.49
C PRO H 72 9.28 24.05 -7.27
N THR H 73 8.23 23.23 -7.41
CA THR H 73 7.34 22.90 -6.30
C THR H 73 7.06 21.40 -6.32
N GLU H 74 6.58 20.87 -5.21
CA GLU H 74 6.28 19.45 -5.08
C GLU H 74 5.07 19.07 -5.94
N LYS H 75 4.33 20.06 -6.41
CA LYS H 75 3.11 19.80 -7.16
C LYS H 75 3.31 19.87 -8.67
N ASP H 76 3.75 21.02 -9.16
CA ASP H 76 3.84 21.27 -10.60
C ASP H 76 4.87 20.37 -11.28
N GLU H 77 4.53 19.93 -12.49
CA GLU H 77 5.31 19.04 -13.33
C GLU H 77 5.61 19.66 -14.69
N TYR H 78 6.84 19.50 -15.17
CA TYR H 78 7.30 20.10 -16.42
C TYR H 78 7.81 19.08 -17.43
N ALA H 79 7.90 19.52 -18.68
CA ALA H 79 8.29 18.64 -19.77
C ALA H 79 8.75 19.40 -20.99
N CYS H 80 9.10 18.67 -22.05
CA CYS H 80 9.57 19.28 -23.28
C CYS H 80 9.14 18.49 -24.52
N ARG H 81 8.39 19.16 -25.38
CA ARG H 81 7.88 18.61 -26.64
C ARG H 81 8.75 19.09 -27.79
N VAL H 82 9.22 18.19 -28.65
CA VAL H 82 10.03 18.61 -29.79
C VAL H 82 9.58 17.93 -31.09
N ASN H 83 9.36 18.77 -32.09
CA ASN H 83 8.96 18.42 -33.43
C ASN H 83 10.07 18.78 -34.43
N HIS H 84 10.59 17.76 -35.09
CA HIS H 84 11.62 17.86 -36.11
C HIS H 84 11.29 16.90 -37.25
N VAL H 85 11.76 17.20 -38.46
CA VAL H 85 11.47 16.37 -39.62
C VAL H 85 11.78 14.90 -39.38
N THR H 86 12.76 14.61 -38.52
CA THR H 86 13.11 13.24 -38.19
C THR H 86 12.22 12.69 -37.07
N LEU H 87 10.99 13.16 -36.99
CA LEU H 87 10.06 12.66 -35.99
C LEU H 87 8.66 12.47 -36.57
N SER H 88 8.06 11.32 -36.29
CA SER H 88 6.71 11.03 -36.77
C SER H 88 5.67 11.75 -35.93
N GLN H 89 6.03 12.01 -34.67
CA GLN H 89 5.19 12.71 -33.71
C GLN H 89 6.01 13.60 -32.80
N PRO H 90 5.37 14.57 -32.16
CA PRO H 90 6.08 15.45 -31.22
C PRO H 90 6.73 14.64 -30.10
N LYS H 91 8.01 14.93 -29.84
CA LYS H 91 8.72 14.18 -28.82
C LYS H 91 8.67 14.90 -27.47
N ILE H 92 8.17 14.17 -26.48
CA ILE H 92 8.02 14.70 -25.14
C ILE H 92 8.85 13.93 -24.13
N VAL H 93 9.69 14.67 -23.40
CA VAL H 93 10.50 14.11 -22.32
C VAL H 93 10.12 14.77 -21.00
N LYS H 94 10.02 13.98 -19.93
CA LYS H 94 9.61 14.52 -18.63
C LYS H 94 10.81 15.11 -17.90
N TRP H 95 10.61 15.52 -16.65
CA TRP H 95 11.74 16.14 -15.93
C TRP H 95 11.97 15.51 -14.56
N ASP H 96 12.99 14.67 -14.47
CA ASP H 96 13.40 14.06 -13.20
C ASP H 96 14.16 15.10 -12.37
N ARG H 97 13.46 15.69 -11.41
CA ARG H 97 13.88 16.78 -10.56
C ARG H 97 15.38 16.92 -10.43
N ASP H 98 16.02 15.90 -9.85
CA ASP H 98 17.48 15.96 -9.70
C ASP H 98 18.16 15.68 -11.03
N MET H 99 17.69 14.64 -11.72
CA MET H 99 18.32 14.22 -12.97
C MET H 99 18.12 15.21 -14.12
#